data_2BFR
# 
_entry.id   2BFR 
# 
_audit_conform.dict_name       mmcif_pdbx.dic 
_audit_conform.dict_version    5.399 
_audit_conform.dict_location   http://mmcif.pdb.org/dictionaries/ascii/mmcif_pdbx.dic 
# 
loop_
_database_2.database_id 
_database_2.database_code 
_database_2.pdbx_database_accession 
_database_2.pdbx_DOI 
PDB   2BFR         pdb_00002bfr 10.2210/pdb2bfr/pdb 
PDBE  EBI-21917    ?            ?                   
WWPDB D_1290021917 ?            ?                   
# 
loop_
_pdbx_audit_revision_history.ordinal 
_pdbx_audit_revision_history.data_content_type 
_pdbx_audit_revision_history.major_revision 
_pdbx_audit_revision_history.minor_revision 
_pdbx_audit_revision_history.revision_date 
1 'Structure model' 1 0 2004-12-16 
2 'Structure model' 1 1 2011-05-08 
3 'Structure model' 1 2 2011-07-13 
4 'Structure model' 1 3 2019-04-10 
5 'Structure model' 1 4 2023-12-13 
6 'Structure model' 1 5 2024-11-20 
# 
_pdbx_audit_revision_details.ordinal             1 
_pdbx_audit_revision_details.revision_ordinal    1 
_pdbx_audit_revision_details.data_content_type   'Structure model' 
_pdbx_audit_revision_details.provider            repository 
_pdbx_audit_revision_details.type                'Initial release' 
_pdbx_audit_revision_details.description         ? 
_pdbx_audit_revision_details.details             ? 
# 
loop_
_pdbx_audit_revision_group.ordinal 
_pdbx_audit_revision_group.revision_ordinal 
_pdbx_audit_revision_group.data_content_type 
_pdbx_audit_revision_group.group 
1  2 'Structure model' 'Version format compliance' 
2  3 'Structure model' 'Version format compliance' 
3  4 'Structure model' 'Data collection'           
4  4 'Structure model' 'Derived calculations'      
5  4 'Structure model' Other                       
6  4 'Structure model' 'Source and taxonomy'       
7  5 'Structure model' 'Data collection'           
8  5 'Structure model' 'Database references'       
9  5 'Structure model' Other                       
10 5 'Structure model' 'Refinement description'    
11 6 'Structure model' 'Structure summary'         
# 
loop_
_pdbx_audit_revision_category.ordinal 
_pdbx_audit_revision_category.revision_ordinal 
_pdbx_audit_revision_category.data_content_type 
_pdbx_audit_revision_category.category 
1  4 'Structure model' database_PDB_rev              
2  4 'Structure model' database_PDB_rev_record       
3  4 'Structure model' entity_src_gen                
4  4 'Structure model' pdbx_database_proc            
5  4 'Structure model' pdbx_database_status          
6  4 'Structure model' struct_biol                   
7  4 'Structure model' struct_conn                   
8  5 'Structure model' chem_comp_atom                
9  5 'Structure model' chem_comp_bond                
10 5 'Structure model' database_2                    
11 5 'Structure model' pdbx_database_status          
12 5 'Structure model' pdbx_initial_refinement_model 
13 6 'Structure model' pdbx_entry_details            
14 6 'Structure model' pdbx_modification_feature     
# 
loop_
_pdbx_audit_revision_item.ordinal 
_pdbx_audit_revision_item.revision_ordinal 
_pdbx_audit_revision_item.data_content_type 
_pdbx_audit_revision_item.item 
1 4 'Structure model' '_entity_src_gen.pdbx_host_org_cell_line'     
2 4 'Structure model' '_entity_src_gen.pdbx_host_org_variant'       
3 4 'Structure model' '_pdbx_database_status.recvd_author_approval' 
4 4 'Structure model' '_struct_conn.pdbx_leaving_atom_flag'         
5 5 'Structure model' '_database_2.pdbx_DOI'                        
6 5 'Structure model' '_database_2.pdbx_database_accession'         
7 5 'Structure model' '_pdbx_database_status.status_code_sf'        
# 
_pdbx_database_status.status_code                     REL 
_pdbx_database_status.entry_id                        2BFR 
_pdbx_database_status.deposit_site                    PDBE 
_pdbx_database_status.process_site                    PDBE 
_pdbx_database_status.SG_entry                        . 
_pdbx_database_status.recvd_initial_deposition_date   2004-12-10 
_pdbx_database_status.pdb_format_compatible           Y 
_pdbx_database_status.status_code_sf                  REL 
_pdbx_database_status.status_code_mr                  ? 
_pdbx_database_status.status_code_cs                  ? 
_pdbx_database_status.methods_development_category    ? 
_pdbx_database_status.status_code_nmr_data            ? 
# 
loop_
_pdbx_database_related.db_name 
_pdbx_database_related.db_id 
_pdbx_database_related.content_type 
_pdbx_database_related.details 
PDB 1HJZ unspecified 'CRYSTAL STRUCTURE OF AF1521 PROTEIN CONTAINING A MACROH2A DOMAIN' 
PDB 1VHU unspecified 'CRYSTAL STRUCTURE OF A PUTATIVE PHOSPHOESTERASE'                  
PDB 2BFQ unspecified 'CRYSTAL STRUCTURE OF A MACROH2A DOMAIN'                           
# 
loop_
_audit_author.name 
_audit_author.pdbx_ordinal 
'Karras, G.I.'   1 
'Buhecha, H.R.'  2 
'Allen, M.D.'    3 
'Pugieux, C.'    4 
'Sait, F.'       5 
'Bycroft, M.'    6 
'Ladurner, A.G.' 7 
# 
_citation.id                        primary 
_citation.title                     'The Macro Domain is an Adp-Ribose Binding Module.' 
_citation.journal_abbrev            'Embo J.' 
_citation.journal_volume            24 
_citation.page_first                1911 
_citation.page_last                 ? 
_citation.year                      2005 
_citation.journal_id_ASTM           EMJODG 
_citation.country                   UK 
_citation.journal_id_ISSN           0261-4189 
_citation.journal_id_CSD            0897 
_citation.book_publisher            ? 
_citation.pdbx_database_id_PubMed   15902274 
_citation.pdbx_database_id_DOI      10.1038/SJ.EMBOJ.7600664 
# 
loop_
_citation_author.citation_id 
_citation_author.name 
_citation_author.ordinal 
_citation_author.identifier_ORCID 
primary 'Karras, G.I.'    1 ? 
primary 'Kustatscher, G.' 2 ? 
primary 'Buhecha, H.R.'   3 ? 
primary 'Allen, M.D.'     4 ? 
primary 'Pugieux, C.'     5 ? 
primary 'Sait, F.'        6 ? 
primary 'Bycroft, M.'     7 ? 
primary 'Ladurner, A.G.'  8 ? 
# 
loop_
_entity.id 
_entity.type 
_entity.src_method 
_entity.pdbx_description 
_entity.formula_weight 
_entity.pdbx_number_of_molecules 
_entity.pdbx_ec 
_entity.pdbx_mutation 
_entity.pdbx_fragment 
_entity.details 
1 polymer     man 'HYPOTHETICAL PROTEIN AF1521' 21011.246 1  ? ? ? ? 
2 non-polymer syn "ADENOSINE-5'-DIPHOSPHATE"    427.201   1  ? ? ? ? 
3 non-polymer syn 'MAGNESIUM ION'               24.305    1  ? ? ? ? 
4 water       nat water                         18.015    40 ? ? ? ? 
# 
_entity_poly.entity_id                      1 
_entity_poly.type                           'polypeptide(L)' 
_entity_poly.nstd_linkage                   no 
_entity_poly.nstd_monomer                   yes 
_entity_poly.pdbx_seq_one_letter_code       
;(FME)EVLFEAKVGDITLKLAQGDITQYPAKAIVNAANKRLEHGGGVAYAIAKACAGDAGLYTEISKKAMREQFGRDYID
HGEVVVTPAMNLEERGIKYVFHTVGPICSGMWSEELKEKLYKAFLGPLEKAEEMGVESIAFPAVSAGIYGCDLEKVVETF
LEAVKNFKGSAVKEVALVIYDRKSAEVALKVFERSL
;
_entity_poly.pdbx_seq_one_letter_code_can   
;MEVLFEAKVGDITLKLAQGDITQYPAKAIVNAANKRLEHGGGVAYAIAKACAGDAGLYTEISKKAMREQFGRDYIDHGEV
VVTPAMNLEERGIKYVFHTVGPICSGMWSEELKEKLYKAFLGPLEKAEEMGVESIAFPAVSAGIYGCDLEKVVETFLEAV
KNFKGSAVKEVALVIYDRKSAEVALKVFERSL
;
_entity_poly.pdbx_strand_id                 A 
_entity_poly.pdbx_target_identifier         ? 
# 
loop_
_pdbx_entity_nonpoly.entity_id 
_pdbx_entity_nonpoly.name 
_pdbx_entity_nonpoly.comp_id 
2 "ADENOSINE-5'-DIPHOSPHATE" ADP 
3 'MAGNESIUM ION'            MG  
4 water                      HOH 
# 
loop_
_entity_poly_seq.entity_id 
_entity_poly_seq.num 
_entity_poly_seq.mon_id 
_entity_poly_seq.hetero 
1 1   FME n 
1 2   GLU n 
1 3   VAL n 
1 4   LEU n 
1 5   PHE n 
1 6   GLU n 
1 7   ALA n 
1 8   LYS n 
1 9   VAL n 
1 10  GLY n 
1 11  ASP n 
1 12  ILE n 
1 13  THR n 
1 14  LEU n 
1 15  LYS n 
1 16  LEU n 
1 17  ALA n 
1 18  GLN n 
1 19  GLY n 
1 20  ASP n 
1 21  ILE n 
1 22  THR n 
1 23  GLN n 
1 24  TYR n 
1 25  PRO n 
1 26  ALA n 
1 27  LYS n 
1 28  ALA n 
1 29  ILE n 
1 30  VAL n 
1 31  ASN n 
1 32  ALA n 
1 33  ALA n 
1 34  ASN n 
1 35  LYS n 
1 36  ARG n 
1 37  LEU n 
1 38  GLU n 
1 39  HIS n 
1 40  GLY n 
1 41  GLY n 
1 42  GLY n 
1 43  VAL n 
1 44  ALA n 
1 45  TYR n 
1 46  ALA n 
1 47  ILE n 
1 48  ALA n 
1 49  LYS n 
1 50  ALA n 
1 51  CYS n 
1 52  ALA n 
1 53  GLY n 
1 54  ASP n 
1 55  ALA n 
1 56  GLY n 
1 57  LEU n 
1 58  TYR n 
1 59  THR n 
1 60  GLU n 
1 61  ILE n 
1 62  SER n 
1 63  LYS n 
1 64  LYS n 
1 65  ALA n 
1 66  MET n 
1 67  ARG n 
1 68  GLU n 
1 69  GLN n 
1 70  PHE n 
1 71  GLY n 
1 72  ARG n 
1 73  ASP n 
1 74  TYR n 
1 75  ILE n 
1 76  ASP n 
1 77  HIS n 
1 78  GLY n 
1 79  GLU n 
1 80  VAL n 
1 81  VAL n 
1 82  VAL n 
1 83  THR n 
1 84  PRO n 
1 85  ALA n 
1 86  MET n 
1 87  ASN n 
1 88  LEU n 
1 89  GLU n 
1 90  GLU n 
1 91  ARG n 
1 92  GLY n 
1 93  ILE n 
1 94  LYS n 
1 95  TYR n 
1 96  VAL n 
1 97  PHE n 
1 98  HIS n 
1 99  THR n 
1 100 VAL n 
1 101 GLY n 
1 102 PRO n 
1 103 ILE n 
1 104 CYS n 
1 105 SER n 
1 106 GLY n 
1 107 MET n 
1 108 TRP n 
1 109 SER n 
1 110 GLU n 
1 111 GLU n 
1 112 LEU n 
1 113 LYS n 
1 114 GLU n 
1 115 LYS n 
1 116 LEU n 
1 117 TYR n 
1 118 LYS n 
1 119 ALA n 
1 120 PHE n 
1 121 LEU n 
1 122 GLY n 
1 123 PRO n 
1 124 LEU n 
1 125 GLU n 
1 126 LYS n 
1 127 ALA n 
1 128 GLU n 
1 129 GLU n 
1 130 MET n 
1 131 GLY n 
1 132 VAL n 
1 133 GLU n 
1 134 SER n 
1 135 ILE n 
1 136 ALA n 
1 137 PHE n 
1 138 PRO n 
1 139 ALA n 
1 140 VAL n 
1 141 SER n 
1 142 ALA n 
1 143 GLY n 
1 144 ILE n 
1 145 TYR n 
1 146 GLY n 
1 147 CYS n 
1 148 ASP n 
1 149 LEU n 
1 150 GLU n 
1 151 LYS n 
1 152 VAL n 
1 153 VAL n 
1 154 GLU n 
1 155 THR n 
1 156 PHE n 
1 157 LEU n 
1 158 GLU n 
1 159 ALA n 
1 160 VAL n 
1 161 LYS n 
1 162 ASN n 
1 163 PHE n 
1 164 LYS n 
1 165 GLY n 
1 166 SER n 
1 167 ALA n 
1 168 VAL n 
1 169 LYS n 
1 170 GLU n 
1 171 VAL n 
1 172 ALA n 
1 173 LEU n 
1 174 VAL n 
1 175 ILE n 
1 176 TYR n 
1 177 ASP n 
1 178 ARG n 
1 179 LYS n 
1 180 SER n 
1 181 ALA n 
1 182 GLU n 
1 183 VAL n 
1 184 ALA n 
1 185 LEU n 
1 186 LYS n 
1 187 VAL n 
1 188 PHE n 
1 189 GLU n 
1 190 ARG n 
1 191 SER n 
1 192 LEU n 
# 
_entity_src_gen.entity_id                          1 
_entity_src_gen.pdbx_src_id                        1 
_entity_src_gen.pdbx_alt_source_flag               sample 
_entity_src_gen.pdbx_seq_type                      ? 
_entity_src_gen.pdbx_beg_seq_num                   ? 
_entity_src_gen.pdbx_end_seq_num                   ? 
_entity_src_gen.gene_src_common_name               ? 
_entity_src_gen.gene_src_genus                     ? 
_entity_src_gen.pdbx_gene_src_gene                 ? 
_entity_src_gen.gene_src_species                   ? 
_entity_src_gen.gene_src_strain                    ? 
_entity_src_gen.gene_src_tissue                    ? 
_entity_src_gen.gene_src_tissue_fraction           ? 
_entity_src_gen.gene_src_details                   ? 
_entity_src_gen.pdbx_gene_src_fragment             ? 
_entity_src_gen.pdbx_gene_src_scientific_name      'ARCHAEOGLOBUS FULGIDUS' 
_entity_src_gen.pdbx_gene_src_ncbi_taxonomy_id     2234 
_entity_src_gen.pdbx_gene_src_variant              ? 
_entity_src_gen.pdbx_gene_src_cell_line            ? 
_entity_src_gen.pdbx_gene_src_atcc                 ? 
_entity_src_gen.pdbx_gene_src_organ                ? 
_entity_src_gen.pdbx_gene_src_organelle            ? 
_entity_src_gen.pdbx_gene_src_cell                 ? 
_entity_src_gen.pdbx_gene_src_cellular_location    ? 
_entity_src_gen.host_org_common_name               ? 
_entity_src_gen.pdbx_host_org_scientific_name      'ESCHERICHIA COLI' 
_entity_src_gen.pdbx_host_org_ncbi_taxonomy_id     562 
_entity_src_gen.host_org_genus                     ? 
_entity_src_gen.pdbx_host_org_gene                 ? 
_entity_src_gen.pdbx_host_org_organ                ? 
_entity_src_gen.host_org_species                   ? 
_entity_src_gen.pdbx_host_org_tissue               ? 
_entity_src_gen.pdbx_host_org_tissue_fraction      ? 
_entity_src_gen.pdbx_host_org_strain               ? 
_entity_src_gen.pdbx_host_org_variant              C41 
_entity_src_gen.pdbx_host_org_cell_line            ? 
_entity_src_gen.pdbx_host_org_atcc                 ? 
_entity_src_gen.pdbx_host_org_culture_collection   ? 
_entity_src_gen.pdbx_host_org_cell                 ? 
_entity_src_gen.pdbx_host_org_organelle            ? 
_entity_src_gen.pdbx_host_org_cellular_location    ? 
_entity_src_gen.pdbx_host_org_vector_type          ? 
_entity_src_gen.pdbx_host_org_vector               ? 
_entity_src_gen.host_org_details                   ? 
_entity_src_gen.expression_system_id               ? 
_entity_src_gen.plasmid_name                       PBE 
_entity_src_gen.plasmid_details                    ? 
_entity_src_gen.pdbx_description                   ? 
# 
loop_
_chem_comp.id 
_chem_comp.type 
_chem_comp.mon_nstd_flag 
_chem_comp.name 
_chem_comp.pdbx_synonyms 
_chem_comp.formula 
_chem_comp.formula_weight 
ADP non-polymer         n "ADENOSINE-5'-DIPHOSPHATE" ? 'C10 H15 N5 O10 P2' 427.201 
ALA 'L-peptide linking' y ALANINE                    ? 'C3 H7 N O2'        89.093  
ARG 'L-peptide linking' y ARGININE                   ? 'C6 H15 N4 O2 1'    175.209 
ASN 'L-peptide linking' y ASPARAGINE                 ? 'C4 H8 N2 O3'       132.118 
ASP 'L-peptide linking' y 'ASPARTIC ACID'            ? 'C4 H7 N O4'        133.103 
CYS 'L-peptide linking' y CYSTEINE                   ? 'C3 H7 N O2 S'      121.158 
FME 'L-peptide linking' n N-FORMYLMETHIONINE         ? 'C6 H11 N O3 S'     177.221 
GLN 'L-peptide linking' y GLUTAMINE                  ? 'C5 H10 N2 O3'      146.144 
GLU 'L-peptide linking' y 'GLUTAMIC ACID'            ? 'C5 H9 N O4'        147.129 
GLY 'peptide linking'   y GLYCINE                    ? 'C2 H5 N O2'        75.067  
HIS 'L-peptide linking' y HISTIDINE                  ? 'C6 H10 N3 O2 1'    156.162 
HOH non-polymer         . WATER                      ? 'H2 O'              18.015  
ILE 'L-peptide linking' y ISOLEUCINE                 ? 'C6 H13 N O2'       131.173 
LEU 'L-peptide linking' y LEUCINE                    ? 'C6 H13 N O2'       131.173 
LYS 'L-peptide linking' y LYSINE                     ? 'C6 H15 N2 O2 1'    147.195 
MET 'L-peptide linking' y METHIONINE                 ? 'C5 H11 N O2 S'     149.211 
MG  non-polymer         . 'MAGNESIUM ION'            ? 'Mg 2'              24.305  
PHE 'L-peptide linking' y PHENYLALANINE              ? 'C9 H11 N O2'       165.189 
PRO 'L-peptide linking' y PROLINE                    ? 'C5 H9 N O2'        115.130 
SER 'L-peptide linking' y SERINE                     ? 'C3 H7 N O3'        105.093 
THR 'L-peptide linking' y THREONINE                  ? 'C4 H9 N O3'        119.119 
TRP 'L-peptide linking' y TRYPTOPHAN                 ? 'C11 H12 N2 O2'     204.225 
TYR 'L-peptide linking' y TYROSINE                   ? 'C9 H11 N O3'       181.189 
VAL 'L-peptide linking' y VALINE                     ? 'C5 H11 N O2'       117.146 
# 
loop_
_pdbx_poly_seq_scheme.asym_id 
_pdbx_poly_seq_scheme.entity_id 
_pdbx_poly_seq_scheme.seq_id 
_pdbx_poly_seq_scheme.mon_id 
_pdbx_poly_seq_scheme.ndb_seq_num 
_pdbx_poly_seq_scheme.pdb_seq_num 
_pdbx_poly_seq_scheme.auth_seq_num 
_pdbx_poly_seq_scheme.pdb_mon_id 
_pdbx_poly_seq_scheme.auth_mon_id 
_pdbx_poly_seq_scheme.pdb_strand_id 
_pdbx_poly_seq_scheme.pdb_ins_code 
_pdbx_poly_seq_scheme.hetero 
A 1 1   FME 1   1   1   FME FME A . n 
A 1 2   GLU 2   2   2   GLU GLU A . n 
A 1 3   VAL 3   3   3   VAL VAL A . n 
A 1 4   LEU 4   4   4   LEU LEU A . n 
A 1 5   PHE 5   5   5   PHE PHE A . n 
A 1 6   GLU 6   6   6   GLU GLU A . n 
A 1 7   ALA 7   7   7   ALA ALA A . n 
A 1 8   LYS 8   8   8   LYS LYS A . n 
A 1 9   VAL 9   9   9   VAL VAL A . n 
A 1 10  GLY 10  10  10  GLY GLY A . n 
A 1 11  ASP 11  11  11  ASP ASP A . n 
A 1 12  ILE 12  12  12  ILE ILE A . n 
A 1 13  THR 13  13  13  THR THR A . n 
A 1 14  LEU 14  14  14  LEU LEU A . n 
A 1 15  LYS 15  15  15  LYS LYS A . n 
A 1 16  LEU 16  16  16  LEU LEU A . n 
A 1 17  ALA 17  17  17  ALA ALA A . n 
A 1 18  GLN 18  18  18  GLN GLN A . n 
A 1 19  GLY 19  19  19  GLY GLY A . n 
A 1 20  ASP 20  20  20  ASP ASP A . n 
A 1 21  ILE 21  21  21  ILE ILE A . n 
A 1 22  THR 22  22  22  THR THR A . n 
A 1 23  GLN 23  23  23  GLN GLN A . n 
A 1 24  TYR 24  24  24  TYR TYR A . n 
A 1 25  PRO 25  25  25  PRO PRO A . n 
A 1 26  ALA 26  26  26  ALA ALA A . n 
A 1 27  LYS 27  27  27  LYS LYS A . n 
A 1 28  ALA 28  28  28  ALA ALA A . n 
A 1 29  ILE 29  29  29  ILE ILE A . n 
A 1 30  VAL 30  30  30  VAL VAL A . n 
A 1 31  ASN 31  31  31  ASN ASN A . n 
A 1 32  ALA 32  32  32  ALA ALA A . n 
A 1 33  ALA 33  33  33  ALA ALA A . n 
A 1 34  ASN 34  34  34  ASN ASN A . n 
A 1 35  LYS 35  35  35  LYS LYS A . n 
A 1 36  ARG 36  36  36  ARG ARG A . n 
A 1 37  LEU 37  37  37  LEU LEU A . n 
A 1 38  GLU 38  38  38  GLU GLU A . n 
A 1 39  HIS 39  39  39  HIS HIS A . n 
A 1 40  GLY 40  40  40  GLY GLY A . n 
A 1 41  GLY 41  41  41  GLY GLY A . n 
A 1 42  GLY 42  42  42  GLY GLY A . n 
A 1 43  VAL 43  43  43  VAL VAL A . n 
A 1 44  ALA 44  44  44  ALA ALA A . n 
A 1 45  TYR 45  45  45  TYR TYR A . n 
A 1 46  ALA 46  46  46  ALA ALA A . n 
A 1 47  ILE 47  47  47  ILE ILE A . n 
A 1 48  ALA 48  48  48  ALA ALA A . n 
A 1 49  LYS 49  49  49  LYS LYS A . n 
A 1 50  ALA 50  50  50  ALA ALA A . n 
A 1 51  CYS 51  51  51  CYS CYS A . n 
A 1 52  ALA 52  52  52  ALA ALA A . n 
A 1 53  GLY 53  53  53  GLY GLY A . n 
A 1 54  ASP 54  54  54  ASP ASP A . n 
A 1 55  ALA 55  55  55  ALA ALA A . n 
A 1 56  GLY 56  56  56  GLY GLY A . n 
A 1 57  LEU 57  57  57  LEU LEU A . n 
A 1 58  TYR 58  58  58  TYR TYR A . n 
A 1 59  THR 59  59  59  THR THR A . n 
A 1 60  GLU 60  60  60  GLU GLU A . n 
A 1 61  ILE 61  61  61  ILE ILE A . n 
A 1 62  SER 62  62  62  SER SER A . n 
A 1 63  LYS 63  63  63  LYS LYS A . n 
A 1 64  LYS 64  64  64  LYS LYS A . n 
A 1 65  ALA 65  65  65  ALA ALA A . n 
A 1 66  MET 66  66  66  MET MET A . n 
A 1 67  ARG 67  67  67  ARG ARG A . n 
A 1 68  GLU 68  68  68  GLU GLU A . n 
A 1 69  GLN 69  69  69  GLN GLN A . n 
A 1 70  PHE 70  70  70  PHE PHE A . n 
A 1 71  GLY 71  71  71  GLY GLY A . n 
A 1 72  ARG 72  72  72  ARG ARG A . n 
A 1 73  ASP 73  73  73  ASP ASP A . n 
A 1 74  TYR 74  74  74  TYR TYR A . n 
A 1 75  ILE 75  75  75  ILE ILE A . n 
A 1 76  ASP 76  76  76  ASP ASP A . n 
A 1 77  HIS 77  77  77  HIS HIS A . n 
A 1 78  GLY 78  78  78  GLY GLY A . n 
A 1 79  GLU 79  79  79  GLU GLU A . n 
A 1 80  VAL 80  80  80  VAL VAL A . n 
A 1 81  VAL 81  81  81  VAL VAL A . n 
A 1 82  VAL 82  82  82  VAL VAL A . n 
A 1 83  THR 83  83  83  THR THR A . n 
A 1 84  PRO 84  84  84  PRO PRO A . n 
A 1 85  ALA 85  85  85  ALA ALA A . n 
A 1 86  MET 86  86  86  MET MET A . n 
A 1 87  ASN 87  87  87  ASN ASN A . n 
A 1 88  LEU 88  88  88  LEU LEU A . n 
A 1 89  GLU 89  89  89  GLU GLU A . n 
A 1 90  GLU 90  90  90  GLU GLU A . n 
A 1 91  ARG 91  91  91  ARG ARG A . n 
A 1 92  GLY 92  92  92  GLY GLY A . n 
A 1 93  ILE 93  93  93  ILE ILE A . n 
A 1 94  LYS 94  94  94  LYS LYS A . n 
A 1 95  TYR 95  95  95  TYR TYR A . n 
A 1 96  VAL 96  96  96  VAL VAL A . n 
A 1 97  PHE 97  97  97  PHE PHE A . n 
A 1 98  HIS 98  98  98  HIS HIS A . n 
A 1 99  THR 99  99  99  THR THR A . n 
A 1 100 VAL 100 100 100 VAL VAL A . n 
A 1 101 GLY 101 101 101 GLY GLY A . n 
A 1 102 PRO 102 102 102 PRO PRO A . n 
A 1 103 ILE 103 103 103 ILE ILE A . n 
A 1 104 CYS 104 104 104 CYS CYS A . n 
A 1 105 SER 105 105 105 SER SER A . n 
A 1 106 GLY 106 106 106 GLY GLY A . n 
A 1 107 MET 107 107 107 MET MET A . n 
A 1 108 TRP 108 108 108 TRP TRP A . n 
A 1 109 SER 109 109 109 SER SER A . n 
A 1 110 GLU 110 110 110 GLU GLU A . n 
A 1 111 GLU 111 111 111 GLU GLU A . n 
A 1 112 LEU 112 112 112 LEU LEU A . n 
A 1 113 LYS 113 113 113 LYS LYS A . n 
A 1 114 GLU 114 114 114 GLU GLU A . n 
A 1 115 LYS 115 115 115 LYS LYS A . n 
A 1 116 LEU 116 116 116 LEU LEU A . n 
A 1 117 TYR 117 117 117 TYR TYR A . n 
A 1 118 LYS 118 118 118 LYS LYS A . n 
A 1 119 ALA 119 119 119 ALA ALA A . n 
A 1 120 PHE 120 120 120 PHE PHE A . n 
A 1 121 LEU 121 121 121 LEU LEU A . n 
A 1 122 GLY 122 122 122 GLY GLY A . n 
A 1 123 PRO 123 123 123 PRO PRO A . n 
A 1 124 LEU 124 124 124 LEU LEU A . n 
A 1 125 GLU 125 125 125 GLU GLU A . n 
A 1 126 LYS 126 126 126 LYS LYS A . n 
A 1 127 ALA 127 127 127 ALA ALA A . n 
A 1 128 GLU 128 128 128 GLU GLU A . n 
A 1 129 GLU 129 129 129 GLU GLU A . n 
A 1 130 MET 130 130 130 MET MET A . n 
A 1 131 GLY 131 131 131 GLY GLY A . n 
A 1 132 VAL 132 132 132 VAL VAL A . n 
A 1 133 GLU 133 133 133 GLU GLU A . n 
A 1 134 SER 134 134 134 SER SER A . n 
A 1 135 ILE 135 135 135 ILE ILE A . n 
A 1 136 ALA 136 136 136 ALA ALA A . n 
A 1 137 PHE 137 137 137 PHE PHE A . n 
A 1 138 PRO 138 138 138 PRO PRO A . n 
A 1 139 ALA 139 139 139 ALA ALA A . n 
A 1 140 VAL 140 140 140 VAL VAL A . n 
A 1 141 SER 141 141 141 SER SER A . n 
A 1 142 ALA 142 142 142 ALA ALA A . n 
A 1 143 GLY 143 143 143 GLY GLY A . n 
A 1 144 ILE 144 144 144 ILE ILE A . n 
A 1 145 TYR 145 145 145 TYR TYR A . n 
A 1 146 GLY 146 146 146 GLY GLY A . n 
A 1 147 CYS 147 147 147 CYS CYS A . n 
A 1 148 ASP 148 148 148 ASP ASP A . n 
A 1 149 LEU 149 149 149 LEU LEU A . n 
A 1 150 GLU 150 150 150 GLU GLU A . n 
A 1 151 LYS 151 151 151 LYS LYS A . n 
A 1 152 VAL 152 152 152 VAL VAL A . n 
A 1 153 VAL 153 153 153 VAL VAL A . n 
A 1 154 GLU 154 154 154 GLU GLU A . n 
A 1 155 THR 155 155 155 THR THR A . n 
A 1 156 PHE 156 156 156 PHE PHE A . n 
A 1 157 LEU 157 157 157 LEU LEU A . n 
A 1 158 GLU 158 158 158 GLU GLU A . n 
A 1 159 ALA 159 159 159 ALA ALA A . n 
A 1 160 VAL 160 160 160 VAL VAL A . n 
A 1 161 LYS 161 161 161 LYS LYS A . n 
A 1 162 ASN 162 162 162 ASN ASN A . n 
A 1 163 PHE 163 163 163 PHE PHE A . n 
A 1 164 LYS 164 164 164 LYS LYS A . n 
A 1 165 GLY 165 165 165 GLY GLY A . n 
A 1 166 SER 166 166 166 SER SER A . n 
A 1 167 ALA 167 167 167 ALA ALA A . n 
A 1 168 VAL 168 168 168 VAL VAL A . n 
A 1 169 LYS 169 169 169 LYS LYS A . n 
A 1 170 GLU 170 170 170 GLU GLU A . n 
A 1 171 VAL 171 171 171 VAL VAL A . n 
A 1 172 ALA 172 172 172 ALA ALA A . n 
A 1 173 LEU 173 173 173 LEU LEU A . n 
A 1 174 VAL 174 174 174 VAL VAL A . n 
A 1 175 ILE 175 175 175 ILE ILE A . n 
A 1 176 TYR 176 176 176 TYR TYR A . n 
A 1 177 ASP 177 177 177 ASP ASP A . n 
A 1 178 ARG 178 178 178 ARG ARG A . n 
A 1 179 LYS 179 179 179 LYS LYS A . n 
A 1 180 SER 180 180 180 SER SER A . n 
A 1 181 ALA 181 181 181 ALA ALA A . n 
A 1 182 GLU 182 182 182 GLU GLU A . n 
A 1 183 VAL 183 183 183 VAL VAL A . n 
A 1 184 ALA 184 184 184 ALA ALA A . n 
A 1 185 LEU 185 185 185 LEU LEU A . n 
A 1 186 LYS 186 186 186 LYS LYS A . n 
A 1 187 VAL 187 187 187 VAL VAL A . n 
A 1 188 PHE 188 188 188 PHE PHE A . n 
A 1 189 GLU 189 189 189 GLU GLU A . n 
A 1 190 ARG 190 190 190 ARG ARG A . n 
A 1 191 SER 191 191 191 SER SER A . n 
A 1 192 LEU 192 192 192 LEU LEU A . n 
# 
loop_
_pdbx_nonpoly_scheme.asym_id 
_pdbx_nonpoly_scheme.entity_id 
_pdbx_nonpoly_scheme.mon_id 
_pdbx_nonpoly_scheme.ndb_seq_num 
_pdbx_nonpoly_scheme.pdb_seq_num 
_pdbx_nonpoly_scheme.auth_seq_num 
_pdbx_nonpoly_scheme.pdb_mon_id 
_pdbx_nonpoly_scheme.auth_mon_id 
_pdbx_nonpoly_scheme.pdb_strand_id 
_pdbx_nonpoly_scheme.pdb_ins_code 
B 2 ADP 1  1193 1193 ADP ADP A . 
C 3 MG  1  1194 1194 MG  MG  A . 
D 4 HOH 1  2001 2001 HOH HOH A . 
D 4 HOH 2  2002 2002 HOH HOH A . 
D 4 HOH 3  2003 2003 HOH HOH A . 
D 4 HOH 4  2004 2004 HOH HOH A . 
D 4 HOH 5  2005 2005 HOH HOH A . 
D 4 HOH 6  2006 2006 HOH HOH A . 
D 4 HOH 7  2007 2007 HOH HOH A . 
D 4 HOH 8  2008 2008 HOH HOH A . 
D 4 HOH 9  2009 2009 HOH HOH A . 
D 4 HOH 10 2010 2010 HOH HOH A . 
D 4 HOH 11 2011 2011 HOH HOH A . 
D 4 HOH 12 2012 2012 HOH HOH A . 
D 4 HOH 13 2013 2013 HOH HOH A . 
D 4 HOH 14 2014 2014 HOH HOH A . 
D 4 HOH 15 2015 2015 HOH HOH A . 
D 4 HOH 16 2016 2016 HOH HOH A . 
D 4 HOH 17 2017 2017 HOH HOH A . 
D 4 HOH 18 2018 2018 HOH HOH A . 
D 4 HOH 19 2019 2019 HOH HOH A . 
D 4 HOH 20 2020 2020 HOH HOH A . 
D 4 HOH 21 2021 2021 HOH HOH A . 
D 4 HOH 22 2022 2022 HOH HOH A . 
D 4 HOH 23 2023 2023 HOH HOH A . 
D 4 HOH 24 2024 2024 HOH HOH A . 
D 4 HOH 25 2025 2025 HOH HOH A . 
D 4 HOH 26 2026 2026 HOH HOH A . 
D 4 HOH 27 2027 2027 HOH HOH A . 
D 4 HOH 28 2028 2028 HOH HOH A . 
D 4 HOH 29 2029 2029 HOH HOH A . 
D 4 HOH 30 2030 2030 HOH HOH A . 
D 4 HOH 31 2031 2031 HOH HOH A . 
D 4 HOH 32 2032 2032 HOH HOH A . 
D 4 HOH 33 2033 2033 HOH HOH A . 
D 4 HOH 34 2034 2034 HOH HOH A . 
D 4 HOH 35 2035 2035 HOH HOH A . 
D 4 HOH 36 2036 2036 HOH HOH A . 
D 4 HOH 37 2037 2037 HOH HOH A . 
D 4 HOH 38 2038 2038 HOH HOH A . 
D 4 HOH 39 2039 2039 HOH HOH A . 
D 4 HOH 40 2040 2040 HOH HOH A . 
# 
loop_
_software.name 
_software.classification 
_software.version 
_software.citation_id 
_software.pdbx_ordinal 
CNS    refinement       1.1 ? 1 
MOSFLM 'data reduction' .   ? 2 
SCALA  'data scaling'   .   ? 3 
MOLREP phasing          .   ? 4 
# 
_cell.entry_id           2BFR 
_cell.length_a           87.840 
_cell.length_b           87.840 
_cell.length_c           61.069 
_cell.angle_alpha        90.00 
_cell.angle_beta         90.00 
_cell.angle_gamma        120.00 
_cell.Z_PDB              6 
_cell.pdbx_unique_axis   ? 
# 
_symmetry.entry_id                         2BFR 
_symmetry.space_group_name_H-M             'P 61' 
_symmetry.pdbx_full_space_group_name_H-M   ? 
_symmetry.cell_setting                     ? 
_symmetry.Int_Tables_number                169 
# 
_exptl.entry_id          2BFR 
_exptl.method            'X-RAY DIFFRACTION' 
_exptl.crystals_number   1 
# 
_exptl_crystal.id                    1 
_exptl_crystal.density_meas          ? 
_exptl_crystal.density_Matthews      3.18 
_exptl_crystal.density_percent_sol   61 
_exptl_crystal.description           ? 
# 
_exptl_crystal_grow.crystal_id      1 
_exptl_crystal_grow.method          ? 
_exptl_crystal_grow.temp            ? 
_exptl_crystal_grow.temp_details    ? 
_exptl_crystal_grow.pH              4.50 
_exptl_crystal_grow.pdbx_pH_range   ? 
_exptl_crystal_grow.pdbx_details    
;20% PEG 8000, 0.2 MAGNESIUM ACETATE, 0.1M SODIUM CACODYLATE (PH 4.5). 18MG/ML PROTEIN, 1.5MM ADP, 5MM DTT. CRYOBUFFER CONTAINED 20% GLYCEROL.
;
# 
_diffrn.id                     1 
_diffrn.ambient_temp           100.0 
_diffrn.ambient_temp_details   ? 
_diffrn.crystal_id             1 
# 
_diffrn_detector.diffrn_id              1 
_diffrn_detector.detector               ? 
_diffrn_detector.type                   ? 
_diffrn_detector.pdbx_collection_date   2004-05-02 
_diffrn_detector.details                ? 
# 
_diffrn_radiation.diffrn_id                        1 
_diffrn_radiation.wavelength_id                    1 
_diffrn_radiation.pdbx_monochromatic_or_laue_m_l   M 
_diffrn_radiation.monochromator                    ? 
_diffrn_radiation.pdbx_diffrn_protocol             'SINGLE WAVELENGTH' 
_diffrn_radiation.pdbx_scattering_type             x-ray 
# 
_diffrn_radiation_wavelength.id           1 
_diffrn_radiation_wavelength.wavelength   0.93400 
_diffrn_radiation_wavelength.wt           1.0 
# 
_diffrn_source.diffrn_id                   1 
_diffrn_source.source                      SYNCHROTRON 
_diffrn_source.type                        'ESRF BEAMLINE ID29' 
_diffrn_source.pdbx_synchrotron_site       ESRF 
_diffrn_source.pdbx_synchrotron_beamline   ID29 
_diffrn_source.pdbx_wavelength             0.93400 
_diffrn_source.pdbx_wavelength_list        ? 
# 
_reflns.pdbx_diffrn_id               1 
_reflns.pdbx_ordinal                 1 
_reflns.entry_id                     2BFR 
_reflns.observed_criterion_sigma_I   2.000 
_reflns.observed_criterion_sigma_F   ? 
_reflns.d_resolution_low             28.750 
_reflns.d_resolution_high            2.500 
_reflns.number_obs                   9073 
_reflns.number_all                   ? 
_reflns.percent_possible_obs         96.1 
_reflns.pdbx_Rmerge_I_obs            0.06000 
_reflns.pdbx_Rsym_value              ? 
_reflns.pdbx_netI_over_sigmaI        12.2000 
_reflns.B_iso_Wilson_estimate        ? 
_reflns.pdbx_redundancy              2.400 
# 
_reflns_shell.pdbx_diffrn_id         1 
_reflns_shell.pdbx_ordinal           1 
_reflns_shell.d_res_high             2.50 
_reflns_shell.d_res_low              2.63 
_reflns_shell.percent_possible_all   97.1 
_reflns_shell.Rmerge_I_obs           0.24000 
_reflns_shell.pdbx_Rsym_value        ? 
_reflns_shell.meanI_over_sigI_obs    4.700 
_reflns_shell.pdbx_redundancy        2.30 
# 
_refine.pdbx_refine_id                           'X-RAY DIFFRACTION' 
_refine.entry_id                                 2BFR 
_refine.pdbx_diffrn_id                           1 
_refine.pdbx_TLS_residual_ADP_flag               ? 
_refine.ls_number_reflns_obs                     9011 
_refine.ls_number_reflns_all                     ? 
_refine.pdbx_ls_sigma_I                          ? 
_refine.pdbx_ls_sigma_F                          0.0 
_refine.pdbx_data_cutoff_high_absF               10000 
_refine.pdbx_data_cutoff_low_absF                ? 
_refine.pdbx_data_cutoff_high_rms_absF           ? 
_refine.ls_d_res_low                             25.0 
_refine.ls_d_res_high                            2.5 
_refine.ls_percent_reflns_obs                    96.1 
_refine.ls_R_factor_obs                          0.2020 
_refine.ls_R_factor_all                          ? 
_refine.ls_R_factor_R_work                       0.2020 
_refine.ls_R_factor_R_free                       0.2372 
_refine.ls_R_factor_R_free_error                 ? 
_refine.ls_R_factor_R_free_error_details         ? 
_refine.ls_percent_reflns_R_free                 5.2 
_refine.ls_number_reflns_R_free                  483 
_refine.ls_number_parameters                     ? 
_refine.ls_number_restraints                     ? 
_refine.occupancy_min                            ? 
_refine.occupancy_max                            ? 
_refine.correlation_coeff_Fo_to_Fc               ? 
_refine.correlation_coeff_Fo_to_Fc_free          ? 
_refine.B_iso_mean                               34.8 
_refine.aniso_B[1][1]                            -0.840 
_refine.aniso_B[2][2]                            -0.840 
_refine.aniso_B[3][3]                            1.680 
_refine.aniso_B[1][2]                            -11.211 
_refine.aniso_B[1][3]                            0.000 
_refine.aniso_B[2][3]                            0.000 
_refine.solvent_model_details                    ? 
_refine.solvent_model_param_ksol                 0.356954 
_refine.solvent_model_param_bsol                 38.5864 
_refine.pdbx_solvent_vdw_probe_radii             ? 
_refine.pdbx_solvent_ion_probe_radii             ? 
_refine.pdbx_solvent_shrinkage_radii             ? 
_refine.pdbx_ls_cross_valid_method               THROUGHOUT 
_refine.details                                  ? 
_refine.pdbx_starting_model                      'PDB ENTRY 1HJZ' 
_refine.pdbx_method_to_determine_struct          'MOLECULAR REPLACEMENT' 
_refine.pdbx_isotropic_thermal_model             ? 
_refine.pdbx_stereochemistry_target_values       ? 
_refine.pdbx_stereochem_target_val_spec_case     ? 
_refine.pdbx_R_Free_selection_details            RANDOM 
_refine.pdbx_overall_ESU_R                       ? 
_refine.pdbx_overall_ESU_R_Free                  ? 
_refine.overall_SU_ML                            ? 
_refine.pdbx_overall_phase_error                 ? 
_refine.overall_SU_B                             ? 
_refine.overall_SU_R_Cruickshank_DPI             ? 
_refine.pdbx_overall_SU_R_free_Cruickshank_DPI   ? 
_refine.pdbx_overall_SU_R_Blow_DPI               ? 
_refine.pdbx_overall_SU_R_free_Blow_DPI          ? 
# 
_refine_hist.pdbx_refine_id                   'X-RAY DIFFRACTION' 
_refine_hist.cycle_id                         LAST 
_refine_hist.pdbx_number_atoms_protein        1475 
_refine_hist.pdbx_number_atoms_nucleic_acid   0 
_refine_hist.pdbx_number_atoms_ligand         28 
_refine_hist.number_atoms_solvent             40 
_refine_hist.number_atoms_total               1543 
_refine_hist.d_res_high                       2.5 
_refine_hist.d_res_low                        25.0 
# 
loop_
_refine_ls_restr.type 
_refine_ls_restr.dev_ideal 
_refine_ls_restr.dev_ideal_target 
_refine_ls_restr.weight 
_refine_ls_restr.number 
_refine_ls_restr.pdbx_refine_id 
_refine_ls_restr.pdbx_restraint_function 
c_bond_d                0.012 ? ? ? 'X-RAY DIFFRACTION' ? 
c_bond_d_na             ?     ? ? ? 'X-RAY DIFFRACTION' ? 
c_bond_d_prot           ?     ? ? ? 'X-RAY DIFFRACTION' ? 
c_angle_d               ?     ? ? ? 'X-RAY DIFFRACTION' ? 
c_angle_d_na            ?     ? ? ? 'X-RAY DIFFRACTION' ? 
c_angle_d_prot          ?     ? ? ? 'X-RAY DIFFRACTION' ? 
c_angle_deg             0.6   ? ? ? 'X-RAY DIFFRACTION' ? 
c_angle_deg_na          ?     ? ? ? 'X-RAY DIFFRACTION' ? 
c_angle_deg_prot        ?     ? ? ? 'X-RAY DIFFRACTION' ? 
c_dihedral_angle_d      ?     ? ? ? 'X-RAY DIFFRACTION' ? 
c_dihedral_angle_d_na   ?     ? ? ? 'X-RAY DIFFRACTION' ? 
c_dihedral_angle_d_prot ?     ? ? ? 'X-RAY DIFFRACTION' ? 
c_improper_angle_d      ?     ? ? ? 'X-RAY DIFFRACTION' ? 
c_improper_angle_d_na   ?     ? ? ? 'X-RAY DIFFRACTION' ? 
c_improper_angle_d_prot ?     ? ? ? 'X-RAY DIFFRACTION' ? 
c_mcbond_it             ?     ? ? ? 'X-RAY DIFFRACTION' ? 
c_mcangle_it            ?     ? ? ? 'X-RAY DIFFRACTION' ? 
c_scbond_it             ?     ? ? ? 'X-RAY DIFFRACTION' ? 
c_scangle_it            ?     ? ? ? 'X-RAY DIFFRACTION' ? 
# 
loop_
_pdbx_xplor_file.pdbx_refine_id 
_pdbx_xplor_file.serial_no 
_pdbx_xplor_file.param_file 
_pdbx_xplor_file.topol_file 
'X-RAY DIFFRACTION' 1 ION.PARAM   ? 
'X-RAY DIFFRACTION' 2 WATER.PARAM ? 
# 
_struct.entry_id                  2BFR 
_struct.title                     'The Macro domain is an ADP-ribose binding module' 
_struct.pdbx_model_details        ? 
_struct.pdbx_CASP_flag            ? 
_struct.pdbx_model_type_details   ? 
# 
_struct_keywords.entry_id        2BFR 
_struct_keywords.pdbx_keywords   'MACRO_H2A DOMAIN/HYDROLASE' 
_struct_keywords.text            
'HISTONE MACROH2A, CRYSTAL STRUCTURE P-LOOP, NUCLEOTIDE, HYDROLASE, MACRO_H2A DOMAIN/HYDROLASE, MACRO_H2A DOMAIN-HYDROLASE complex' 
# 
loop_
_struct_asym.id 
_struct_asym.pdbx_blank_PDB_chainid_flag 
_struct_asym.pdbx_modified 
_struct_asym.entity_id 
_struct_asym.details 
A N N 1 ? 
B N N 2 ? 
C N N 3 ? 
D N N 4 ? 
# 
_struct_ref.id                         1 
_struct_ref.db_name                    UNP 
_struct_ref.db_code                    YF21_ARCFU 
_struct_ref.entity_id                  1 
_struct_ref.pdbx_seq_one_letter_code   ? 
_struct_ref.pdbx_align_begin           ? 
_struct_ref.pdbx_db_accession          O28751 
_struct_ref.pdbx_db_isoform            ? 
# 
_struct_ref_seq.align_id                      1 
_struct_ref_seq.ref_id                        1 
_struct_ref_seq.pdbx_PDB_id_code              2BFR 
_struct_ref_seq.pdbx_strand_id                A 
_struct_ref_seq.seq_align_beg                 1 
_struct_ref_seq.pdbx_seq_align_beg_ins_code   ? 
_struct_ref_seq.seq_align_end                 192 
_struct_ref_seq.pdbx_seq_align_end_ins_code   ? 
_struct_ref_seq.pdbx_db_accession             O28751 
_struct_ref_seq.db_align_beg                  1 
_struct_ref_seq.pdbx_db_align_beg_ins_code    ? 
_struct_ref_seq.db_align_end                  192 
_struct_ref_seq.pdbx_db_align_end_ins_code    ? 
_struct_ref_seq.pdbx_auth_seq_align_beg       1 
_struct_ref_seq.pdbx_auth_seq_align_end       192 
# 
_pdbx_struct_assembly.id                   1 
_pdbx_struct_assembly.details              author_and_software_defined_assembly 
_pdbx_struct_assembly.method_details       PQS 
_pdbx_struct_assembly.oligomeric_details   monomeric 
_pdbx_struct_assembly.oligomeric_count     1 
# 
_pdbx_struct_assembly_gen.assembly_id       1 
_pdbx_struct_assembly_gen.oper_expression   1 
_pdbx_struct_assembly_gen.asym_id_list      A,B,C,D 
# 
_pdbx_struct_oper_list.id                   1 
_pdbx_struct_oper_list.type                 'identity operation' 
_pdbx_struct_oper_list.name                 1_555 
_pdbx_struct_oper_list.symmetry_operation   x,y,z 
_pdbx_struct_oper_list.matrix[1][1]         1.0000000000 
_pdbx_struct_oper_list.matrix[1][2]         0.0000000000 
_pdbx_struct_oper_list.matrix[1][3]         0.0000000000 
_pdbx_struct_oper_list.vector[1]            0.0000000000 
_pdbx_struct_oper_list.matrix[2][1]         0.0000000000 
_pdbx_struct_oper_list.matrix[2][2]         1.0000000000 
_pdbx_struct_oper_list.matrix[2][3]         0.0000000000 
_pdbx_struct_oper_list.vector[2]            0.0000000000 
_pdbx_struct_oper_list.matrix[3][1]         0.0000000000 
_pdbx_struct_oper_list.matrix[3][2]         0.0000000000 
_pdbx_struct_oper_list.matrix[3][3]         1.0000000000 
_pdbx_struct_oper_list.vector[3]            0.0000000000 
# 
loop_
_struct_conf.conf_type_id 
_struct_conf.id 
_struct_conf.pdbx_PDB_helix_id 
_struct_conf.beg_label_comp_id 
_struct_conf.beg_label_asym_id 
_struct_conf.beg_label_seq_id 
_struct_conf.pdbx_beg_PDB_ins_code 
_struct_conf.end_label_comp_id 
_struct_conf.end_label_asym_id 
_struct_conf.end_label_seq_id 
_struct_conf.pdbx_end_PDB_ins_code 
_struct_conf.beg_auth_comp_id 
_struct_conf.beg_auth_asym_id 
_struct_conf.beg_auth_seq_id 
_struct_conf.end_auth_comp_id 
_struct_conf.end_auth_asym_id 
_struct_conf.end_auth_seq_id 
_struct_conf.pdbx_PDB_helix_class 
_struct_conf.details 
_struct_conf.pdbx_PDB_helix_length 
HELX_P HELX_P1 1 ASP A 20  ? TYR A 24  ? ASP A 20  TYR A 24  5 ? 5  
HELX_P HELX_P2 2 GLY A 41  ? GLY A 53  ? GLY A 41  GLY A 53  1 ? 13 
HELX_P HELX_P3 3 ASP A 54  ? GLY A 71  ? ASP A 54  GLY A 71  1 ? 18 
HELX_P HELX_P4 4 MET A 86  ? GLY A 92  ? MET A 86  GLY A 92  5 ? 7  
HELX_P HELX_P5 5 SER A 109 ? GLY A 131 ? SER A 109 GLY A 131 1 ? 23 
HELX_P HELX_P6 6 ASP A 148 ? PHE A 163 ? ASP A 148 PHE A 163 1 ? 16 
HELX_P HELX_P7 7 ASP A 177 ? LEU A 192 ? ASP A 177 LEU A 192 1 ? 16 
# 
_struct_conf_type.id          HELX_P 
_struct_conf_type.criteria    ? 
_struct_conf_type.reference   ? 
# 
loop_
_struct_conn.id 
_struct_conn.conn_type_id 
_struct_conn.pdbx_leaving_atom_flag 
_struct_conn.pdbx_PDB_id 
_struct_conn.ptnr1_label_asym_id 
_struct_conn.ptnr1_label_comp_id 
_struct_conn.ptnr1_label_seq_id 
_struct_conn.ptnr1_label_atom_id 
_struct_conn.pdbx_ptnr1_label_alt_id 
_struct_conn.pdbx_ptnr1_PDB_ins_code 
_struct_conn.pdbx_ptnr1_standard_comp_id 
_struct_conn.ptnr1_symmetry 
_struct_conn.ptnr2_label_asym_id 
_struct_conn.ptnr2_label_comp_id 
_struct_conn.ptnr2_label_seq_id 
_struct_conn.ptnr2_label_atom_id 
_struct_conn.pdbx_ptnr2_label_alt_id 
_struct_conn.pdbx_ptnr2_PDB_ins_code 
_struct_conn.ptnr1_auth_asym_id 
_struct_conn.ptnr1_auth_comp_id 
_struct_conn.ptnr1_auth_seq_id 
_struct_conn.ptnr2_auth_asym_id 
_struct_conn.ptnr2_auth_comp_id 
_struct_conn.ptnr2_auth_seq_id 
_struct_conn.ptnr2_symmetry 
_struct_conn.pdbx_ptnr3_label_atom_id 
_struct_conn.pdbx_ptnr3_label_seq_id 
_struct_conn.pdbx_ptnr3_label_comp_id 
_struct_conn.pdbx_ptnr3_label_asym_id 
_struct_conn.pdbx_ptnr3_label_alt_id 
_struct_conn.pdbx_ptnr3_PDB_ins_code 
_struct_conn.details 
_struct_conn.pdbx_dist_value 
_struct_conn.pdbx_value_order 
_struct_conn.pdbx_role 
disulf1 disulf ?    ? A CYS 104 SG ? ? ? 1_555 A CYS 147 SG ? ? A CYS 104 A CYS 147 1_555 ? ? ? ? ? ? ? 2.029 ? ? 
covale1 covale both ? A FME 1   C  ? ? ? 1_555 A GLU 2   N  ? ? A FME 1   A GLU 2   1_555 ? ? ? ? ? ? ? 1.328 ? ? 
# 
loop_
_struct_conn_type.id 
_struct_conn_type.criteria 
_struct_conn_type.reference 
disulf ? ? 
covale ? ? 
# 
loop_
_pdbx_modification_feature.ordinal 
_pdbx_modification_feature.label_comp_id 
_pdbx_modification_feature.label_asym_id 
_pdbx_modification_feature.label_seq_id 
_pdbx_modification_feature.label_alt_id 
_pdbx_modification_feature.modified_residue_label_comp_id 
_pdbx_modification_feature.modified_residue_label_asym_id 
_pdbx_modification_feature.modified_residue_label_seq_id 
_pdbx_modification_feature.modified_residue_label_alt_id 
_pdbx_modification_feature.auth_comp_id 
_pdbx_modification_feature.auth_asym_id 
_pdbx_modification_feature.auth_seq_id 
_pdbx_modification_feature.PDB_ins_code 
_pdbx_modification_feature.symmetry 
_pdbx_modification_feature.modified_residue_auth_comp_id 
_pdbx_modification_feature.modified_residue_auth_asym_id 
_pdbx_modification_feature.modified_residue_auth_seq_id 
_pdbx_modification_feature.modified_residue_PDB_ins_code 
_pdbx_modification_feature.modified_residue_symmetry 
_pdbx_modification_feature.comp_id_linking_atom 
_pdbx_modification_feature.modified_residue_id_linking_atom 
_pdbx_modification_feature.modified_residue_id 
_pdbx_modification_feature.ref_pcm_id 
_pdbx_modification_feature.ref_comp_id 
_pdbx_modification_feature.type 
_pdbx_modification_feature.category 
1 FME A 1   ? .   . .   . FME A 1   ? 1_555 .   . .   . .     .  .  MET 1 FME Formylation 'Named protein modification' 
2 CYS A 104 ? CYS A 147 ? CYS A 104 ? 1_555 CYS A 147 ? 1_555 SG SG .   . .   None        'Disulfide bridge'           
# 
_struct_sheet.id               AA 
_struct_sheet.type             ? 
_struct_sheet.number_strands   7 
_struct_sheet.details          ? 
# 
loop_
_struct_sheet_order.sheet_id 
_struct_sheet_order.range_id_1 
_struct_sheet_order.range_id_2 
_struct_sheet_order.offset 
_struct_sheet_order.sense 
AA 1 2 ? anti-parallel 
AA 2 3 ? parallel      
AA 3 4 ? parallel      
AA 4 5 ? parallel      
AA 5 6 ? parallel      
AA 6 7 ? anti-parallel 
# 
loop_
_struct_sheet_range.sheet_id 
_struct_sheet_range.id 
_struct_sheet_range.beg_label_comp_id 
_struct_sheet_range.beg_label_asym_id 
_struct_sheet_range.beg_label_seq_id 
_struct_sheet_range.pdbx_beg_PDB_ins_code 
_struct_sheet_range.end_label_comp_id 
_struct_sheet_range.end_label_asym_id 
_struct_sheet_range.end_label_seq_id 
_struct_sheet_range.pdbx_end_PDB_ins_code 
_struct_sheet_range.beg_auth_comp_id 
_struct_sheet_range.beg_auth_asym_id 
_struct_sheet_range.beg_auth_seq_id 
_struct_sheet_range.end_auth_comp_id 
_struct_sheet_range.end_auth_asym_id 
_struct_sheet_range.end_auth_seq_id 
AA 1 GLU A 2   ? VAL A 9   ? GLU A 2   VAL A 9   
AA 2 ILE A 12  ? GLN A 18  ? ILE A 12  GLN A 18  
AA 3 GLU A 170 ? ILE A 175 ? GLU A 170 ILE A 175 
AA 4 SER A 134 ? PHE A 137 ? SER A 134 PHE A 137 
AA 5 ALA A 28  ? ALA A 33  ? ALA A 28  ALA A 33  
AA 6 TYR A 95  ? VAL A 100 ? TYR A 95  VAL A 100 
AA 7 VAL A 81  ? PRO A 84  ? VAL A 81  PRO A 84  
# 
loop_
_pdbx_struct_sheet_hbond.sheet_id 
_pdbx_struct_sheet_hbond.range_id_1 
_pdbx_struct_sheet_hbond.range_id_2 
_pdbx_struct_sheet_hbond.range_1_label_atom_id 
_pdbx_struct_sheet_hbond.range_1_label_comp_id 
_pdbx_struct_sheet_hbond.range_1_label_asym_id 
_pdbx_struct_sheet_hbond.range_1_label_seq_id 
_pdbx_struct_sheet_hbond.range_1_PDB_ins_code 
_pdbx_struct_sheet_hbond.range_1_auth_atom_id 
_pdbx_struct_sheet_hbond.range_1_auth_comp_id 
_pdbx_struct_sheet_hbond.range_1_auth_asym_id 
_pdbx_struct_sheet_hbond.range_1_auth_seq_id 
_pdbx_struct_sheet_hbond.range_2_label_atom_id 
_pdbx_struct_sheet_hbond.range_2_label_comp_id 
_pdbx_struct_sheet_hbond.range_2_label_asym_id 
_pdbx_struct_sheet_hbond.range_2_label_seq_id 
_pdbx_struct_sheet_hbond.range_2_PDB_ins_code 
_pdbx_struct_sheet_hbond.range_2_auth_atom_id 
_pdbx_struct_sheet_hbond.range_2_auth_comp_id 
_pdbx_struct_sheet_hbond.range_2_auth_asym_id 
_pdbx_struct_sheet_hbond.range_2_auth_seq_id 
AA 1 2 N VAL A 9   ? N VAL A 9   O ILE A 12  ? O ILE A 12  
AA 2 3 N LYS A 15  ? N LYS A 15  O VAL A 171 ? O VAL A 171 
AA 3 4 N ALA A 172 ? N ALA A 172 O ILE A 135 ? O ILE A 135 
AA 4 5 N ALA A 136 ? N ALA A 136 O ALA A 28  ? O ALA A 28  
AA 5 6 N ILE A 29  ? N ILE A 29  O TYR A 95  ? O TYR A 95  
AA 6 7 N HIS A 98  ? N HIS A 98  O VAL A 81  ? O VAL A 81  
# 
loop_
_struct_site.id 
_struct_site.pdbx_evidence_code 
_struct_site.pdbx_auth_asym_id 
_struct_site.pdbx_auth_comp_id 
_struct_site.pdbx_auth_seq_id 
_struct_site.pdbx_auth_ins_code 
_struct_site.pdbx_num_residues 
_struct_site.details 
AC1 Software ? ? ? ? 1  'BINDING SITE FOR RESIDUE MG A1194'  
AC2 Software ? ? ? ? 13 'BINDING SITE FOR RESIDUE ADP A1193' 
# 
loop_
_struct_site_gen.id 
_struct_site_gen.site_id 
_struct_site_gen.pdbx_num_res 
_struct_site_gen.label_comp_id 
_struct_site_gen.label_asym_id 
_struct_site_gen.label_seq_id 
_struct_site_gen.pdbx_auth_ins_code 
_struct_site_gen.auth_comp_id 
_struct_site_gen.auth_asym_id 
_struct_site_gen.auth_seq_id 
_struct_site_gen.label_atom_id 
_struct_site_gen.label_alt_id 
_struct_site_gen.symmetry 
_struct_site_gen.details 
1  AC1 1  HIS A 77  ? HIS A 77   . ? 1_555 ? 
2  AC2 13 ASP A 20  ? ASP A 20   . ? 1_555 ? 
3  AC2 13 ILE A 21  ? ILE A 21   . ? 1_555 ? 
4  AC2 13 ALA A 32  ? ALA A 32   . ? 1_555 ? 
5  AC2 13 GLY A 42  ? GLY A 42   . ? 1_555 ? 
6  AC2 13 VAL A 43  ? VAL A 43   . ? 1_555 ? 
7  AC2 13 ALA A 46  ? ALA A 46   . ? 1_555 ? 
8  AC2 13 ALA A 139 ? ALA A 139  . ? 1_555 ? 
9  AC2 13 SER A 141 ? SER A 141  . ? 1_555 ? 
10 AC2 13 GLY A 143 ? GLY A 143  . ? 1_555 ? 
11 AC2 13 ILE A 144 ? ILE A 144  . ? 1_555 ? 
12 AC2 13 TYR A 145 ? TYR A 145  . ? 1_555 ? 
13 AC2 13 TYR A 176 ? TYR A 176  . ? 1_555 ? 
14 AC2 13 HOH D .   ? HOH A 2039 . ? 1_555 ? 
# 
_pdbx_entry_details.entry_id                   2BFR 
_pdbx_entry_details.compound_details           ? 
_pdbx_entry_details.source_details             ? 
_pdbx_entry_details.nonpolymer_details         ? 
_pdbx_entry_details.sequence_details           ? 
_pdbx_entry_details.has_ligand_of_interest     ? 
_pdbx_entry_details.has_protein_modification   Y 
# 
loop_
_pdbx_validate_torsion.id 
_pdbx_validate_torsion.PDB_model_num 
_pdbx_validate_torsion.auth_comp_id 
_pdbx_validate_torsion.auth_asym_id 
_pdbx_validate_torsion.auth_seq_id 
_pdbx_validate_torsion.PDB_ins_code 
_pdbx_validate_torsion.label_alt_id 
_pdbx_validate_torsion.phi 
_pdbx_validate_torsion.psi 
1 1 THR A 22 ? ? -66.02 1.60    
2 1 MET A 86 ? ? 43.81  -110.56 
# 
_pdbx_struct_mod_residue.id               1 
_pdbx_struct_mod_residue.label_asym_id    A 
_pdbx_struct_mod_residue.label_comp_id    FME 
_pdbx_struct_mod_residue.label_seq_id     1 
_pdbx_struct_mod_residue.auth_asym_id     A 
_pdbx_struct_mod_residue.auth_comp_id     FME 
_pdbx_struct_mod_residue.auth_seq_id      1 
_pdbx_struct_mod_residue.PDB_ins_code     ? 
_pdbx_struct_mod_residue.parent_comp_id   MET 
_pdbx_struct_mod_residue.details          N-FORMYLMETHIONINE 
# 
loop_
_chem_comp_atom.comp_id 
_chem_comp_atom.atom_id 
_chem_comp_atom.type_symbol 
_chem_comp_atom.pdbx_aromatic_flag 
_chem_comp_atom.pdbx_stereo_config 
_chem_comp_atom.pdbx_ordinal 
ADP PB     P  N N 1   
ADP O1B    O  N N 2   
ADP O2B    O  N N 3   
ADP O3B    O  N N 4   
ADP PA     P  N S 5   
ADP O1A    O  N N 6   
ADP O2A    O  N N 7   
ADP O3A    O  N N 8   
ADP "O5'"  O  N N 9   
ADP "C5'"  C  N N 10  
ADP "C4'"  C  N R 11  
ADP "O4'"  O  N N 12  
ADP "C3'"  C  N S 13  
ADP "O3'"  O  N N 14  
ADP "C2'"  C  N R 15  
ADP "O2'"  O  N N 16  
ADP "C1'"  C  N R 17  
ADP N9     N  Y N 18  
ADP C8     C  Y N 19  
ADP N7     N  Y N 20  
ADP C5     C  Y N 21  
ADP C6     C  Y N 22  
ADP N6     N  N N 23  
ADP N1     N  Y N 24  
ADP C2     C  Y N 25  
ADP N3     N  Y N 26  
ADP C4     C  Y N 27  
ADP HOB2   H  N N 28  
ADP HOB3   H  N N 29  
ADP HOA2   H  N N 30  
ADP "H5'1" H  N N 31  
ADP "H5'2" H  N N 32  
ADP "H4'"  H  N N 33  
ADP "H3'"  H  N N 34  
ADP "HO3'" H  N N 35  
ADP "H2'"  H  N N 36  
ADP "HO2'" H  N N 37  
ADP "H1'"  H  N N 38  
ADP H8     H  N N 39  
ADP HN61   H  N N 40  
ADP HN62   H  N N 41  
ADP H2     H  N N 42  
ALA N      N  N N 43  
ALA CA     C  N S 44  
ALA C      C  N N 45  
ALA O      O  N N 46  
ALA CB     C  N N 47  
ALA OXT    O  N N 48  
ALA H      H  N N 49  
ALA H2     H  N N 50  
ALA HA     H  N N 51  
ALA HB1    H  N N 52  
ALA HB2    H  N N 53  
ALA HB3    H  N N 54  
ALA HXT    H  N N 55  
ARG N      N  N N 56  
ARG CA     C  N S 57  
ARG C      C  N N 58  
ARG O      O  N N 59  
ARG CB     C  N N 60  
ARG CG     C  N N 61  
ARG CD     C  N N 62  
ARG NE     N  N N 63  
ARG CZ     C  N N 64  
ARG NH1    N  N N 65  
ARG NH2    N  N N 66  
ARG OXT    O  N N 67  
ARG H      H  N N 68  
ARG H2     H  N N 69  
ARG HA     H  N N 70  
ARG HB2    H  N N 71  
ARG HB3    H  N N 72  
ARG HG2    H  N N 73  
ARG HG3    H  N N 74  
ARG HD2    H  N N 75  
ARG HD3    H  N N 76  
ARG HE     H  N N 77  
ARG HH11   H  N N 78  
ARG HH12   H  N N 79  
ARG HH21   H  N N 80  
ARG HH22   H  N N 81  
ARG HXT    H  N N 82  
ASN N      N  N N 83  
ASN CA     C  N S 84  
ASN C      C  N N 85  
ASN O      O  N N 86  
ASN CB     C  N N 87  
ASN CG     C  N N 88  
ASN OD1    O  N N 89  
ASN ND2    N  N N 90  
ASN OXT    O  N N 91  
ASN H      H  N N 92  
ASN H2     H  N N 93  
ASN HA     H  N N 94  
ASN HB2    H  N N 95  
ASN HB3    H  N N 96  
ASN HD21   H  N N 97  
ASN HD22   H  N N 98  
ASN HXT    H  N N 99  
ASP N      N  N N 100 
ASP CA     C  N S 101 
ASP C      C  N N 102 
ASP O      O  N N 103 
ASP CB     C  N N 104 
ASP CG     C  N N 105 
ASP OD1    O  N N 106 
ASP OD2    O  N N 107 
ASP OXT    O  N N 108 
ASP H      H  N N 109 
ASP H2     H  N N 110 
ASP HA     H  N N 111 
ASP HB2    H  N N 112 
ASP HB3    H  N N 113 
ASP HD2    H  N N 114 
ASP HXT    H  N N 115 
CYS N      N  N N 116 
CYS CA     C  N R 117 
CYS C      C  N N 118 
CYS O      O  N N 119 
CYS CB     C  N N 120 
CYS SG     S  N N 121 
CYS OXT    O  N N 122 
CYS H      H  N N 123 
CYS H2     H  N N 124 
CYS HA     H  N N 125 
CYS HB2    H  N N 126 
CYS HB3    H  N N 127 
CYS HG     H  N N 128 
CYS HXT    H  N N 129 
FME N      N  N N 130 
FME CN     C  N N 131 
FME O1     O  N N 132 
FME CA     C  N S 133 
FME CB     C  N N 134 
FME CG     C  N N 135 
FME SD     S  N N 136 
FME CE     C  N N 137 
FME C      C  N N 138 
FME O      O  N N 139 
FME OXT    O  N N 140 
FME H      H  N N 141 
FME HCN    H  N N 142 
FME HA     H  N N 143 
FME HB2    H  N N 144 
FME HB3    H  N N 145 
FME HG2    H  N N 146 
FME HG3    H  N N 147 
FME HE1    H  N N 148 
FME HE2    H  N N 149 
FME HE3    H  N N 150 
FME HXT    H  N N 151 
GLN N      N  N N 152 
GLN CA     C  N S 153 
GLN C      C  N N 154 
GLN O      O  N N 155 
GLN CB     C  N N 156 
GLN CG     C  N N 157 
GLN CD     C  N N 158 
GLN OE1    O  N N 159 
GLN NE2    N  N N 160 
GLN OXT    O  N N 161 
GLN H      H  N N 162 
GLN H2     H  N N 163 
GLN HA     H  N N 164 
GLN HB2    H  N N 165 
GLN HB3    H  N N 166 
GLN HG2    H  N N 167 
GLN HG3    H  N N 168 
GLN HE21   H  N N 169 
GLN HE22   H  N N 170 
GLN HXT    H  N N 171 
GLU N      N  N N 172 
GLU CA     C  N S 173 
GLU C      C  N N 174 
GLU O      O  N N 175 
GLU CB     C  N N 176 
GLU CG     C  N N 177 
GLU CD     C  N N 178 
GLU OE1    O  N N 179 
GLU OE2    O  N N 180 
GLU OXT    O  N N 181 
GLU H      H  N N 182 
GLU H2     H  N N 183 
GLU HA     H  N N 184 
GLU HB2    H  N N 185 
GLU HB3    H  N N 186 
GLU HG2    H  N N 187 
GLU HG3    H  N N 188 
GLU HE2    H  N N 189 
GLU HXT    H  N N 190 
GLY N      N  N N 191 
GLY CA     C  N N 192 
GLY C      C  N N 193 
GLY O      O  N N 194 
GLY OXT    O  N N 195 
GLY H      H  N N 196 
GLY H2     H  N N 197 
GLY HA2    H  N N 198 
GLY HA3    H  N N 199 
GLY HXT    H  N N 200 
HIS N      N  N N 201 
HIS CA     C  N S 202 
HIS C      C  N N 203 
HIS O      O  N N 204 
HIS CB     C  N N 205 
HIS CG     C  Y N 206 
HIS ND1    N  Y N 207 
HIS CD2    C  Y N 208 
HIS CE1    C  Y N 209 
HIS NE2    N  Y N 210 
HIS OXT    O  N N 211 
HIS H      H  N N 212 
HIS H2     H  N N 213 
HIS HA     H  N N 214 
HIS HB2    H  N N 215 
HIS HB3    H  N N 216 
HIS HD1    H  N N 217 
HIS HD2    H  N N 218 
HIS HE1    H  N N 219 
HIS HE2    H  N N 220 
HIS HXT    H  N N 221 
HOH O      O  N N 222 
HOH H1     H  N N 223 
HOH H2     H  N N 224 
ILE N      N  N N 225 
ILE CA     C  N S 226 
ILE C      C  N N 227 
ILE O      O  N N 228 
ILE CB     C  N S 229 
ILE CG1    C  N N 230 
ILE CG2    C  N N 231 
ILE CD1    C  N N 232 
ILE OXT    O  N N 233 
ILE H      H  N N 234 
ILE H2     H  N N 235 
ILE HA     H  N N 236 
ILE HB     H  N N 237 
ILE HG12   H  N N 238 
ILE HG13   H  N N 239 
ILE HG21   H  N N 240 
ILE HG22   H  N N 241 
ILE HG23   H  N N 242 
ILE HD11   H  N N 243 
ILE HD12   H  N N 244 
ILE HD13   H  N N 245 
ILE HXT    H  N N 246 
LEU N      N  N N 247 
LEU CA     C  N S 248 
LEU C      C  N N 249 
LEU O      O  N N 250 
LEU CB     C  N N 251 
LEU CG     C  N N 252 
LEU CD1    C  N N 253 
LEU CD2    C  N N 254 
LEU OXT    O  N N 255 
LEU H      H  N N 256 
LEU H2     H  N N 257 
LEU HA     H  N N 258 
LEU HB2    H  N N 259 
LEU HB3    H  N N 260 
LEU HG     H  N N 261 
LEU HD11   H  N N 262 
LEU HD12   H  N N 263 
LEU HD13   H  N N 264 
LEU HD21   H  N N 265 
LEU HD22   H  N N 266 
LEU HD23   H  N N 267 
LEU HXT    H  N N 268 
LYS N      N  N N 269 
LYS CA     C  N S 270 
LYS C      C  N N 271 
LYS O      O  N N 272 
LYS CB     C  N N 273 
LYS CG     C  N N 274 
LYS CD     C  N N 275 
LYS CE     C  N N 276 
LYS NZ     N  N N 277 
LYS OXT    O  N N 278 
LYS H      H  N N 279 
LYS H2     H  N N 280 
LYS HA     H  N N 281 
LYS HB2    H  N N 282 
LYS HB3    H  N N 283 
LYS HG2    H  N N 284 
LYS HG3    H  N N 285 
LYS HD2    H  N N 286 
LYS HD3    H  N N 287 
LYS HE2    H  N N 288 
LYS HE3    H  N N 289 
LYS HZ1    H  N N 290 
LYS HZ2    H  N N 291 
LYS HZ3    H  N N 292 
LYS HXT    H  N N 293 
MET N      N  N N 294 
MET CA     C  N S 295 
MET C      C  N N 296 
MET O      O  N N 297 
MET CB     C  N N 298 
MET CG     C  N N 299 
MET SD     S  N N 300 
MET CE     C  N N 301 
MET OXT    O  N N 302 
MET H      H  N N 303 
MET H2     H  N N 304 
MET HA     H  N N 305 
MET HB2    H  N N 306 
MET HB3    H  N N 307 
MET HG2    H  N N 308 
MET HG3    H  N N 309 
MET HE1    H  N N 310 
MET HE2    H  N N 311 
MET HE3    H  N N 312 
MET HXT    H  N N 313 
MG  MG     MG N N 314 
PHE N      N  N N 315 
PHE CA     C  N S 316 
PHE C      C  N N 317 
PHE O      O  N N 318 
PHE CB     C  N N 319 
PHE CG     C  Y N 320 
PHE CD1    C  Y N 321 
PHE CD2    C  Y N 322 
PHE CE1    C  Y N 323 
PHE CE2    C  Y N 324 
PHE CZ     C  Y N 325 
PHE OXT    O  N N 326 
PHE H      H  N N 327 
PHE H2     H  N N 328 
PHE HA     H  N N 329 
PHE HB2    H  N N 330 
PHE HB3    H  N N 331 
PHE HD1    H  N N 332 
PHE HD2    H  N N 333 
PHE HE1    H  N N 334 
PHE HE2    H  N N 335 
PHE HZ     H  N N 336 
PHE HXT    H  N N 337 
PRO N      N  N N 338 
PRO CA     C  N S 339 
PRO C      C  N N 340 
PRO O      O  N N 341 
PRO CB     C  N N 342 
PRO CG     C  N N 343 
PRO CD     C  N N 344 
PRO OXT    O  N N 345 
PRO H      H  N N 346 
PRO HA     H  N N 347 
PRO HB2    H  N N 348 
PRO HB3    H  N N 349 
PRO HG2    H  N N 350 
PRO HG3    H  N N 351 
PRO HD2    H  N N 352 
PRO HD3    H  N N 353 
PRO HXT    H  N N 354 
SER N      N  N N 355 
SER CA     C  N S 356 
SER C      C  N N 357 
SER O      O  N N 358 
SER CB     C  N N 359 
SER OG     O  N N 360 
SER OXT    O  N N 361 
SER H      H  N N 362 
SER H2     H  N N 363 
SER HA     H  N N 364 
SER HB2    H  N N 365 
SER HB3    H  N N 366 
SER HG     H  N N 367 
SER HXT    H  N N 368 
THR N      N  N N 369 
THR CA     C  N S 370 
THR C      C  N N 371 
THR O      O  N N 372 
THR CB     C  N R 373 
THR OG1    O  N N 374 
THR CG2    C  N N 375 
THR OXT    O  N N 376 
THR H      H  N N 377 
THR H2     H  N N 378 
THR HA     H  N N 379 
THR HB     H  N N 380 
THR HG1    H  N N 381 
THR HG21   H  N N 382 
THR HG22   H  N N 383 
THR HG23   H  N N 384 
THR HXT    H  N N 385 
TRP N      N  N N 386 
TRP CA     C  N S 387 
TRP C      C  N N 388 
TRP O      O  N N 389 
TRP CB     C  N N 390 
TRP CG     C  Y N 391 
TRP CD1    C  Y N 392 
TRP CD2    C  Y N 393 
TRP NE1    N  Y N 394 
TRP CE2    C  Y N 395 
TRP CE3    C  Y N 396 
TRP CZ2    C  Y N 397 
TRP CZ3    C  Y N 398 
TRP CH2    C  Y N 399 
TRP OXT    O  N N 400 
TRP H      H  N N 401 
TRP H2     H  N N 402 
TRP HA     H  N N 403 
TRP HB2    H  N N 404 
TRP HB3    H  N N 405 
TRP HD1    H  N N 406 
TRP HE1    H  N N 407 
TRP HE3    H  N N 408 
TRP HZ2    H  N N 409 
TRP HZ3    H  N N 410 
TRP HH2    H  N N 411 
TRP HXT    H  N N 412 
TYR N      N  N N 413 
TYR CA     C  N S 414 
TYR C      C  N N 415 
TYR O      O  N N 416 
TYR CB     C  N N 417 
TYR CG     C  Y N 418 
TYR CD1    C  Y N 419 
TYR CD2    C  Y N 420 
TYR CE1    C  Y N 421 
TYR CE2    C  Y N 422 
TYR CZ     C  Y N 423 
TYR OH     O  N N 424 
TYR OXT    O  N N 425 
TYR H      H  N N 426 
TYR H2     H  N N 427 
TYR HA     H  N N 428 
TYR HB2    H  N N 429 
TYR HB3    H  N N 430 
TYR HD1    H  N N 431 
TYR HD2    H  N N 432 
TYR HE1    H  N N 433 
TYR HE2    H  N N 434 
TYR HH     H  N N 435 
TYR HXT    H  N N 436 
VAL N      N  N N 437 
VAL CA     C  N S 438 
VAL C      C  N N 439 
VAL O      O  N N 440 
VAL CB     C  N N 441 
VAL CG1    C  N N 442 
VAL CG2    C  N N 443 
VAL OXT    O  N N 444 
VAL H      H  N N 445 
VAL H2     H  N N 446 
VAL HA     H  N N 447 
VAL HB     H  N N 448 
VAL HG11   H  N N 449 
VAL HG12   H  N N 450 
VAL HG13   H  N N 451 
VAL HG21   H  N N 452 
VAL HG22   H  N N 453 
VAL HG23   H  N N 454 
VAL HXT    H  N N 455 
# 
loop_
_chem_comp_bond.comp_id 
_chem_comp_bond.atom_id_1 
_chem_comp_bond.atom_id_2 
_chem_comp_bond.value_order 
_chem_comp_bond.pdbx_aromatic_flag 
_chem_comp_bond.pdbx_stereo_config 
_chem_comp_bond.pdbx_ordinal 
ADP PB    O1B    doub N N 1   
ADP PB    O2B    sing N N 2   
ADP PB    O3B    sing N N 3   
ADP PB    O3A    sing N N 4   
ADP O2B   HOB2   sing N N 5   
ADP O3B   HOB3   sing N N 6   
ADP PA    O1A    doub N N 7   
ADP PA    O2A    sing N N 8   
ADP PA    O3A    sing N N 9   
ADP PA    "O5'"  sing N N 10  
ADP O2A   HOA2   sing N N 11  
ADP "O5'" "C5'"  sing N N 12  
ADP "C5'" "C4'"  sing N N 13  
ADP "C5'" "H5'1" sing N N 14  
ADP "C5'" "H5'2" sing N N 15  
ADP "C4'" "O4'"  sing N N 16  
ADP "C4'" "C3'"  sing N N 17  
ADP "C4'" "H4'"  sing N N 18  
ADP "O4'" "C1'"  sing N N 19  
ADP "C3'" "O3'"  sing N N 20  
ADP "C3'" "C2'"  sing N N 21  
ADP "C3'" "H3'"  sing N N 22  
ADP "O3'" "HO3'" sing N N 23  
ADP "C2'" "O2'"  sing N N 24  
ADP "C2'" "C1'"  sing N N 25  
ADP "C2'" "H2'"  sing N N 26  
ADP "O2'" "HO2'" sing N N 27  
ADP "C1'" N9     sing N N 28  
ADP "C1'" "H1'"  sing N N 29  
ADP N9    C8     sing Y N 30  
ADP N9    C4     sing Y N 31  
ADP C8    N7     doub Y N 32  
ADP C8    H8     sing N N 33  
ADP N7    C5     sing Y N 34  
ADP C5    C6     sing Y N 35  
ADP C5    C4     doub Y N 36  
ADP C6    N6     sing N N 37  
ADP C6    N1     doub Y N 38  
ADP N6    HN61   sing N N 39  
ADP N6    HN62   sing N N 40  
ADP N1    C2     sing Y N 41  
ADP C2    N3     doub Y N 42  
ADP C2    H2     sing N N 43  
ADP N3    C4     sing Y N 44  
ALA N     CA     sing N N 45  
ALA N     H      sing N N 46  
ALA N     H2     sing N N 47  
ALA CA    C      sing N N 48  
ALA CA    CB     sing N N 49  
ALA CA    HA     sing N N 50  
ALA C     O      doub N N 51  
ALA C     OXT    sing N N 52  
ALA CB    HB1    sing N N 53  
ALA CB    HB2    sing N N 54  
ALA CB    HB3    sing N N 55  
ALA OXT   HXT    sing N N 56  
ARG N     CA     sing N N 57  
ARG N     H      sing N N 58  
ARG N     H2     sing N N 59  
ARG CA    C      sing N N 60  
ARG CA    CB     sing N N 61  
ARG CA    HA     sing N N 62  
ARG C     O      doub N N 63  
ARG C     OXT    sing N N 64  
ARG CB    CG     sing N N 65  
ARG CB    HB2    sing N N 66  
ARG CB    HB3    sing N N 67  
ARG CG    CD     sing N N 68  
ARG CG    HG2    sing N N 69  
ARG CG    HG3    sing N N 70  
ARG CD    NE     sing N N 71  
ARG CD    HD2    sing N N 72  
ARG CD    HD3    sing N N 73  
ARG NE    CZ     sing N N 74  
ARG NE    HE     sing N N 75  
ARG CZ    NH1    sing N N 76  
ARG CZ    NH2    doub N N 77  
ARG NH1   HH11   sing N N 78  
ARG NH1   HH12   sing N N 79  
ARG NH2   HH21   sing N N 80  
ARG NH2   HH22   sing N N 81  
ARG OXT   HXT    sing N N 82  
ASN N     CA     sing N N 83  
ASN N     H      sing N N 84  
ASN N     H2     sing N N 85  
ASN CA    C      sing N N 86  
ASN CA    CB     sing N N 87  
ASN CA    HA     sing N N 88  
ASN C     O      doub N N 89  
ASN C     OXT    sing N N 90  
ASN CB    CG     sing N N 91  
ASN CB    HB2    sing N N 92  
ASN CB    HB3    sing N N 93  
ASN CG    OD1    doub N N 94  
ASN CG    ND2    sing N N 95  
ASN ND2   HD21   sing N N 96  
ASN ND2   HD22   sing N N 97  
ASN OXT   HXT    sing N N 98  
ASP N     CA     sing N N 99  
ASP N     H      sing N N 100 
ASP N     H2     sing N N 101 
ASP CA    C      sing N N 102 
ASP CA    CB     sing N N 103 
ASP CA    HA     sing N N 104 
ASP C     O      doub N N 105 
ASP C     OXT    sing N N 106 
ASP CB    CG     sing N N 107 
ASP CB    HB2    sing N N 108 
ASP CB    HB3    sing N N 109 
ASP CG    OD1    doub N N 110 
ASP CG    OD2    sing N N 111 
ASP OD2   HD2    sing N N 112 
ASP OXT   HXT    sing N N 113 
CYS N     CA     sing N N 114 
CYS N     H      sing N N 115 
CYS N     H2     sing N N 116 
CYS CA    C      sing N N 117 
CYS CA    CB     sing N N 118 
CYS CA    HA     sing N N 119 
CYS C     O      doub N N 120 
CYS C     OXT    sing N N 121 
CYS CB    SG     sing N N 122 
CYS CB    HB2    sing N N 123 
CYS CB    HB3    sing N N 124 
CYS SG    HG     sing N N 125 
CYS OXT   HXT    sing N N 126 
FME N     CN     sing N N 127 
FME N     CA     sing N N 128 
FME N     H      sing N N 129 
FME CN    O1     doub N N 130 
FME CN    HCN    sing N N 131 
FME CA    CB     sing N N 132 
FME CA    C      sing N N 133 
FME CA    HA     sing N N 134 
FME CB    CG     sing N N 135 
FME CB    HB2    sing N N 136 
FME CB    HB3    sing N N 137 
FME CG    SD     sing N N 138 
FME CG    HG2    sing N N 139 
FME CG    HG3    sing N N 140 
FME SD    CE     sing N N 141 
FME CE    HE1    sing N N 142 
FME CE    HE2    sing N N 143 
FME CE    HE3    sing N N 144 
FME C     O      doub N N 145 
FME C     OXT    sing N N 146 
FME OXT   HXT    sing N N 147 
GLN N     CA     sing N N 148 
GLN N     H      sing N N 149 
GLN N     H2     sing N N 150 
GLN CA    C      sing N N 151 
GLN CA    CB     sing N N 152 
GLN CA    HA     sing N N 153 
GLN C     O      doub N N 154 
GLN C     OXT    sing N N 155 
GLN CB    CG     sing N N 156 
GLN CB    HB2    sing N N 157 
GLN CB    HB3    sing N N 158 
GLN CG    CD     sing N N 159 
GLN CG    HG2    sing N N 160 
GLN CG    HG3    sing N N 161 
GLN CD    OE1    doub N N 162 
GLN CD    NE2    sing N N 163 
GLN NE2   HE21   sing N N 164 
GLN NE2   HE22   sing N N 165 
GLN OXT   HXT    sing N N 166 
GLU N     CA     sing N N 167 
GLU N     H      sing N N 168 
GLU N     H2     sing N N 169 
GLU CA    C      sing N N 170 
GLU CA    CB     sing N N 171 
GLU CA    HA     sing N N 172 
GLU C     O      doub N N 173 
GLU C     OXT    sing N N 174 
GLU CB    CG     sing N N 175 
GLU CB    HB2    sing N N 176 
GLU CB    HB3    sing N N 177 
GLU CG    CD     sing N N 178 
GLU CG    HG2    sing N N 179 
GLU CG    HG3    sing N N 180 
GLU CD    OE1    doub N N 181 
GLU CD    OE2    sing N N 182 
GLU OE2   HE2    sing N N 183 
GLU OXT   HXT    sing N N 184 
GLY N     CA     sing N N 185 
GLY N     H      sing N N 186 
GLY N     H2     sing N N 187 
GLY CA    C      sing N N 188 
GLY CA    HA2    sing N N 189 
GLY CA    HA3    sing N N 190 
GLY C     O      doub N N 191 
GLY C     OXT    sing N N 192 
GLY OXT   HXT    sing N N 193 
HIS N     CA     sing N N 194 
HIS N     H      sing N N 195 
HIS N     H2     sing N N 196 
HIS CA    C      sing N N 197 
HIS CA    CB     sing N N 198 
HIS CA    HA     sing N N 199 
HIS C     O      doub N N 200 
HIS C     OXT    sing N N 201 
HIS CB    CG     sing N N 202 
HIS CB    HB2    sing N N 203 
HIS CB    HB3    sing N N 204 
HIS CG    ND1    sing Y N 205 
HIS CG    CD2    doub Y N 206 
HIS ND1   CE1    doub Y N 207 
HIS ND1   HD1    sing N N 208 
HIS CD2   NE2    sing Y N 209 
HIS CD2   HD2    sing N N 210 
HIS CE1   NE2    sing Y N 211 
HIS CE1   HE1    sing N N 212 
HIS NE2   HE2    sing N N 213 
HIS OXT   HXT    sing N N 214 
HOH O     H1     sing N N 215 
HOH O     H2     sing N N 216 
ILE N     CA     sing N N 217 
ILE N     H      sing N N 218 
ILE N     H2     sing N N 219 
ILE CA    C      sing N N 220 
ILE CA    CB     sing N N 221 
ILE CA    HA     sing N N 222 
ILE C     O      doub N N 223 
ILE C     OXT    sing N N 224 
ILE CB    CG1    sing N N 225 
ILE CB    CG2    sing N N 226 
ILE CB    HB     sing N N 227 
ILE CG1   CD1    sing N N 228 
ILE CG1   HG12   sing N N 229 
ILE CG1   HG13   sing N N 230 
ILE CG2   HG21   sing N N 231 
ILE CG2   HG22   sing N N 232 
ILE CG2   HG23   sing N N 233 
ILE CD1   HD11   sing N N 234 
ILE CD1   HD12   sing N N 235 
ILE CD1   HD13   sing N N 236 
ILE OXT   HXT    sing N N 237 
LEU N     CA     sing N N 238 
LEU N     H      sing N N 239 
LEU N     H2     sing N N 240 
LEU CA    C      sing N N 241 
LEU CA    CB     sing N N 242 
LEU CA    HA     sing N N 243 
LEU C     O      doub N N 244 
LEU C     OXT    sing N N 245 
LEU CB    CG     sing N N 246 
LEU CB    HB2    sing N N 247 
LEU CB    HB3    sing N N 248 
LEU CG    CD1    sing N N 249 
LEU CG    CD2    sing N N 250 
LEU CG    HG     sing N N 251 
LEU CD1   HD11   sing N N 252 
LEU CD1   HD12   sing N N 253 
LEU CD1   HD13   sing N N 254 
LEU CD2   HD21   sing N N 255 
LEU CD2   HD22   sing N N 256 
LEU CD2   HD23   sing N N 257 
LEU OXT   HXT    sing N N 258 
LYS N     CA     sing N N 259 
LYS N     H      sing N N 260 
LYS N     H2     sing N N 261 
LYS CA    C      sing N N 262 
LYS CA    CB     sing N N 263 
LYS CA    HA     sing N N 264 
LYS C     O      doub N N 265 
LYS C     OXT    sing N N 266 
LYS CB    CG     sing N N 267 
LYS CB    HB2    sing N N 268 
LYS CB    HB3    sing N N 269 
LYS CG    CD     sing N N 270 
LYS CG    HG2    sing N N 271 
LYS CG    HG3    sing N N 272 
LYS CD    CE     sing N N 273 
LYS CD    HD2    sing N N 274 
LYS CD    HD3    sing N N 275 
LYS CE    NZ     sing N N 276 
LYS CE    HE2    sing N N 277 
LYS CE    HE3    sing N N 278 
LYS NZ    HZ1    sing N N 279 
LYS NZ    HZ2    sing N N 280 
LYS NZ    HZ3    sing N N 281 
LYS OXT   HXT    sing N N 282 
MET N     CA     sing N N 283 
MET N     H      sing N N 284 
MET N     H2     sing N N 285 
MET CA    C      sing N N 286 
MET CA    CB     sing N N 287 
MET CA    HA     sing N N 288 
MET C     O      doub N N 289 
MET C     OXT    sing N N 290 
MET CB    CG     sing N N 291 
MET CB    HB2    sing N N 292 
MET CB    HB3    sing N N 293 
MET CG    SD     sing N N 294 
MET CG    HG2    sing N N 295 
MET CG    HG3    sing N N 296 
MET SD    CE     sing N N 297 
MET CE    HE1    sing N N 298 
MET CE    HE2    sing N N 299 
MET CE    HE3    sing N N 300 
MET OXT   HXT    sing N N 301 
PHE N     CA     sing N N 302 
PHE N     H      sing N N 303 
PHE N     H2     sing N N 304 
PHE CA    C      sing N N 305 
PHE CA    CB     sing N N 306 
PHE CA    HA     sing N N 307 
PHE C     O      doub N N 308 
PHE C     OXT    sing N N 309 
PHE CB    CG     sing N N 310 
PHE CB    HB2    sing N N 311 
PHE CB    HB3    sing N N 312 
PHE CG    CD1    doub Y N 313 
PHE CG    CD2    sing Y N 314 
PHE CD1   CE1    sing Y N 315 
PHE CD1   HD1    sing N N 316 
PHE CD2   CE2    doub Y N 317 
PHE CD2   HD2    sing N N 318 
PHE CE1   CZ     doub Y N 319 
PHE CE1   HE1    sing N N 320 
PHE CE2   CZ     sing Y N 321 
PHE CE2   HE2    sing N N 322 
PHE CZ    HZ     sing N N 323 
PHE OXT   HXT    sing N N 324 
PRO N     CA     sing N N 325 
PRO N     CD     sing N N 326 
PRO N     H      sing N N 327 
PRO CA    C      sing N N 328 
PRO CA    CB     sing N N 329 
PRO CA    HA     sing N N 330 
PRO C     O      doub N N 331 
PRO C     OXT    sing N N 332 
PRO CB    CG     sing N N 333 
PRO CB    HB2    sing N N 334 
PRO CB    HB3    sing N N 335 
PRO CG    CD     sing N N 336 
PRO CG    HG2    sing N N 337 
PRO CG    HG3    sing N N 338 
PRO CD    HD2    sing N N 339 
PRO CD    HD3    sing N N 340 
PRO OXT   HXT    sing N N 341 
SER N     CA     sing N N 342 
SER N     H      sing N N 343 
SER N     H2     sing N N 344 
SER CA    C      sing N N 345 
SER CA    CB     sing N N 346 
SER CA    HA     sing N N 347 
SER C     O      doub N N 348 
SER C     OXT    sing N N 349 
SER CB    OG     sing N N 350 
SER CB    HB2    sing N N 351 
SER CB    HB3    sing N N 352 
SER OG    HG     sing N N 353 
SER OXT   HXT    sing N N 354 
THR N     CA     sing N N 355 
THR N     H      sing N N 356 
THR N     H2     sing N N 357 
THR CA    C      sing N N 358 
THR CA    CB     sing N N 359 
THR CA    HA     sing N N 360 
THR C     O      doub N N 361 
THR C     OXT    sing N N 362 
THR CB    OG1    sing N N 363 
THR CB    CG2    sing N N 364 
THR CB    HB     sing N N 365 
THR OG1   HG1    sing N N 366 
THR CG2   HG21   sing N N 367 
THR CG2   HG22   sing N N 368 
THR CG2   HG23   sing N N 369 
THR OXT   HXT    sing N N 370 
TRP N     CA     sing N N 371 
TRP N     H      sing N N 372 
TRP N     H2     sing N N 373 
TRP CA    C      sing N N 374 
TRP CA    CB     sing N N 375 
TRP CA    HA     sing N N 376 
TRP C     O      doub N N 377 
TRP C     OXT    sing N N 378 
TRP CB    CG     sing N N 379 
TRP CB    HB2    sing N N 380 
TRP CB    HB3    sing N N 381 
TRP CG    CD1    doub Y N 382 
TRP CG    CD2    sing Y N 383 
TRP CD1   NE1    sing Y N 384 
TRP CD1   HD1    sing N N 385 
TRP CD2   CE2    doub Y N 386 
TRP CD2   CE3    sing Y N 387 
TRP NE1   CE2    sing Y N 388 
TRP NE1   HE1    sing N N 389 
TRP CE2   CZ2    sing Y N 390 
TRP CE3   CZ3    doub Y N 391 
TRP CE3   HE3    sing N N 392 
TRP CZ2   CH2    doub Y N 393 
TRP CZ2   HZ2    sing N N 394 
TRP CZ3   CH2    sing Y N 395 
TRP CZ3   HZ3    sing N N 396 
TRP CH2   HH2    sing N N 397 
TRP OXT   HXT    sing N N 398 
TYR N     CA     sing N N 399 
TYR N     H      sing N N 400 
TYR N     H2     sing N N 401 
TYR CA    C      sing N N 402 
TYR CA    CB     sing N N 403 
TYR CA    HA     sing N N 404 
TYR C     O      doub N N 405 
TYR C     OXT    sing N N 406 
TYR CB    CG     sing N N 407 
TYR CB    HB2    sing N N 408 
TYR CB    HB3    sing N N 409 
TYR CG    CD1    doub Y N 410 
TYR CG    CD2    sing Y N 411 
TYR CD1   CE1    sing Y N 412 
TYR CD1   HD1    sing N N 413 
TYR CD2   CE2    doub Y N 414 
TYR CD2   HD2    sing N N 415 
TYR CE1   CZ     doub Y N 416 
TYR CE1   HE1    sing N N 417 
TYR CE2   CZ     sing Y N 418 
TYR CE2   HE2    sing N N 419 
TYR CZ    OH     sing N N 420 
TYR OH    HH     sing N N 421 
TYR OXT   HXT    sing N N 422 
VAL N     CA     sing N N 423 
VAL N     H      sing N N 424 
VAL N     H2     sing N N 425 
VAL CA    C      sing N N 426 
VAL CA    CB     sing N N 427 
VAL CA    HA     sing N N 428 
VAL C     O      doub N N 429 
VAL C     OXT    sing N N 430 
VAL CB    CG1    sing N N 431 
VAL CB    CG2    sing N N 432 
VAL CB    HB     sing N N 433 
VAL CG1   HG11   sing N N 434 
VAL CG1   HG12   sing N N 435 
VAL CG1   HG13   sing N N 436 
VAL CG2   HG21   sing N N 437 
VAL CG2   HG22   sing N N 438 
VAL CG2   HG23   sing N N 439 
VAL OXT   HXT    sing N N 440 
# 
_pdbx_initial_refinement_model.id               1 
_pdbx_initial_refinement_model.entity_id_list   ? 
_pdbx_initial_refinement_model.type             'experimental model' 
_pdbx_initial_refinement_model.source_name      PDB 
_pdbx_initial_refinement_model.accession_code   1HJZ 
_pdbx_initial_refinement_model.details          'PDB ENTRY 1HJZ' 
# 
_atom_sites.entry_id                    2BFR 
_atom_sites.fract_transf_matrix[1][1]   -0.00696411 
_atom_sites.fract_transf_matrix[1][2]   -0.00727892 
_atom_sites.fract_transf_matrix[1][3]   0.00844502 
_atom_sites.fract_transf_matrix[2][1]   -0.00175248 
_atom_sites.fract_transf_matrix[2][2]   0.00413835 
_atom_sites.fract_transf_matrix[2][3]   0.01235289 
_atom_sites.fract_transf_matrix[3][1]   -0.01366355 
_atom_sites.fract_transf_matrix[3][2]   0.00779420 
_atom_sites.fract_transf_matrix[3][3]   -0.00454956 
_atom_sites.fract_transf_vector[1]      0.619371 
_atom_sites.fract_transf_vector[2]      0.931649 
_atom_sites.fract_transf_vector[3]      0.000086 
# 
loop_
_atom_type.symbol 
C  
MG 
N  
O  
P  
S  
# 
loop_
_atom_site.group_PDB 
_atom_site.id 
_atom_site.type_symbol 
_atom_site.label_atom_id 
_atom_site.label_alt_id 
_atom_site.label_comp_id 
_atom_site.label_asym_id 
_atom_site.label_entity_id 
_atom_site.label_seq_id 
_atom_site.pdbx_PDB_ins_code 
_atom_site.Cartn_x 
_atom_site.Cartn_y 
_atom_site.Cartn_z 
_atom_site.occupancy 
_atom_site.B_iso_or_equiv 
_atom_site.pdbx_formal_charge 
_atom_site.auth_seq_id 
_atom_site.auth_comp_id 
_atom_site.auth_asym_id 
_atom_site.auth_atom_id 
_atom_site.pdbx_PDB_model_num 
HETATM 1    N  N     . FME A 1 1   ? -12.306 10.006  7.920   1.00 44.48 ? 1    FME A N     1 
HETATM 2    C  CN    . FME A 1 1   ? -12.154 10.300  9.197   1.00 48.93 ? 1    FME A CN    1 
HETATM 3    O  O1    . FME A 1 1   ? -12.842 9.742   10.059  1.00 49.65 ? 1    FME A O1    1 
HETATM 4    C  CA    . FME A 1 1   ? -11.302 10.096  6.864   1.00 44.86 ? 1    FME A CA    1 
HETATM 5    C  CB    . FME A 1 1   ? -11.756 9.308   5.632   1.00 44.26 ? 1    FME A CB    1 
HETATM 6    C  CG    . FME A 1 1   ? -10.736 9.276   4.497   1.00 39.61 ? 1    FME A CG    1 
HETATM 7    S  SD    . FME A 1 1   ? -9.189  8.486   4.986   1.00 36.11 ? 1    FME A SD    1 
HETATM 8    C  CE    . FME A 1 1   ? -9.700  6.765   5.026   1.00 34.05 ? 1    FME A CE    1 
HETATM 9    C  C     . FME A 1 1   ? -11.083 11.554  6.487   1.00 45.25 ? 1    FME A C     1 
HETATM 10   O  O     . FME A 1 1   ? -12.000 12.224  6.018   1.00 46.99 ? 1    FME A O     1 
ATOM   11   N  N     . GLU A 1 2   ? -9.863  12.041  6.683   1.00 45.16 ? 2    GLU A N     1 
ATOM   12   C  CA    . GLU A 1 2   ? -9.557  13.432  6.381   1.00 45.90 ? 2    GLU A CA    1 
ATOM   13   C  C     . GLU A 1 2   ? -8.418  13.608  5.381   1.00 42.35 ? 2    GLU A C     1 
ATOM   14   O  O     . GLU A 1 2   ? -7.290  13.187  5.632   1.00 44.65 ? 2    GLU A O     1 
ATOM   15   C  CB    . GLU A 1 2   ? -9.219  14.171  7.681   1.00 50.75 ? 2    GLU A CB    1 
ATOM   16   C  CG    . GLU A 1 2   ? -8.929  15.653  7.500   1.00 61.22 ? 2    GLU A CG    1 
ATOM   17   C  CD    . GLU A 1 2   ? -8.489  16.324  8.787   1.00 65.34 ? 2    GLU A CD    1 
ATOM   18   O  OE1   . GLU A 1 2   ? -8.149  17.528  8.743   1.00 67.82 ? 2    GLU A OE1   1 
ATOM   19   O  OE2   . GLU A 1 2   ? -8.481  15.648  9.838   1.00 67.13 ? 2    GLU A OE2   1 
ATOM   20   N  N     . VAL A 1 3   ? -8.723  14.232  4.247   1.00 37.94 ? 3    VAL A N     1 
ATOM   21   C  CA    . VAL A 1 3   ? -7.721  14.491  3.216   1.00 37.59 ? 3    VAL A CA    1 
ATOM   22   C  C     . VAL A 1 3   ? -6.900  15.684  3.682   1.00 36.02 ? 3    VAL A C     1 
ATOM   23   O  O     . VAL A 1 3   ? -7.440  16.765  3.906   1.00 38.01 ? 3    VAL A O     1 
ATOM   24   C  CB    . VAL A 1 3   ? -8.380  14.822  1.858   1.00 37.64 ? 3    VAL A CB    1 
ATOM   25   C  CG1   . VAL A 1 3   ? -7.322  15.238  0.845   1.00 34.69 ? 3    VAL A CG1   1 
ATOM   26   C  CG2   . VAL A 1 3   ? -9.140  13.609  1.349   1.00 35.76 ? 3    VAL A CG2   1 
ATOM   27   N  N     . LEU A 1 4   ? -5.596  15.481  3.826   1.00 32.39 ? 4    LEU A N     1 
ATOM   28   C  CA    . LEU A 1 4   ? -4.706  16.532  4.300   1.00 33.43 ? 4    LEU A CA    1 
ATOM   29   C  C     . LEU A 1 4   ? -3.935  17.249  3.207   1.00 33.03 ? 4    LEU A C     1 
ATOM   30   O  O     . LEU A 1 4   ? -3.382  18.320  3.439   1.00 35.73 ? 4    LEU A O     1 
ATOM   31   C  CB    . LEU A 1 4   ? -3.703  15.949  5.300   1.00 30.96 ? 4    LEU A CB    1 
ATOM   32   C  CG    . LEU A 1 4   ? -4.273  15.215  6.514   1.00 30.84 ? 4    LEU A CG    1 
ATOM   33   C  CD1   . LEU A 1 4   ? -3.137  14.632  7.337   1.00 29.08 ? 4    LEU A CD1   1 
ATOM   34   C  CD2   . LEU A 1 4   ? -5.105  16.173  7.348   1.00 30.98 ? 4    LEU A CD2   1 
ATOM   35   N  N     . PHE A 1 5   ? -3.899  16.670  2.013   1.00 34.53 ? 5    PHE A N     1 
ATOM   36   C  CA    . PHE A 1 5   ? -3.144  17.274  0.924   1.00 32.27 ? 5    PHE A CA    1 
ATOM   37   C  C     . PHE A 1 5   ? -3.628  16.736  -0.414  1.00 34.94 ? 5    PHE A C     1 
ATOM   38   O  O     . PHE A 1 5   ? -4.142  15.623  -0.494  1.00 35.38 ? 5    PHE A O     1 
ATOM   39   C  CB    . PHE A 1 5   ? -1.661  16.940  1.106   1.00 31.37 ? 5    PHE A CB    1 
ATOM   40   C  CG    . PHE A 1 5   ? -0.735  17.776  0.278   1.00 34.13 ? 5    PHE A CG    1 
ATOM   41   C  CD1   . PHE A 1 5   ? -0.254  18.989  0.761   1.00 32.34 ? 5    PHE A CD1   1 
ATOM   42   C  CD2   . PHE A 1 5   ? -0.322  17.342  -0.980  1.00 32.64 ? 5    PHE A CD2   1 
ATOM   43   C  CE1   . PHE A 1 5   ? 0.629   19.758  0.005   1.00 34.51 ? 5    PHE A CE1   1 
ATOM   44   C  CE2   . PHE A 1 5   ? 0.560   18.102  -1.744  1.00 35.23 ? 5    PHE A CE2   1 
ATOM   45   C  CZ    . PHE A 1 5   ? 1.038   19.312  -1.251  1.00 36.11 ? 5    PHE A CZ    1 
ATOM   46   N  N     . GLU A 1 6   ? -3.463  17.530  -1.466  1.00 37.72 ? 6    GLU A N     1 
ATOM   47   C  CA    . GLU A 1 6   ? -3.873  17.119  -2.799  1.00 39.13 ? 6    GLU A CA    1 
ATOM   48   C  C     . GLU A 1 6   ? -3.101  17.900  -3.849  1.00 41.49 ? 6    GLU A C     1 
ATOM   49   O  O     . GLU A 1 6   ? -3.254  19.114  -3.971  1.00 45.79 ? 6    GLU A O     1 
ATOM   50   C  CB    . GLU A 1 6   ? -5.366  17.356  -3.009  1.00 40.06 ? 6    GLU A CB    1 
ATOM   51   C  CG    . GLU A 1 6   ? -5.883  16.762  -4.312  1.00 42.73 ? 6    GLU A CG    1 
ATOM   52   C  CD    . GLU A 1 6   ? -7.283  17.229  -4.666  1.00 43.48 ? 6    GLU A CD    1 
ATOM   53   O  OE1   . GLU A 1 6   ? -8.114  17.381  -3.745  1.00 46.68 ? 6    GLU A OE1   1 
ATOM   54   O  OE2   . GLU A 1 6   ? -7.556  17.427  -5.868  1.00 40.22 ? 6    GLU A OE2   1 
ATOM   55   N  N     . ALA A 1 7   ? -2.269  17.203  -4.610  1.00 38.89 ? 7    ALA A N     1 
ATOM   56   C  CA    . ALA A 1 7   ? -1.493  17.849  -5.651  1.00 40.77 ? 7    ALA A CA    1 
ATOM   57   C  C     . ALA A 1 7   ? -1.542  17.001  -6.907  1.00 43.99 ? 7    ALA A C     1 
ATOM   58   O  O     . ALA A 1 7   ? -1.973  15.848  -6.878  1.00 41.77 ? 7    ALA A O     1 
ATOM   59   C  CB    . ALA A 1 7   ? -0.053  18.032  -5.199  1.00 42.20 ? 7    ALA A CB    1 
ATOM   60   N  N     . LYS A 1 8   ? -1.103  17.577  -8.016  1.00 47.07 ? 8    LYS A N     1 
ATOM   61   C  CA    . LYS A 1 8   ? -1.099  16.862  -9.276  1.00 47.61 ? 8    LYS A CA    1 
ATOM   62   C  C     . LYS A 1 8   ? 0.318   16.372  -9.533  1.00 48.19 ? 8    LYS A C     1 
ATOM   63   O  O     . LYS A 1 8   ? 1.275   17.134  -9.425  1.00 47.88 ? 8    LYS A O     1 
ATOM   64   C  CB    . LYS A 1 8   ? -1.542  17.788  -10.410 1.00 50.27 ? 8    LYS A CB    1 
ATOM   65   C  CG    . LYS A 1 8   ? -2.056  17.071  -11.645 1.00 53.36 ? 8    LYS A CG    1 
ATOM   66   C  CD    . LYS A 1 8   ? -3.419  16.451  -11.383 1.00 56.19 ? 8    LYS A CD    1 
ATOM   67   C  CE    . LYS A 1 8   ? -3.952  15.751  -12.618 1.00 59.85 ? 8    LYS A CE    1 
ATOM   68   N  NZ    . LYS A 1 8   ? -5.275  15.119  -12.360 1.00 65.40 ? 8    LYS A NZ    1 
ATOM   69   N  N     . VAL A 1 9   ? 0.449   15.092  -9.847  1.00 50.51 ? 9    VAL A N     1 
ATOM   70   C  CA    . VAL A 1 9   ? 1.750   14.521  -10.144 1.00 51.97 ? 9    VAL A CA    1 
ATOM   71   C  C     . VAL A 1 9   ? 1.638   13.959  -11.551 1.00 55.22 ? 9    VAL A C     1 
ATOM   72   O  O     . VAL A 1 9   ? 1.123   12.857  -11.759 1.00 56.24 ? 9    VAL A O     1 
ATOM   73   C  CB    . VAL A 1 9   ? 2.117   13.401  -9.158  1.00 50.34 ? 9    VAL A CB    1 
ATOM   74   C  CG1   . VAL A 1 9   ? 3.489   12.849  -9.499  1.00 50.48 ? 9    VAL A CG1   1 
ATOM   75   C  CG2   . VAL A 1 9   ? 2.098   13.938  -7.734  1.00 44.57 ? 9    VAL A CG2   1 
ATOM   76   N  N     . GLY A 1 10  ? 2.115   14.735  -12.517 1.00 57.58 ? 10   GLY A N     1 
ATOM   77   C  CA    . GLY A 1 10  ? 2.023   14.319  -13.900 1.00 57.56 ? 10   GLY A CA    1 
ATOM   78   C  C     . GLY A 1 10  ? 0.568   14.466  -14.286 1.00 58.51 ? 10   GLY A C     1 
ATOM   79   O  O     . GLY A 1 10  ? 0.042   15.580  -14.335 1.00 60.14 ? 10   GLY A O     1 
ATOM   80   N  N     . ASP A 1 11  ? -0.094  13.345  -14.540 1.00 58.85 ? 11   ASP A N     1 
ATOM   81   C  CA    . ASP A 1 11  ? -1.501  13.369  -14.908 1.00 57.85 ? 11   ASP A CA    1 
ATOM   82   C  C     . ASP A 1 11  ? -2.305  12.743  -13.769 1.00 54.86 ? 11   ASP A C     1 
ATOM   83   O  O     . ASP A 1 11  ? -3.537  12.698  -13.803 1.00 54.66 ? 11   ASP A O     1 
ATOM   84   C  CB    . ASP A 1 11  ? -1.713  12.582  -16.203 1.00 64.37 ? 11   ASP A CB    1 
ATOM   85   C  CG    . ASP A 1 11  ? -2.968  13.002  -16.940 1.00 69.28 ? 11   ASP A CG    1 
ATOM   86   O  OD1   . ASP A 1 11  ? -3.029  14.168  -17.386 1.00 72.40 ? 11   ASP A OD1   1 
ATOM   87   O  OD2   . ASP A 1 11  ? -3.893  12.171  -17.069 1.00 72.03 ? 11   ASP A OD2   1 
ATOM   88   N  N     . ILE A 1 12  ? -1.587  12.273  -12.755 1.00 47.90 ? 12   ILE A N     1 
ATOM   89   C  CA    . ILE A 1 12  ? -2.194  11.637  -11.593 1.00 40.21 ? 12   ILE A CA    1 
ATOM   90   C  C     . ILE A 1 12  ? -2.511  12.632  -10.481 1.00 38.15 ? 12   ILE A C     1 
ATOM   91   O  O     . ILE A 1 12  ? -1.769  13.594  -10.258 1.00 33.44 ? 12   ILE A O     1 
ATOM   92   C  CB    . ILE A 1 12  ? -1.254  10.547  -11.024 1.00 40.48 ? 12   ILE A CB    1 
ATOM   93   C  CG1   . ILE A 1 12  ? -1.179  9.374   -12.000 1.00 38.37 ? 12   ILE A CG1   1 
ATOM   94   C  CG2   . ILE A 1 12  ? -1.727  10.093  -9.648  1.00 35.88 ? 12   ILE A CG2   1 
ATOM   95   C  CD1   . ILE A 1 12  ? -0.180  8.327   -11.605 1.00 36.67 ? 12   ILE A CD1   1 
ATOM   96   N  N     . THR A 1 13  ? -3.622  12.397  -9.792  1.00 31.99 ? 13   THR A N     1 
ATOM   97   C  CA    . THR A 1 13  ? -4.028  13.247  -8.680  1.00 31.79 ? 13   THR A CA    1 
ATOM   98   C  C     . THR A 1 13  ? -3.601  12.538  -7.397  1.00 30.54 ? 13   THR A C     1 
ATOM   99   O  O     . THR A 1 13  ? -4.177  11.521  -7.017  1.00 30.04 ? 13   THR A O     1 
ATOM   100  C  CB    . THR A 1 13  ? -5.549  13.451  -8.642  1.00 32.18 ? 13   THR A CB    1 
ATOM   101  O  OG1   . THR A 1 13  ? -6.006  13.911  -9.919  1.00 35.43 ? 13   THR A OG1   1 
ATOM   102  C  CG2   . THR A 1 13  ? -5.914  14.478  -7.580  1.00 29.90 ? 13   THR A CG2   1 
ATOM   103  N  N     . LEU A 1 14  ? -2.583  13.078  -6.740  1.00 31.03 ? 14   LEU A N     1 
ATOM   104  C  CA    . LEU A 1 14  ? -2.063  12.495  -5.511  1.00 30.70 ? 14   LEU A CA    1 
ATOM   105  C  C     . LEU A 1 14  ? -2.685  13.123  -4.266  1.00 29.58 ? 14   LEU A C     1 
ATOM   106  O  O     . LEU A 1 14  ? -2.794  14.344  -4.161  1.00 30.38 ? 14   LEU A O     1 
ATOM   107  C  CB    . LEU A 1 14  ? -0.540  12.662  -5.471  1.00 29.79 ? 14   LEU A CB    1 
ATOM   108  C  CG    . LEU A 1 14  ? 0.189   12.259  -4.186  1.00 33.61 ? 14   LEU A CG    1 
ATOM   109  C  CD1   . LEU A 1 14  ? -0.056  10.790  -3.882  1.00 31.81 ? 14   LEU A CD1   1 
ATOM   110  C  CD2   . LEU A 1 14  ? 1.677   12.536  -4.350  1.00 30.68 ? 14   LEU A CD2   1 
ATOM   111  N  N     . LYS A 1 15  ? -3.091  12.278  -3.325  1.00 27.28 ? 15   LYS A N     1 
ATOM   112  C  CA    . LYS A 1 15  ? -3.691  12.752  -2.085  1.00 26.87 ? 15   LYS A CA    1 
ATOM   113  C  C     . LYS A 1 15  ? -3.092  12.098  -0.846  1.00 27.23 ? 15   LYS A C     1 
ATOM   114  O  O     . LYS A 1 15  ? -2.683  10.937  -0.869  1.00 27.23 ? 15   LYS A O     1 
ATOM   115  C  CB    . LYS A 1 15  ? -5.198  12.490  -2.075  1.00 27.40 ? 15   LYS A CB    1 
ATOM   116  C  CG    . LYS A 1 15  ? -6.005  13.282  -3.080  1.00 29.75 ? 15   LYS A CG    1 
ATOM   117  C  CD    . LYS A 1 15  ? -7.479  12.943  -2.930  1.00 28.62 ? 15   LYS A CD    1 
ATOM   118  C  CE    . LYS A 1 15  ? -8.336  13.734  -3.904  1.00 33.57 ? 15   LYS A CE    1 
ATOM   119  N  NZ    . LYS A 1 15  ? -9.788  13.497  -3.675  1.00 33.67 ? 15   LYS A NZ    1 
ATOM   120  N  N     . LEU A 1 16  ? -3.048  12.869  0.236   1.00 26.91 ? 16   LEU A N     1 
ATOM   121  C  CA    . LEU A 1 16  ? -2.558  12.395  1.520   1.00 28.31 ? 16   LEU A CA    1 
ATOM   122  C  C     . LEU A 1 16  ? -3.746  12.509  2.460   1.00 28.28 ? 16   LEU A C     1 
ATOM   123  O  O     . LEU A 1 16  ? -4.351  13.572  2.573   1.00 32.53 ? 16   LEU A O     1 
ATOM   124  C  CB    . LEU A 1 16  ? -1.416  13.270  2.032   1.00 26.55 ? 16   LEU A CB    1 
ATOM   125  C  CG    . LEU A 1 16  ? -1.030  12.983  3.486   1.00 25.52 ? 16   LEU A CG    1 
ATOM   126  C  CD1   . LEU A 1 16  ? -0.563  11.538  3.619   1.00 19.64 ? 16   LEU A CD1   1 
ATOM   127  C  CD2   . LEU A 1 16  ? 0.055   13.948  3.926   1.00 25.96 ? 16   LEU A CD2   1 
ATOM   128  N  N     . ALA A 1 17  ? -4.091  11.418  3.126   1.00 27.97 ? 17   ALA A N     1 
ATOM   129  C  CA    . ALA A 1 17  ? -5.231  11.442  4.027   1.00 26.97 ? 17   ALA A CA    1 
ATOM   130  C  C     . ALA A 1 17  ? -4.937  10.721  5.324   1.00 27.02 ? 17   ALA A C     1 
ATOM   131  O  O     . ALA A 1 17  ? -4.059  9.864   5.388   1.00 26.28 ? 17   ALA A O     1 
ATOM   132  C  CB    . ALA A 1 17  ? -6.438  10.813  3.350   1.00 24.89 ? 17   ALA A CB    1 
ATOM   133  N  N     . GLN A 1 18  ? -5.681  11.089  6.361   1.00 27.25 ? 18   GLN A N     1 
ATOM   134  C  CA    . GLN A 1 18  ? -5.534  10.467  7.665   1.00 28.65 ? 18   GLN A CA    1 
ATOM   135  C  C     . GLN A 1 18  ? -6.782  9.638   7.919   1.00 29.12 ? 18   GLN A C     1 
ATOM   136  O  O     . GLN A 1 18  ? -7.903  10.135  7.801   1.00 28.57 ? 18   GLN A O     1 
ATOM   137  C  CB    . GLN A 1 18  ? -5.392  11.525  8.757   1.00 27.99 ? 18   GLN A CB    1 
ATOM   138  C  CG    . GLN A 1 18  ? -5.388  10.942  10.160  1.00 36.61 ? 18   GLN A CG    1 
ATOM   139  C  CD    . GLN A 1 18  ? -5.325  12.005  11.240  1.00 47.11 ? 18   GLN A CD    1 
ATOM   140  O  OE1   . GLN A 1 18  ? -5.324  11.691  12.431  1.00 52.45 ? 18   GLN A OE1   1 
ATOM   141  N  NE2   . GLN A 1 18  ? -5.274  13.268  10.833  1.00 49.00 ? 18   GLN A NE2   1 
ATOM   142  N  N     . GLY A 1 19  ? -6.588  8.369   8.257   1.00 30.49 ? 19   GLY A N     1 
ATOM   143  C  CA    . GLY A 1 19  ? -7.729  7.517   8.517   1.00 27.36 ? 19   GLY A CA    1 
ATOM   144  C  C     . GLY A 1 19  ? -7.469  6.042   8.308   1.00 29.24 ? 19   GLY A C     1 
ATOM   145  O  O     . GLY A 1 19  ? -6.322  5.596   8.221   1.00 27.30 ? 19   GLY A O     1 
ATOM   146  N  N     . ASP A 1 20  ? -8.559  5.286   8.231   1.00 28.78 ? 20   ASP A N     1 
ATOM   147  C  CA    . ASP A 1 20  ? -8.514  3.843   8.036   1.00 29.14 ? 20   ASP A CA    1 
ATOM   148  C  C     . ASP A 1 20  ? -8.559  3.541   6.535   1.00 28.17 ? 20   ASP A C     1 
ATOM   149  O  O     . ASP A 1 20  ? -9.551  3.843   5.868   1.00 25.18 ? 20   ASP A O     1 
ATOM   150  C  CB    . ASP A 1 20  ? -9.714  3.214   8.746   1.00 31.34 ? 20   ASP A CB    1 
ATOM   151  C  CG    . ASP A 1 20  ? -9.692  1.705   8.715   1.00 34.82 ? 20   ASP A CG    1 
ATOM   152  O  OD1   . ASP A 1 20  ? -10.606 1.101   9.313   1.00 37.07 ? 20   ASP A OD1   1 
ATOM   153  O  OD2   . ASP A 1 20  ? -8.770  1.126   8.101   1.00 32.23 ? 20   ASP A OD2   1 
ATOM   154  N  N     . ILE A 1 21  ? -7.491  2.949   6.004   1.00 21.98 ? 21   ILE A N     1 
ATOM   155  C  CA    . ILE A 1 21  ? -7.452  2.653   4.577   1.00 21.41 ? 21   ILE A CA    1 
ATOM   156  C  C     . ILE A 1 21  ? -8.620  1.787   4.109   1.00 22.31 ? 21   ILE A C     1 
ATOM   157  O  O     . ILE A 1 21  ? -9.097  1.940   2.985   1.00 22.99 ? 21   ILE A O     1 
ATOM   158  C  CB    . ILE A 1 21  ? -6.123  1.972   4.172   1.00 18.40 ? 21   ILE A CB    1 
ATOM   159  C  CG1   . ILE A 1 21  ? -5.962  2.018   2.651   1.00 17.44 ? 21   ILE A CG1   1 
ATOM   160  C  CG2   . ILE A 1 21  ? -6.095  0.537   4.659   1.00 18.62 ? 21   ILE A CG2   1 
ATOM   161  C  CD1   . ILE A 1 21  ? -4.587  1.597   2.157   1.00 15.99 ? 21   ILE A CD1   1 
ATOM   162  N  N     . THR A 1 22  ? -9.096  0.892   4.969   1.00 21.38 ? 22   THR A N     1 
ATOM   163  C  CA    . THR A 1 22  ? -10.202 0.019   4.594   1.00 25.44 ? 22   THR A CA    1 
ATOM   164  C  C     . THR A 1 22  ? -11.495 0.785   4.371   1.00 27.05 ? 22   THR A C     1 
ATOM   165  O  O     . THR A 1 22  ? -12.526 0.189   4.069   1.00 31.91 ? 22   THR A O     1 
ATOM   166  C  CB    . THR A 1 22  ? -10.464 -1.070  5.653   1.00 25.54 ? 22   THR A CB    1 
ATOM   167  O  OG1   . THR A 1 22  ? -10.937 -0.464  6.864   1.00 23.70 ? 22   THR A OG1   1 
ATOM   168  C  CG2   . THR A 1 22  ? -9.190  -1.860  5.928   1.00 20.00 ? 22   THR A CG2   1 
ATOM   169  N  N     . GLN A 1 23  ? -11.435 2.106   4.510   1.00 28.48 ? 23   GLN A N     1 
ATOM   170  C  CA    . GLN A 1 23  ? -12.611 2.952   4.318   1.00 29.01 ? 23   GLN A CA    1 
ATOM   171  C  C     . GLN A 1 23  ? -12.357 4.006   3.245   1.00 29.96 ? 23   GLN A C     1 
ATOM   172  O  O     . GLN A 1 23  ? -13.197 4.881   3.006   1.00 30.03 ? 23   GLN A O     1 
ATOM   173  C  CB    . GLN A 1 23  ? -12.981 3.650   5.630   1.00 32.87 ? 23   GLN A CB    1 
ATOM   174  C  CG    . GLN A 1 23  ? -13.177 2.710   6.808   1.00 39.50 ? 23   GLN A CG    1 
ATOM   175  C  CD    . GLN A 1 23  ? -13.517 3.444   8.091   1.00 45.67 ? 23   GLN A CD    1 
ATOM   176  O  OE1   . GLN A 1 23  ? -13.662 2.832   9.149   1.00 47.56 ? 23   GLN A OE1   1 
ATOM   177  N  NE2   . GLN A 1 23  ? -13.644 4.764   8.004   1.00 47.81 ? 23   GLN A NE2   1 
ATOM   178  N  N     . TYR A 1 24  ? -11.198 3.925   2.599   1.00 28.41 ? 24   TYR A N     1 
ATOM   179  C  CA    . TYR A 1 24  ? -10.852 4.889   1.567   1.00 28.25 ? 24   TYR A CA    1 
ATOM   180  C  C     . TYR A 1 24  ? -11.563 4.633   0.235   1.00 28.94 ? 24   TYR A C     1 
ATOM   181  O  O     . TYR A 1 24  ? -11.692 3.489   -0.201  1.00 30.82 ? 24   TYR A O     1 
ATOM   182  C  CB    . TYR A 1 24  ? -9.342  4.908   1.334   1.00 19.83 ? 24   TYR A CB    1 
ATOM   183  C  CG    . TYR A 1 24  ? -8.910  6.135   0.580   1.00 19.11 ? 24   TYR A CG    1 
ATOM   184  C  CD1   . TYR A 1 24  ? -8.737  7.355   1.237   1.00 21.36 ? 24   TYR A CD1   1 
ATOM   185  C  CD2   . TYR A 1 24  ? -8.752  6.104   -0.806  1.00 19.82 ? 24   TYR A CD2   1 
ATOM   186  C  CE1   . TYR A 1 24  ? -8.419  8.517   0.531   1.00 23.27 ? 24   TYR A CE1   1 
ATOM   187  C  CE2   . TYR A 1 24  ? -8.438  7.257   -1.522  1.00 21.82 ? 24   TYR A CE2   1 
ATOM   188  C  CZ    . TYR A 1 24  ? -8.274  8.458   -0.849  1.00 23.62 ? 24   TYR A CZ    1 
ATOM   189  O  OH    . TYR A 1 24  ? -7.972  9.593   -1.557  1.00 31.11 ? 24   TYR A OH    1 
ATOM   190  N  N     . PRO A 1 25  ? -12.027 5.706   -0.430  1.00 31.87 ? 25   PRO A N     1 
ATOM   191  C  CA    . PRO A 1 25  ? -12.732 5.633   -1.717  1.00 32.68 ? 25   PRO A CA    1 
ATOM   192  C  C     . PRO A 1 25  ? -11.805 5.307   -2.885  1.00 34.12 ? 25   PRO A C     1 
ATOM   193  O  O     . PRO A 1 25  ? -11.622 6.128   -3.787  1.00 37.96 ? 25   PRO A O     1 
ATOM   194  C  CB    . PRO A 1 25  ? -13.340 7.029   -1.872  1.00 31.69 ? 25   PRO A CB    1 
ATOM   195  C  CG    . PRO A 1 25  ? -13.316 7.606   -0.483  1.00 35.01 ? 25   PRO A CG    1 
ATOM   196  C  CD    . PRO A 1 25  ? -12.028 7.087   0.075   1.00 32.98 ? 25   PRO A CD    1 
ATOM   197  N  N     . ALA A 1 26  ? -11.217 4.118   -2.870  1.00 29.60 ? 26   ALA A N     1 
ATOM   198  C  CA    . ALA A 1 26  ? -10.326 3.710   -3.946  1.00 30.82 ? 26   ALA A CA    1 
ATOM   199  C  C     . ALA A 1 26  ? -10.764 2.346   -4.453  1.00 30.78 ? 26   ALA A C     1 
ATOM   200  O  O     . ALA A 1 26  ? -11.359 1.566   -3.712  1.00 35.12 ? 26   ALA A O     1 
ATOM   201  C  CB    . ALA A 1 26  ? -8.890  3.655   -3.447  1.00 31.30 ? 26   ALA A CB    1 
ATOM   202  N  N     . LYS A 1 27  ? -10.474 2.061   -5.715  1.00 31.12 ? 27   LYS A N     1 
ATOM   203  C  CA    . LYS A 1 27  ? -10.855 0.788   -6.308  1.00 31.28 ? 27   LYS A CA    1 
ATOM   204  C  C     . LYS A 1 27  ? -9.936  -0.318  -5.788  1.00 27.91 ? 27   LYS A C     1 
ATOM   205  O  O     . LYS A 1 27  ? -10.344 -1.472  -5.664  1.00 25.59 ? 27   LYS A O     1 
ATOM   206  C  CB    . LYS A 1 27  ? -10.776 0.884   -7.836  1.00 37.92 ? 27   LYS A CB    1 
ATOM   207  C  CG    . LYS A 1 27  ? -11.478 -0.242  -8.581  1.00 50.83 ? 27   LYS A CG    1 
ATOM   208  C  CD    . LYS A 1 27  ? -11.455 0.004   -10.086 1.00 60.65 ? 27   LYS A CD    1 
ATOM   209  C  CE    . LYS A 1 27  ? -12.139 -1.118  -10.859 1.00 65.03 ? 27   LYS A CE    1 
ATOM   210  N  NZ    . LYS A 1 27  ? -12.069 -0.911  -12.337 1.00 66.50 ? 27   LYS A NZ    1 
ATOM   211  N  N     . ALA A 1 28  ? -8.695  0.045   -5.480  1.00 25.16 ? 28   ALA A N     1 
ATOM   212  C  CA    . ALA A 1 28  ? -7.729  -0.916  -4.958  1.00 23.35 ? 28   ALA A CA    1 
ATOM   213  C  C     . ALA A 1 28  ? -6.978  -0.333  -3.772  1.00 22.78 ? 28   ALA A C     1 
ATOM   214  O  O     . ALA A 1 28  ? -6.605  0.839   -3.779  1.00 24.46 ? 28   ALA A O     1 
ATOM   215  C  CB    . ALA A 1 28  ? -6.736  -1.309  -6.042  1.00 18.28 ? 28   ALA A CB    1 
ATOM   216  N  N     . ILE A 1 29  ? -6.774  -1.145  -2.741  1.00 21.30 ? 29   ILE A N     1 
ATOM   217  C  CA    . ILE A 1 29  ? -6.022  -0.690  -1.582  1.00 20.48 ? 29   ILE A CA    1 
ATOM   218  C  C     . ILE A 1 29  ? -4.830  -1.613  -1.409  1.00 18.55 ? 29   ILE A C     1 
ATOM   219  O  O     . ILE A 1 29  ? -4.920  -2.816  -1.630  1.00 20.80 ? 29   ILE A O     1 
ATOM   220  C  CB    . ILE A 1 29  ? -6.865  -0.686  -0.279  1.00 18.22 ? 29   ILE A CB    1 
ATOM   221  C  CG1   . ILE A 1 29  ? -7.428  -2.079  0.005   1.00 17.22 ? 29   ILE A CG1   1 
ATOM   222  C  CG2   . ILE A 1 29  ? -7.968  0.344   -0.383  1.00 19.33 ? 29   ILE A CG2   1 
ATOM   223  C  CD1   . ILE A 1 29  ? -8.116  -2.182  1.367   1.00 21.94 ? 29   ILE A CD1   1 
ATOM   224  N  N     . VAL A 1 30  ? -3.701  -1.040  -1.031  1.00 19.93 ? 30   VAL A N     1 
ATOM   225  C  CA    . VAL A 1 30  ? -2.501  -1.827  -0.846  1.00 18.27 ? 30   VAL A CA    1 
ATOM   226  C  C     . VAL A 1 30  ? -2.390  -2.304  0.591   1.00 24.14 ? 30   VAL A C     1 
ATOM   227  O  O     . VAL A 1 30  ? -2.784  -1.599  1.523   1.00 26.24 ? 30   VAL A O     1 
ATOM   228  C  CB    . VAL A 1 30  ? -1.252  -0.997  -1.197  1.00 17.21 ? 30   VAL A CB    1 
ATOM   229  C  CG1   . VAL A 1 30  ? 0.009   -1.802  -0.929  1.00 6.78  ? 30   VAL A CG1   1 
ATOM   230  C  CG2   . VAL A 1 30  ? -1.322  -0.555  -2.659  1.00 11.30 ? 30   VAL A CG2   1 
ATOM   231  N  N     . ASN A 1 31  ? -1.874  -3.516  0.762   1.00 23.59 ? 31   ASN A N     1 
ATOM   232  C  CA    . ASN A 1 31  ? -1.669  -4.080  2.088   1.00 23.17 ? 31   ASN A CA    1 
ATOM   233  C  C     . ASN A 1 31  ? -0.162  -4.226  2.303   1.00 23.17 ? 31   ASN A C     1 
ATOM   234  O  O     . ASN A 1 31  ? 0.533   -4.783  1.458   1.00 19.53 ? 31   ASN A O     1 
ATOM   235  C  CB    . ASN A 1 31  ? -2.324  -5.458  2.206   1.00 22.87 ? 31   ASN A CB    1 
ATOM   236  C  CG    . ASN A 1 31  ? -1.984  -6.149  3.518   1.00 25.13 ? 31   ASN A CG    1 
ATOM   237  O  OD1   . ASN A 1 31  ? -1.955  -7.376  3.603   1.00 25.47 ? 31   ASN A OD1   1 
ATOM   238  N  ND2   . ASN A 1 31  ? -1.732  -5.356  4.552   1.00 20.81 ? 31   ASN A ND2   1 
ATOM   239  N  N     . ALA A 1 32  ? 0.341   -3.711  3.421   1.00 25.68 ? 32   ALA A N     1 
ATOM   240  C  CA    . ALA A 1 32  ? 1.764   -3.812  3.741   1.00 27.02 ? 32   ALA A CA    1 
ATOM   241  C  C     . ALA A 1 32  ? 1.967   -5.158  4.423   1.00 28.37 ? 32   ALA A C     1 
ATOM   242  O  O     . ALA A 1 32  ? 2.182   -5.237  5.634   1.00 30.02 ? 32   ALA A O     1 
ATOM   243  C  CB    . ALA A 1 32  ? 2.174   -2.683  4.666   1.00 25.46 ? 32   ALA A CB    1 
ATOM   244  N  N     . ALA A 1 33  ? 1.899   -6.214  3.620   1.00 27.22 ? 33   ALA A N     1 
ATOM   245  C  CA    . ALA A 1 33  ? 2.021   -7.579  4.105   1.00 23.27 ? 33   ALA A CA    1 
ATOM   246  C  C     . ALA A 1 33  ? 3.447   -8.081  4.228   1.00 24.59 ? 33   ALA A C     1 
ATOM   247  O  O     . ALA A 1 33  ? 4.385   -7.450  3.746   1.00 25.38 ? 33   ALA A O     1 
ATOM   248  C  CB    . ALA A 1 33  ? 1.232   -8.506  3.186   1.00 20.24 ? 33   ALA A CB    1 
ATOM   249  N  N     . ASN A 1 34  ? 3.598   -9.226  4.891   1.00 24.22 ? 34   ASN A N     1 
ATOM   250  C  CA    . ASN A 1 34  ? 4.901   -9.855  5.040   1.00 23.87 ? 34   ASN A CA    1 
ATOM   251  C  C     . ASN A 1 34  ? 5.018   -10.851 3.891   1.00 23.21 ? 34   ASN A C     1 
ATOM   252  O  O     . ASN A 1 34  ? 4.015   -11.224 3.293   1.00 23.17 ? 34   ASN A O     1 
ATOM   253  C  CB    . ASN A 1 34  ? 5.025   -10.569 6.397   1.00 25.17 ? 34   ASN A CB    1 
ATOM   254  C  CG    . ASN A 1 34  ? 3.868   -11.522 6.680   1.00 28.88 ? 34   ASN A CG    1 
ATOM   255  O  OD1   . ASN A 1 34  ? 3.582   -12.430 5.894   1.00 28.27 ? 34   ASN A OD1   1 
ATOM   256  N  ND2   . ASN A 1 34  ? 3.204   -11.322 7.813   1.00 18.27 ? 34   ASN A ND2   1 
ATOM   257  N  N     . LYS A 1 35  ? 6.240   -11.275 3.588   1.00 27.11 ? 35   LYS A N     1 
ATOM   258  C  CA    . LYS A 1 35  ? 6.499   -12.207 2.493   1.00 32.51 ? 35   LYS A CA    1 
ATOM   259  C  C     . LYS A 1 35  ? 5.605   -13.451 2.423   1.00 34.70 ? 35   LYS A C     1 
ATOM   260  O  O     . LYS A 1 35  ? 5.471   -14.058 1.358   1.00 36.99 ? 35   LYS A O     1 
ATOM   261  C  CB    . LYS A 1 35  ? 7.969   -12.634 2.528   1.00 36.35 ? 35   LYS A CB    1 
ATOM   262  C  CG    . LYS A 1 35  ? 8.433   -13.154 3.880   1.00 47.57 ? 35   LYS A CG    1 
ATOM   263  C  CD    . LYS A 1 35  ? 9.915   -13.505 3.878   1.00 51.36 ? 35   LYS A CD    1 
ATOM   264  C  CE    . LYS A 1 35  ? 10.220  -14.655 2.932   1.00 54.65 ? 35   LYS A CE    1 
ATOM   265  N  NZ    . LYS A 1 35  ? 11.664  -15.022 2.948   1.00 53.69 ? 35   LYS A NZ    1 
ATOM   266  N  N     . ARG A 1 36  ? 4.985   -13.822 3.540   1.00 33.94 ? 36   ARG A N     1 
ATOM   267  C  CA    . ARG A 1 36  ? 4.132   -15.009 3.586   1.00 34.50 ? 36   ARG A CA    1 
ATOM   268  C  C     . ARG A 1 36  ? 2.635   -14.718 3.488   1.00 33.51 ? 36   ARG A C     1 
ATOM   269  O  O     . ARG A 1 36  ? 1.818   -15.638 3.433   1.00 31.37 ? 36   ARG A O     1 
ATOM   270  C  CB    . ARG A 1 36  ? 4.407   -15.782 4.881   1.00 37.69 ? 36   ARG A CB    1 
ATOM   271  C  CG    . ARG A 1 36  ? 5.800   -16.390 4.956   1.00 49.85 ? 36   ARG A CG    1 
ATOM   272  C  CD    . ARG A 1 36  ? 6.195   -16.774 6.386   1.00 60.96 ? 36   ARG A CD    1 
ATOM   273  N  NE    . ARG A 1 36  ? 6.859   -15.685 7.110   1.00 67.21 ? 36   ARG A NE    1 
ATOM   274  C  CZ    . ARG A 1 36  ? 6.248   -14.607 7.598   1.00 67.04 ? 36   ARG A CZ    1 
ATOM   275  N  NH1   . ARG A 1 36  ? 6.948   -13.678 8.237   1.00 61.41 ? 36   ARG A NH1   1 
ATOM   276  N  NH2   . ARG A 1 36  ? 4.939   -14.461 7.461   1.00 72.69 ? 36   ARG A NH2   1 
ATOM   277  N  N     . LEU A 1 37  ? 2.276   -13.441 3.462   1.00 29.12 ? 37   LEU A N     1 
ATOM   278  C  CA    . LEU A 1 37  ? 0.876   -13.044 3.406   1.00 29.53 ? 37   LEU A CA    1 
ATOM   279  C  C     . LEU A 1 37  ? 0.093   -13.589 4.603   1.00 27.34 ? 37   LEU A C     1 
ATOM   280  O  O     . LEU A 1 37  ? -1.062  -13.993 4.478   1.00 26.71 ? 37   LEU A O     1 
ATOM   281  C  CB    . LEU A 1 37  ? 0.227   -13.497 2.090   1.00 28.08 ? 37   LEU A CB    1 
ATOM   282  C  CG    . LEU A 1 37  ? 0.788   -12.891 0.797   1.00 27.48 ? 37   LEU A CG    1 
ATOM   283  C  CD1   . LEU A 1 37  ? -0.226  -13.078 -0.329  1.00 23.79 ? 37   LEU A CD1   1 
ATOM   284  C  CD2   . LEU A 1 37  ? 1.069   -11.405 0.990   1.00 24.70 ? 37   LEU A CD2   1 
ATOM   285  N  N     . GLU A 1 38  ? 0.739   -13.604 5.764   1.00 28.27 ? 38   GLU A N     1 
ATOM   286  C  CA    . GLU A 1 38  ? 0.100   -14.055 6.997   1.00 31.58 ? 38   GLU A CA    1 
ATOM   287  C  C     . GLU A 1 38  ? -0.263  -12.782 7.751   1.00 27.51 ? 38   GLU A C     1 
ATOM   288  O  O     . GLU A 1 38  ? 0.574   -12.188 8.426   1.00 27.33 ? 38   GLU A O     1 
ATOM   289  C  CB    . GLU A 1 38  ? 1.060   -14.913 7.828   1.00 34.74 ? 38   GLU A CB    1 
ATOM   290  C  CG    . GLU A 1 38  ? 1.547   -16.161 7.098   1.00 45.54 ? 38   GLU A CG    1 
ATOM   291  C  CD    . GLU A 1 38  ? 2.273   -17.143 8.004   1.00 51.09 ? 38   GLU A CD    1 
ATOM   292  O  OE1   . GLU A 1 38  ? 3.270   -16.746 8.648   1.00 52.53 ? 38   GLU A OE1   1 
ATOM   293  O  OE2   . GLU A 1 38  ? 1.845   -18.314 8.068   1.00 50.50 ? 38   GLU A OE2   1 
ATOM   294  N  N     . HIS A 1 39  ? -1.517  -12.369 7.621   1.00 24.91 ? 39   HIS A N     1 
ATOM   295  C  CA    . HIS A 1 39  ? -2.005  -11.144 8.238   1.00 26.74 ? 39   HIS A CA    1 
ATOM   296  C  C     . HIS A 1 39  ? -2.301  -11.259 9.728   1.00 28.20 ? 39   HIS A C     1 
ATOM   297  O  O     . HIS A 1 39  ? -3.455  -11.382 10.131  1.00 34.25 ? 39   HIS A O     1 
ATOM   298  C  CB    . HIS A 1 39  ? -3.248  -10.678 7.478   1.00 25.54 ? 39   HIS A CB    1 
ATOM   299  C  CG    . HIS A 1 39  ? -3.143  -10.876 5.996   1.00 25.15 ? 39   HIS A CG    1 
ATOM   300  N  ND1   . HIS A 1 39  ? -2.009  -10.553 5.281   1.00 20.32 ? 39   HIS A ND1   1 
ATOM   301  C  CD2   . HIS A 1 39  ? -4.018  -11.392 5.099   1.00 21.83 ? 39   HIS A CD2   1 
ATOM   302  C  CE1   . HIS A 1 39  ? -2.187  -10.866 4.010   1.00 20.69 ? 39   HIS A CE1   1 
ATOM   303  N  NE2   . HIS A 1 39  ? -3.398  -11.375 3.873   1.00 14.61 ? 39   HIS A NE2   1 
ATOM   304  N  N     . GLY A 1 40  ? -1.247  -11.193 10.541  1.00 32.68 ? 40   GLY A N     1 
ATOM   305  C  CA    . GLY A 1 40  ? -1.397  -11.308 11.982  1.00 31.73 ? 40   GLY A CA    1 
ATOM   306  C  C     . GLY A 1 40  ? -1.575  -10.005 12.742  1.00 32.19 ? 40   GLY A C     1 
ATOM   307  O  O     . GLY A 1 40  ? -2.108  -10.005 13.850  1.00 37.56 ? 40   GLY A O     1 
ATOM   308  N  N     . GLY A 1 41  ? -1.135  -8.894  12.165  1.00 30.79 ? 41   GLY A N     1 
ATOM   309  C  CA    . GLY A 1 41  ? -1.281  -7.620  12.844  1.00 23.75 ? 41   GLY A CA    1 
ATOM   310  C  C     . GLY A 1 41  ? -1.170  -6.439  11.902  1.00 24.77 ? 41   GLY A C     1 
ATOM   311  O  O     . GLY A 1 41  ? -1.267  -6.589  10.686  1.00 23.33 ? 41   GLY A O     1 
ATOM   312  N  N     . GLY A 1 42  ? -0.976  -5.254  12.468  1.00 22.96 ? 42   GLY A N     1 
ATOM   313  C  CA    . GLY A 1 42  ? -0.840  -4.062  11.654  1.00 20.58 ? 42   GLY A CA    1 
ATOM   314  C  C     . GLY A 1 42  ? -1.982  -3.854  10.679  1.00 23.11 ? 42   GLY A C     1 
ATOM   315  O  O     . GLY A 1 42  ? -3.091  -4.355  10.882  1.00 26.79 ? 42   GLY A O     1 
ATOM   316  N  N     . VAL A 1 43  ? -1.708  -3.109  9.613   1.00 20.83 ? 43   VAL A N     1 
ATOM   317  C  CA    . VAL A 1 43  ? -2.716  -2.817  8.609   1.00 17.52 ? 43   VAL A CA    1 
ATOM   318  C  C     . VAL A 1 43  ? -3.177  -4.089  7.903   1.00 17.28 ? 43   VAL A C     1 
ATOM   319  O  O     . VAL A 1 43  ? -4.318  -4.172  7.444   1.00 18.32 ? 43   VAL A O     1 
ATOM   320  C  CB    . VAL A 1 43  ? -2.191  -1.789  7.581   1.00 14.24 ? 43   VAL A CB    1 
ATOM   321  C  CG1   . VAL A 1 43  ? -1.074  -2.394  6.740   1.00 11.70 ? 43   VAL A CG1   1 
ATOM   322  C  CG2   . VAL A 1 43  ? -3.339  -1.297  6.718   1.00 14.86 ? 43   VAL A CG2   1 
ATOM   323  N  N     . ALA A 1 44  ? -2.297  -5.085  7.836   1.00 14.67 ? 44   ALA A N     1 
ATOM   324  C  CA    . ALA A 1 44  ? -2.638  -6.357  7.207   1.00 16.47 ? 44   ALA A CA    1 
ATOM   325  C  C     . ALA A 1 44  ? -3.834  -6.980  7.932   1.00 20.60 ? 44   ALA A C     1 
ATOM   326  O  O     . ALA A 1 44  ? -4.775  -7.463  7.301   1.00 24.23 ? 44   ALA A O     1 
ATOM   327  C  CB    . ALA A 1 44  ? -1.451  -7.298  7.253   1.00 9.18  ? 44   ALA A CB    1 
ATOM   328  N  N     . TYR A 1 45  ? -3.792  -6.962  9.263   1.00 24.00 ? 45   TYR A N     1 
ATOM   329  C  CA    . TYR A 1 45  ? -4.879  -7.509  10.067  1.00 21.25 ? 45   TYR A CA    1 
ATOM   330  C  C     . TYR A 1 45  ? -6.157  -6.718  9.828   1.00 20.71 ? 45   TYR A C     1 
ATOM   331  O  O     . TYR A 1 45  ? -7.209  -7.287  9.561   1.00 19.32 ? 45   TYR A O     1 
ATOM   332  C  CB    . TYR A 1 45  ? -4.537  -7.444  11.557  1.00 23.18 ? 45   TYR A CB    1 
ATOM   333  C  CG    . TYR A 1 45  ? -5.646  -7.979  12.430  1.00 19.56 ? 45   TYR A CG    1 
ATOM   334  C  CD1   . TYR A 1 45  ? -5.774  -9.349  12.670  1.00 22.29 ? 45   TYR A CD1   1 
ATOM   335  C  CD2   . TYR A 1 45  ? -6.612  -7.126  12.958  1.00 16.50 ? 45   TYR A CD2   1 
ATOM   336  C  CE1   . TYR A 1 45  ? -6.840  -9.857  13.410  1.00 20.69 ? 45   TYR A CE1   1 
ATOM   337  C  CE2   . TYR A 1 45  ? -7.685  -7.623  13.697  1.00 24.57 ? 45   TYR A CE2   1 
ATOM   338  C  CZ    . TYR A 1 45  ? -7.793  -8.989  13.918  1.00 24.58 ? 45   TYR A CZ    1 
ATOM   339  O  OH    . TYR A 1 45  ? -8.852  -9.483  14.642  1.00 25.70 ? 45   TYR A OH    1 
ATOM   340  N  N     . ALA A 1 46  ? -6.062  -5.397  9.940   1.00 19.31 ? 46   ALA A N     1 
ATOM   341  C  CA    . ALA A 1 46  ? -7.221  -4.540  9.731   1.00 21.25 ? 46   ALA A CA    1 
ATOM   342  C  C     . ALA A 1 46  ? -7.885  -4.854  8.395   1.00 25.10 ? 46   ALA A C     1 
ATOM   343  O  O     . ALA A 1 46  ? -9.102  -5.047  8.322   1.00 27.74 ? 46   ALA A O     1 
ATOM   344  C  CB    . ALA A 1 46  ? -6.803  -3.075  9.772   1.00 23.60 ? 46   ALA A CB    1 
ATOM   345  N  N     . ILE A 1 47  ? -7.079  -4.904  7.338   1.00 24.76 ? 47   ILE A N     1 
ATOM   346  C  CA    . ILE A 1 47  ? -7.581  -5.192  6.007   1.00 19.79 ? 47   ILE A CA    1 
ATOM   347  C  C     . ILE A 1 47  ? -8.168  -6.602  5.914   1.00 23.08 ? 47   ILE A C     1 
ATOM   348  O  O     . ILE A 1 47  ? -9.255  -6.788  5.375   1.00 20.59 ? 47   ILE A O     1 
ATOM   349  C  CB    . ILE A 1 47  ? -6.464  -5.016  4.956   1.00 23.68 ? 47   ILE A CB    1 
ATOM   350  C  CG1   . ILE A 1 47  ? -6.093  -3.534  4.854   1.00 19.86 ? 47   ILE A CG1   1 
ATOM   351  C  CG2   . ILE A 1 47  ? -6.920  -5.560  3.596   1.00 21.54 ? 47   ILE A CG2   1 
ATOM   352  C  CD1   . ILE A 1 47  ? -4.947  -3.252  3.916   1.00 23.96 ? 47   ILE A CD1   1 
ATOM   353  N  N     . ALA A 1 48  ? -7.454  -7.590  6.444   1.00 19.12 ? 48   ALA A N     1 
ATOM   354  C  CA    . ALA A 1 48  ? -7.934  -8.964  6.401   1.00 23.32 ? 48   ALA A CA    1 
ATOM   355  C  C     . ALA A 1 48  ? -9.279  -9.086  7.124   1.00 26.13 ? 48   ALA A C     1 
ATOM   356  O  O     . ALA A 1 48  ? -10.216 -9.715  6.626   1.00 26.29 ? 48   ALA A O     1 
ATOM   357  C  CB    . ALA A 1 48  ? -6.905  -9.894  7.034   1.00 17.96 ? 48   ALA A CB    1 
ATOM   358  N  N     . LYS A 1 49  ? -9.365  -8.461  8.292   1.00 26.84 ? 49   LYS A N     1 
ATOM   359  C  CA    . LYS A 1 49  ? -10.575 -8.480  9.110   1.00 28.26 ? 49   LYS A CA    1 
ATOM   360  C  C     . LYS A 1 49  ? -11.750 -7.799  8.414   1.00 28.79 ? 49   LYS A C     1 
ATOM   361  O  O     . LYS A 1 49  ? -12.876 -8.289  8.466   1.00 29.85 ? 49   LYS A O     1 
ATOM   362  C  CB    . LYS A 1 49  ? -10.302 -7.773  10.443  1.00 32.23 ? 49   LYS A CB    1 
ATOM   363  C  CG    . LYS A 1 49  ? -11.478 -7.715  11.411  1.00 35.18 ? 49   LYS A CG    1 
ATOM   364  C  CD    . LYS A 1 49  ? -11.547 -8.965  12.282  1.00 45.04 ? 49   LYS A CD    1 
ATOM   365  C  CE    . LYS A 1 49  ? -12.575 -8.802  13.400  1.00 50.58 ? 49   LYS A CE    1 
ATOM   366  N  NZ    . LYS A 1 49  ? -12.539 -9.931  14.378  1.00 51.43 ? 49   LYS A NZ    1 
ATOM   367  N  N     . ALA A 1 50  ? -11.485 -6.666  7.769   1.00 27.02 ? 50   ALA A N     1 
ATOM   368  C  CA    . ALA A 1 50  ? -12.527 -5.904  7.086   1.00 29.22 ? 50   ALA A CA    1 
ATOM   369  C  C     . ALA A 1 50  ? -13.013 -6.537  5.782   1.00 32.51 ? 50   ALA A C     1 
ATOM   370  O  O     . ALA A 1 50  ? -14.141 -6.292  5.346   1.00 33.57 ? 50   ALA A O     1 
ATOM   371  C  CB    . ALA A 1 50  ? -12.039 -4.480  6.819   1.00 27.27 ? 50   ALA A CB    1 
ATOM   372  N  N     . CYS A 1 51  ? -12.165 -7.344  5.156   1.00 29.77 ? 51   CYS A N     1 
ATOM   373  C  CA    . CYS A 1 51  ? -12.529 -7.986  3.903   1.00 29.92 ? 51   CYS A CA    1 
ATOM   374  C  C     . CYS A 1 51  ? -13.295 -9.285  4.095   1.00 32.11 ? 51   CYS A C     1 
ATOM   375  O  O     . CYS A 1 51  ? -14.344 -9.488  3.487   1.00 34.36 ? 51   CYS A O     1 
ATOM   376  C  CB    . CYS A 1 51  ? -11.277 -8.273  3.068   1.00 27.61 ? 51   CYS A CB    1 
ATOM   377  S  SG    . CYS A 1 51  ? -10.466 -6.809  2.398   1.00 22.95 ? 51   CYS A SG    1 
ATOM   378  N  N     . ALA A 1 52  ? -12.771 -10.161 4.943   1.00 31.59 ? 52   ALA A N     1 
ATOM   379  C  CA    . ALA A 1 52  ? -13.394 -11.457 5.171   1.00 32.35 ? 52   ALA A CA    1 
ATOM   380  C  C     . ALA A 1 52  ? -14.156 -11.606 6.482   1.00 33.57 ? 52   ALA A C     1 
ATOM   381  O  O     . ALA A 1 52  ? -14.810 -12.624 6.700   1.00 36.61 ? 52   ALA A O     1 
ATOM   382  C  CB    . ALA A 1 52  ? -12.335 -12.549 5.071   1.00 28.80 ? 52   ALA A CB    1 
ATOM   383  N  N     . GLY A 1 53  ? -14.075 -10.606 7.353   1.00 34.23 ? 53   GLY A N     1 
ATOM   384  C  CA    . GLY A 1 53  ? -14.765 -10.692 8.629   1.00 33.39 ? 53   GLY A CA    1 
ATOM   385  C  C     . GLY A 1 53  ? -13.917 -11.421 9.655   1.00 34.88 ? 53   GLY A C     1 
ATOM   386  O  O     . GLY A 1 53  ? -14.195 -11.376 10.852  1.00 36.40 ? 53   GLY A O     1 
ATOM   387  N  N     . ASP A 1 54  ? -12.880 -12.099 9.173   1.00 36.99 ? 54   ASP A N     1 
ATOM   388  C  CA    . ASP A 1 54  ? -11.953 -12.845 10.018  1.00 36.70 ? 54   ASP A CA    1 
ATOM   389  C  C     . ASP A 1 54  ? -10.587 -12.900 9.333   1.00 37.44 ? 54   ASP A C     1 
ATOM   390  O  O     . ASP A 1 54  ? -10.441 -13.495 8.264   1.00 35.67 ? 54   ASP A O     1 
ATOM   391  C  CB    . ASP A 1 54  ? -12.472 -14.265 10.265  1.00 39.43 ? 54   ASP A CB    1 
ATOM   392  C  CG    . ASP A 1 54  ? -11.434 -15.160 10.928  1.00 47.44 ? 54   ASP A CG    1 
ATOM   393  O  OD1   . ASP A 1 54  ? -10.475 -15.573 10.240  1.00 49.75 ? 54   ASP A OD1   1 
ATOM   394  O  OD2   . ASP A 1 54  ? -11.572 -15.442 12.139  1.00 51.79 ? 54   ASP A OD2   1 
ATOM   395  N  N     . ALA A 1 55  ? -9.593  -12.278 9.963   1.00 35.26 ? 55   ALA A N     1 
ATOM   396  C  CA    . ALA A 1 55  ? -8.235  -12.225 9.426   1.00 34.69 ? 55   ALA A CA    1 
ATOM   397  C  C     . ALA A 1 55  ? -7.674  -13.589 9.025   1.00 33.30 ? 55   ALA A C     1 
ATOM   398  O  O     . ALA A 1 55  ? -7.032  -13.725 7.981   1.00 33.59 ? 55   ALA A O     1 
ATOM   399  C  CB    . ALA A 1 55  ? -7.311  -11.557 10.436  1.00 32.39 ? 55   ALA A CB    1 
ATOM   400  N  N     . GLY A 1 56  ? -7.913  -14.598 9.853   1.00 33.60 ? 56   GLY A N     1 
ATOM   401  C  CA    . GLY A 1 56  ? -7.410  -15.924 9.545   1.00 31.49 ? 56   GLY A CA    1 
ATOM   402  C  C     . GLY A 1 56  ? -7.937  -16.432 8.216   1.00 30.47 ? 56   GLY A C     1 
ATOM   403  O  O     . GLY A 1 56  ? -7.240  -17.132 7.487   1.00 27.40 ? 56   GLY A O     1 
ATOM   404  N  N     . LEU A 1 57  ? -9.176  -16.080 7.899   1.00 28.55 ? 57   LEU A N     1 
ATOM   405  C  CA    . LEU A 1 57  ? -9.774  -16.515 6.647   1.00 33.25 ? 57   LEU A CA    1 
ATOM   406  C  C     . LEU A 1 57  ? -9.095  -15.847 5.454   1.00 33.56 ? 57   LEU A C     1 
ATOM   407  O  O     . LEU A 1 57  ? -8.736  -16.510 4.479   1.00 35.64 ? 57   LEU A O     1 
ATOM   408  C  CB    . LEU A 1 57  ? -11.273 -16.205 6.644   1.00 36.96 ? 57   LEU A CB    1 
ATOM   409  C  CG    . LEU A 1 57  ? -12.038 -16.453 5.341   1.00 45.52 ? 57   LEU A CG    1 
ATOM   410  C  CD1   . LEU A 1 57  ? -11.809 -17.883 4.860   1.00 48.06 ? 57   LEU A CD1   1 
ATOM   411  C  CD2   . LEU A 1 57  ? -13.521 -16.184 5.570   1.00 47.81 ? 57   LEU A CD2   1 
ATOM   412  N  N     . TYR A 1 58  ? -8.905  -14.534 5.537   1.00 30.61 ? 58   TYR A N     1 
ATOM   413  C  CA    . TYR A 1 58  ? -8.274  -13.808 4.444   1.00 31.11 ? 58   TYR A CA    1 
ATOM   414  C  C     . TYR A 1 58  ? -6.824  -14.230 4.283   1.00 28.62 ? 58   TYR A C     1 
ATOM   415  O  O     . TYR A 1 58  ? -6.271  -14.172 3.189   1.00 30.27 ? 58   TYR A O     1 
ATOM   416  C  CB    . TYR A 1 58  ? -8.354  -12.303 4.677   1.00 27.36 ? 58   TYR A CB    1 
ATOM   417  C  CG    . TYR A 1 58  ? -8.404  -11.516 3.393   1.00 28.03 ? 58   TYR A CG    1 
ATOM   418  C  CD1   . TYR A 1 58  ? -9.434  -11.725 2.474   1.00 24.43 ? 58   TYR A CD1   1 
ATOM   419  C  CD2   . TYR A 1 58  ? -7.440  -10.546 3.098   1.00 21.36 ? 58   TYR A CD2   1 
ATOM   420  C  CE1   . TYR A 1 58  ? -9.510  -10.985 1.294   1.00 23.07 ? 58   TYR A CE1   1 
ATOM   421  C  CE2   . TYR A 1 58  ? -7.508  -9.802  1.922   1.00 18.46 ? 58   TYR A CE2   1 
ATOM   422  C  CZ    . TYR A 1 58  ? -8.548  -10.027 1.025   1.00 23.39 ? 58   TYR A CZ    1 
ATOM   423  O  OH    . TYR A 1 58  ? -8.641  -9.287  -0.133  1.00 24.26 ? 58   TYR A OH    1 
ATOM   424  N  N     . THR A 1 59  ? -6.210  -14.657 5.379   1.00 31.21 ? 59   THR A N     1 
ATOM   425  C  CA    . THR A 1 59  ? -4.826  -15.109 5.337   1.00 33.19 ? 59   THR A CA    1 
ATOM   426  C  C     . THR A 1 59  ? -4.740  -16.338 4.437   1.00 34.94 ? 59   THR A C     1 
ATOM   427  O  O     . THR A 1 59  ? -3.816  -16.472 3.633   1.00 35.59 ? 59   THR A O     1 
ATOM   428  C  CB    . THR A 1 59  ? -4.324  -15.480 6.747   1.00 29.79 ? 59   THR A CB    1 
ATOM   429  O  OG1   . THR A 1 59  ? -4.303  -14.305 7.564   1.00 35.86 ? 59   THR A OG1   1 
ATOM   430  C  CG2   . THR A 1 59  ? -2.931  -16.077 6.684   1.00 19.95 ? 59   THR A CG2   1 
ATOM   431  N  N     . GLU A 1 60  ? -5.716  -17.230 4.573   1.00 35.12 ? 60   GLU A N     1 
ATOM   432  C  CA    . GLU A 1 60  ? -5.750  -18.446 3.770   1.00 39.95 ? 60   GLU A CA    1 
ATOM   433  C  C     . GLU A 1 60  ? -6.049  -18.151 2.307   1.00 36.25 ? 60   GLU A C     1 
ATOM   434  O  O     . GLU A 1 60  ? -5.419  -18.714 1.413   1.00 35.98 ? 60   GLU A O     1 
ATOM   435  C  CB    . GLU A 1 60  ? -6.781  -19.422 4.342   1.00 42.57 ? 60   GLU A CB    1 
ATOM   436  C  CG    . GLU A 1 60  ? -6.176  -20.441 5.299   1.00 51.84 ? 60   GLU A CG    1 
ATOM   437  C  CD    . GLU A 1 60  ? -5.053  -19.858 6.145   1.00 58.95 ? 60   GLU A CD    1 
ATOM   438  O  OE1   . GLU A 1 60  ? -5.307  -18.910 6.921   1.00 61.52 ? 60   GLU A OE1   1 
ATOM   439  O  OE2   . GLU A 1 60  ? -3.908  -20.349 6.027   1.00 61.00 ? 60   GLU A OE2   1 
ATOM   440  N  N     . ILE A 1 61  ? -7.005  -17.260 2.069   1.00 34.01 ? 61   ILE A N     1 
ATOM   441  C  CA    . ILE A 1 61  ? -7.369  -16.880 0.709   1.00 30.95 ? 61   ILE A CA    1 
ATOM   442  C  C     . ILE A 1 61  ? -6.166  -16.247 0.019   1.00 32.12 ? 61   ILE A C     1 
ATOM   443  O  O     . ILE A 1 61  ? -5.914  -16.492 -1.161  1.00 36.53 ? 61   ILE A O     1 
ATOM   444  C  CB    . ILE A 1 61  ? -8.530  -15.870 0.710   1.00 26.81 ? 61   ILE A CB    1 
ATOM   445  C  CG1   . ILE A 1 61  ? -9.793  -16.542 1.250   1.00 23.11 ? 61   ILE A CG1   1 
ATOM   446  C  CG2   . ILE A 1 61  ? -8.756  -15.331 -0.691  1.00 29.36 ? 61   ILE A CG2   1 
ATOM   447  C  CD1   . ILE A 1 61  ? -10.992 -15.617 1.359   1.00 28.43 ? 61   ILE A CD1   1 
ATOM   448  N  N     . SER A 1 62  ? -5.424  -15.443 0.774   1.00 31.33 ? 62   SER A N     1 
ATOM   449  C  CA    . SER A 1 62  ? -4.239  -14.768 0.257   1.00 30.24 ? 62   SER A CA    1 
ATOM   450  C  C     . SER A 1 62  ? -3.132  -15.754 -0.089  1.00 30.66 ? 62   SER A C     1 
ATOM   451  O  O     . SER A 1 62  ? -2.443  -15.592 -1.096  1.00 31.98 ? 62   SER A O     1 
ATOM   452  C  CB    . SER A 1 62  ? -3.719  -13.755 1.282   1.00 29.66 ? 62   SER A CB    1 
ATOM   453  O  OG    . SER A 1 62  ? -4.655  -12.713 1.492   1.00 23.35 ? 62   SER A OG    1 
ATOM   454  N  N     . LYS A 1 63  ? -2.948  -16.770 0.748   1.00 30.63 ? 63   LYS A N     1 
ATOM   455  C  CA    . LYS A 1 63  ? -1.916  -17.761 0.479   1.00 33.99 ? 63   LYS A CA    1 
ATOM   456  C  C     . LYS A 1 63  ? -2.266  -18.516 -0.796  1.00 34.09 ? 63   LYS A C     1 
ATOM   457  O  O     . LYS A 1 63  ? -1.397  -18.778 -1.627  1.00 33.80 ? 63   LYS A O     1 
ATOM   458  C  CB    . LYS A 1 63  ? -1.775  -18.735 1.652   1.00 34.00 ? 63   LYS A CB    1 
ATOM   459  C  CG    . LYS A 1 63  ? -1.327  -18.061 2.940   1.00 41.25 ? 63   LYS A CG    1 
ATOM   460  C  CD    . LYS A 1 63  ? -0.869  -19.062 3.987   1.00 37.63 ? 63   LYS A CD    1 
ATOM   461  C  CE    . LYS A 1 63  ? -0.387  -18.353 5.238   1.00 36.45 ? 63   LYS A CE    1 
ATOM   462  N  NZ    . LYS A 1 63  ? 0.301   -19.277 6.181   1.00 38.94 ? 63   LYS A NZ    1 
ATOM   463  N  N     . LYS A 1 64  ? -3.544  -18.854 -0.953  1.00 34.05 ? 64   LYS A N     1 
ATOM   464  C  CA    . LYS A 1 64  ? -3.997  -19.560 -2.146  1.00 35.42 ? 64   LYS A CA    1 
ATOM   465  C  C     . LYS A 1 64  ? -3.715  -18.735 -3.398  1.00 35.57 ? 64   LYS A C     1 
ATOM   466  O  O     . LYS A 1 64  ? -3.086  -19.222 -4.340  1.00 34.67 ? 64   LYS A O     1 
ATOM   467  C  CB    . LYS A 1 64  ? -5.497  -19.852 -2.073  1.00 38.26 ? 64   LYS A CB    1 
ATOM   468  C  CG    . LYS A 1 64  ? -5.880  -20.979 -1.141  1.00 43.27 ? 64   LYS A CG    1 
ATOM   469  C  CD    . LYS A 1 64  ? -7.361  -21.295 -1.260  1.00 49.38 ? 64   LYS A CD    1 
ATOM   470  C  CE    . LYS A 1 64  ? -7.750  -22.469 -0.374  1.00 56.51 ? 64   LYS A CE    1 
ATOM   471  N  NZ    . LYS A 1 64  ? -9.177  -22.865 -0.554  1.00 58.92 ? 64   LYS A NZ    1 
ATOM   472  N  N     . ALA A 1 65  ? -4.177  -17.485 -3.398  1.00 30.79 ? 65   ALA A N     1 
ATOM   473  C  CA    . ALA A 1 65  ? -3.982  -16.598 -4.542  1.00 32.08 ? 65   ALA A CA    1 
ATOM   474  C  C     . ALA A 1 65  ? -2.505  -16.428 -4.873  1.00 32.73 ? 65   ALA A C     1 
ATOM   475  O  O     . ALA A 1 65  ? -2.127  -16.357 -6.041  1.00 34.79 ? 65   ALA A O     1 
ATOM   476  C  CB    . ALA A 1 65  ? -4.625  -15.238 -4.273  1.00 25.81 ? 65   ALA A CB    1 
ATOM   477  N  N     . MET A 1 66  ? -1.672  -16.365 -3.842  1.00 34.00 ? 66   MET A N     1 
ATOM   478  C  CA    . MET A 1 66  ? -0.239  -16.213 -4.042  1.00 38.01 ? 66   MET A CA    1 
ATOM   479  C  C     . MET A 1 66  ? 0.319   -17.456 -4.722  1.00 42.52 ? 66   MET A C     1 
ATOM   480  O  O     . MET A 1 66  ? 1.033   -17.365 -5.721  1.00 42.42 ? 66   MET A O     1 
ATOM   481  C  CB    . MET A 1 66  ? 0.461   -15.988 -2.700  1.00 34.61 ? 66   MET A CB    1 
ATOM   482  C  CG    . MET A 1 66  ? 1.980   -16.001 -2.773  1.00 33.15 ? 66   MET A CG    1 
ATOM   483  S  SD    . MET A 1 66  ? 2.768   -15.389 -1.264  1.00 37.34 ? 66   MET A SD    1 
ATOM   484  C  CE    . MET A 1 66  ? 2.261   -16.628 -0.085  1.00 30.89 ? 66   MET A CE    1 
ATOM   485  N  N     . ARG A 1 67  ? -0.015  -18.619 -4.173  1.00 47.20 ? 67   ARG A N     1 
ATOM   486  C  CA    . ARG A 1 67  ? 0.448   -19.890 -4.720  1.00 49.06 ? 67   ARG A CA    1 
ATOM   487  C  C     . ARG A 1 67  ? 0.014   -19.991 -6.180  1.00 46.68 ? 67   ARG A C     1 
ATOM   488  O  O     . ARG A 1 67  ? 0.769   -20.441 -7.041  1.00 45.29 ? 67   ARG A O     1 
ATOM   489  C  CB    . ARG A 1 67  ? -0.160  -21.051 -3.928  1.00 54.02 ? 67   ARG A CB    1 
ATOM   490  C  CG    . ARG A 1 67  ? 0.593   -22.367 -4.049  1.00 61.74 ? 67   ARG A CG    1 
ATOM   491  C  CD    . ARG A 1 67  ? 1.905   -22.304 -3.281  1.00 69.68 ? 67   ARG A CD    1 
ATOM   492  N  NE    . ARG A 1 67  ? 2.580   -23.599 -3.200  1.00 72.43 ? 67   ARG A NE    1 
ATOM   493  C  CZ    . ARG A 1 67  ? 3.129   -24.228 -4.234  1.00 75.76 ? 67   ARG A CZ    1 
ATOM   494  N  NH1   . ARG A 1 67  ? 3.718   -25.402 -4.057  1.00 79.22 ? 67   ARG A NH1   1 
ATOM   495  N  NH2   . ARG A 1 67  ? 3.097   -23.686 -5.444  1.00 76.23 ? 67   ARG A NH2   1 
ATOM   496  N  N     . GLU A 1 68  ? -1.208  -19.553 -6.450  1.00 42.86 ? 68   GLU A N     1 
ATOM   497  C  CA    . GLU A 1 68  ? -1.759  -19.604 -7.794  1.00 42.62 ? 68   GLU A CA    1 
ATOM   498  C  C     . GLU A 1 68  ? -1.085  -18.603 -8.730  1.00 42.33 ? 68   GLU A C     1 
ATOM   499  O  O     . GLU A 1 68  ? -0.828  -18.907 -9.892  1.00 43.12 ? 68   GLU A O     1 
ATOM   500  C  CB    . GLU A 1 68  ? -3.262  -19.328 -7.737  1.00 43.01 ? 68   GLU A CB    1 
ATOM   501  C  CG    . GLU A 1 68  ? -4.042  -19.852 -8.924  1.00 48.74 ? 68   GLU A CG    1 
ATOM   502  C  CD    . GLU A 1 68  ? -5.528  -19.573 -8.806  1.00 52.97 ? 68   GLU A CD    1 
ATOM   503  O  OE1   . GLU A 1 68  ? -6.311  -20.195 -9.561  1.00 58.30 ? 68   GLU A OE1   1 
ATOM   504  O  OE2   . GLU A 1 68  ? -5.910  -18.728 -7.967  1.00 48.80 ? 68   GLU A OE2   1 
ATOM   505  N  N     . GLN A 1 69  ? -0.787  -17.417 -8.207  1.00 41.29 ? 69   GLN A N     1 
ATOM   506  C  CA    . GLN A 1 69  ? -0.169  -16.355 -8.993  1.00 34.98 ? 69   GLN A CA    1 
ATOM   507  C  C     . GLN A 1 69  ? 1.354   -16.382 -9.092  1.00 34.41 ? 69   GLN A C     1 
ATOM   508  O  O     . GLN A 1 69  ? 1.925   -15.700 -9.938  1.00 35.54 ? 69   GLN A O     1 
ATOM   509  C  CB    . GLN A 1 69  ? -0.625  -14.998 -8.453  1.00 31.69 ? 69   GLN A CB    1 
ATOM   510  C  CG    . GLN A 1 69  ? -2.094  -14.712 -8.711  1.00 31.16 ? 69   GLN A CG    1 
ATOM   511  C  CD    . GLN A 1 69  ? -2.616  -13.520 -7.935  1.00 34.06 ? 69   GLN A CD    1 
ATOM   512  O  OE1   . GLN A 1 69  ? -2.023  -12.439 -7.953  1.00 31.12 ? 69   GLN A OE1   1 
ATOM   513  N  NE2   . GLN A 1 69  ? -3.741  -13.709 -7.254  1.00 29.90 ? 69   GLN A NE2   1 
ATOM   514  N  N     . PHE A 1 70  ? 2.017   -17.156 -8.239  1.00 35.57 ? 70   PHE A N     1 
ATOM   515  C  CA    . PHE A 1 70  ? 3.475   -17.221 -8.281  1.00 37.19 ? 70   PHE A CA    1 
ATOM   516  C  C     . PHE A 1 70  ? 4.056   -18.629 -8.178  1.00 41.36 ? 70   PHE A C     1 
ATOM   517  O  O     . PHE A 1 70  ? 5.206   -18.861 -8.555  1.00 42.48 ? 70   PHE A O     1 
ATOM   518  C  CB    . PHE A 1 70  ? 4.077   -16.339 -7.183  1.00 32.98 ? 70   PHE A CB    1 
ATOM   519  C  CG    . PHE A 1 70  ? 3.777   -14.878 -7.354  1.00 33.55 ? 70   PHE A CG    1 
ATOM   520  C  CD1   . PHE A 1 70  ? 2.568   -14.346 -6.920  1.00 31.55 ? 70   PHE A CD1   1 
ATOM   521  C  CD2   . PHE A 1 70  ? 4.690   -14.040 -7.981  1.00 30.68 ? 70   PHE A CD2   1 
ATOM   522  C  CE1   . PHE A 1 70  ? 2.275   -13.000 -7.109  1.00 34.46 ? 70   PHE A CE1   1 
ATOM   523  C  CE2   . PHE A 1 70  ? 4.404   -12.696 -8.175  1.00 32.41 ? 70   PHE A CE2   1 
ATOM   524  C  CZ    . PHE A 1 70  ? 3.194   -12.173 -7.739  1.00 32.28 ? 70   PHE A CZ    1 
ATOM   525  N  N     . GLY A 1 71  ? 3.268   -19.565 -7.667  1.00 43.73 ? 71   GLY A N     1 
ATOM   526  C  CA    . GLY A 1 71  ? 3.746   -20.930 -7.552  1.00 45.31 ? 71   GLY A CA    1 
ATOM   527  C  C     . GLY A 1 71  ? 4.566   -21.207 -6.309  1.00 46.06 ? 71   GLY A C     1 
ATOM   528  O  O     . GLY A 1 71  ? 5.225   -22.246 -6.212  1.00 48.38 ? 71   GLY A O     1 
ATOM   529  N  N     . ARG A 1 72  ? 4.540   -20.281 -5.356  1.00 42.82 ? 72   ARG A N     1 
ATOM   530  C  CA    . ARG A 1 72  ? 5.277   -20.464 -4.117  1.00 40.53 ? 72   ARG A CA    1 
ATOM   531  C  C     . ARG A 1 72  ? 4.540   -19.913 -2.906  1.00 41.21 ? 72   ARG A C     1 
ATOM   532  O  O     . ARG A 1 72  ? 3.492   -19.281 -3.034  1.00 40.56 ? 72   ARG A O     1 
ATOM   533  C  CB    . ARG A 1 72  ? 6.679   -19.851 -4.217  1.00 40.00 ? 72   ARG A CB    1 
ATOM   534  C  CG    . ARG A 1 72  ? 6.787   -18.559 -5.008  1.00 35.40 ? 72   ARG A CG    1 
ATOM   535  C  CD    . ARG A 1 72  ? 8.224   -18.057 -4.964  1.00 36.30 ? 72   ARG A CD    1 
ATOM   536  N  NE    . ARG A 1 72  ? 8.537   -17.151 -6.065  1.00 39.62 ? 72   ARG A NE    1 
ATOM   537  C  CZ    . ARG A 1 72  ? 8.059   -15.918 -6.188  1.00 41.58 ? 72   ARG A CZ    1 
ATOM   538  N  NH1   . ARG A 1 72  ? 8.406   -15.182 -7.232  1.00 40.67 ? 72   ARG A NH1   1 
ATOM   539  N  NH2   . ARG A 1 72  ? 7.245   -15.416 -5.267  1.00 41.06 ? 72   ARG A NH2   1 
ATOM   540  N  N     . ASP A 1 73  ? 5.095   -20.170 -1.729  1.00 42.95 ? 73   ASP A N     1 
ATOM   541  C  CA    . ASP A 1 73  ? 4.489   -19.729 -0.481  1.00 45.14 ? 73   ASP A CA    1 
ATOM   542  C  C     . ASP A 1 73  ? 5.057   -18.406 0.013   1.00 45.28 ? 73   ASP A C     1 
ATOM   543  O  O     . ASP A 1 73  ? 5.031   -18.120 1.210   1.00 45.76 ? 73   ASP A O     1 
ATOM   544  C  CB    . ASP A 1 73  ? 4.681   -20.803 0.588   1.00 46.49 ? 73   ASP A CB    1 
ATOM   545  C  CG    . ASP A 1 73  ? 3.972   -22.097 0.243   1.00 52.80 ? 73   ASP A CG    1 
ATOM   546  O  OD1   . ASP A 1 73  ? 4.199   -23.109 0.941   1.00 58.08 ? 73   ASP A OD1   1 
ATOM   547  O  OD2   . ASP A 1 73  ? 3.179   -22.101 -0.721  1.00 52.63 ? 73   ASP A OD2   1 
ATOM   548  N  N     . TYR A 1 74  ? 5.567   -17.598 -0.906  1.00 42.21 ? 74   TYR A N     1 
ATOM   549  C  CA    . TYR A 1 74  ? 6.126   -16.310 -0.525  1.00 40.08 ? 74   TYR A CA    1 
ATOM   550  C  C     . TYR A 1 74  ? 6.318   -15.434 -1.751  1.00 38.27 ? 74   TYR A C     1 
ATOM   551  O  O     . TYR A 1 74  ? 6.391   -15.933 -2.875  1.00 38.69 ? 74   TYR A O     1 
ATOM   552  C  CB    . TYR A 1 74  ? 7.470   -16.520 0.176   1.00 40.47 ? 74   TYR A CB    1 
ATOM   553  C  CG    . TYR A 1 74  ? 8.619   -16.804 -0.770  1.00 44.26 ? 74   TYR A CG    1 
ATOM   554  C  CD1   . TYR A 1 74  ? 9.303   -15.762 -1.401  1.00 42.41 ? 74   TYR A CD1   1 
ATOM   555  C  CD2   . TYR A 1 74  ? 9.009   -18.111 -1.053  1.00 45.96 ? 74   TYR A CD2   1 
ATOM   556  C  CE1   . TYR A 1 74  ? 10.343  -16.015 -2.288  1.00 46.66 ? 74   TYR A CE1   1 
ATOM   557  C  CE2   . TYR A 1 74  ? 10.051  -18.376 -1.943  1.00 45.40 ? 74   TYR A CE2   1 
ATOM   558  C  CZ    . TYR A 1 74  ? 10.711  -17.323 -2.555  1.00 48.56 ? 74   TYR A CZ    1 
ATOM   559  O  OH    . TYR A 1 74  ? 11.734  -17.575 -3.438  1.00 52.01 ? 74   TYR A OH    1 
ATOM   560  N  N     . ILE A 1 75  ? 6.391   -14.126 -1.534  1.00 33.97 ? 75   ILE A N     1 
ATOM   561  C  CA    . ILE A 1 75  ? 6.610   -13.192 -2.633  1.00 30.94 ? 75   ILE A CA    1 
ATOM   562  C  C     . ILE A 1 75  ? 7.811   -12.320 -2.312  1.00 29.59 ? 75   ILE A C     1 
ATOM   563  O  O     . ILE A 1 75  ? 8.173   -12.161 -1.148  1.00 28.99 ? 75   ILE A O     1 
ATOM   564  C  CB    . ILE A 1 75  ? 5.383   -12.282 -2.885  1.00 29.03 ? 75   ILE A CB    1 
ATOM   565  C  CG1   . ILE A 1 75  ? 4.920   -11.642 -1.578  1.00 26.69 ? 75   ILE A CG1   1 
ATOM   566  C  CG2   . ILE A 1 75  ? 4.262   -13.087 -3.524  1.00 34.22 ? 75   ILE A CG2   1 
ATOM   567  C  CD1   . ILE A 1 75  ? 3.853   -10.586 -1.765  1.00 19.98 ? 75   ILE A CD1   1 
ATOM   568  N  N     . ASP A 1 76  ? 8.440   -11.780 -3.349  1.00 30.29 ? 76   ASP A N     1 
ATOM   569  C  CA    . ASP A 1 76  ? 9.597   -10.913 -3.171  1.00 30.89 ? 76   ASP A CA    1 
ATOM   570  C  C     . ASP A 1 76  ? 9.162   -9.461  -3.307  1.00 32.63 ? 76   ASP A C     1 
ATOM   571  O  O     . ASP A 1 76  ? 8.112   -9.175  -3.889  1.00 31.14 ? 76   ASP A O     1 
ATOM   572  C  CB    . ASP A 1 76  ? 10.672  -11.227 -4.213  1.00 36.71 ? 76   ASP A CB    1 
ATOM   573  C  CG    . ASP A 1 76  ? 11.293  -12.604 -4.024  1.00 48.46 ? 76   ASP A CG    1 
ATOM   574  O  OD1   . ASP A 1 76  ? 11.743  -12.905 -2.898  1.00 51.26 ? 76   ASP A OD1   1 
ATOM   575  O  OD2   . ASP A 1 76  ? 11.338  -13.382 -5.003  1.00 52.97 ? 76   ASP A OD2   1 
ATOM   576  N  N     . HIS A 1 77  ? 9.969   -8.552  -2.766  1.00 28.62 ? 77   HIS A N     1 
ATOM   577  C  CA    . HIS A 1 77  ? 9.671   -7.127  -2.831  1.00 27.91 ? 77   HIS A CA    1 
ATOM   578  C  C     . HIS A 1 77  ? 9.448   -6.738  -4.282  1.00 26.08 ? 77   HIS A C     1 
ATOM   579  O  O     . HIS A 1 77  ? 10.307  -6.975  -5.128  1.00 26.19 ? 77   HIS A O     1 
ATOM   580  C  CB    . HIS A 1 77  ? 10.833  -6.309  -2.263  1.00 27.77 ? 77   HIS A CB    1 
ATOM   581  C  CG    . HIS A 1 77  ? 11.255  -6.733  -0.891  1.00 27.82 ? 77   HIS A CG    1 
ATOM   582  N  ND1   . HIS A 1 77  ? 10.386  -6.767  0.177   1.00 27.90 ? 77   HIS A ND1   1 
ATOM   583  C  CD2   . HIS A 1 77  ? 12.454  -7.143  -0.416  1.00 25.89 ? 77   HIS A CD2   1 
ATOM   584  C  CE1   . HIS A 1 77  ? 11.031  -7.181  1.253   1.00 31.33 ? 77   HIS A CE1   1 
ATOM   585  N  NE2   . HIS A 1 77  ? 12.288  -7.415  0.919   1.00 31.42 ? 77   HIS A NE2   1 
ATOM   586  N  N     . GLY A 1 78  ? 8.298   -6.138  -4.569  1.00 24.51 ? 78   GLY A N     1 
ATOM   587  C  CA    . GLY A 1 78  ? 8.001   -5.740  -5.932  1.00 24.06 ? 78   GLY A CA    1 
ATOM   588  C  C     . GLY A 1 78  ? 6.882   -6.573  -6.528  1.00 23.67 ? 78   GLY A C     1 
ATOM   589  O  O     . GLY A 1 78  ? 6.143   -6.108  -7.396  1.00 25.68 ? 78   GLY A O     1 
ATOM   590  N  N     . GLU A 1 79  ? 6.763   -7.814  -6.066  1.00 23.47 ? 79   GLU A N     1 
ATOM   591  C  CA    . GLU A 1 79  ? 5.723   -8.715  -6.541  1.00 24.53 ? 79   GLU A CA    1 
ATOM   592  C  C     . GLU A 1 79  ? 4.432   -8.398  -5.806  1.00 24.10 ? 79   GLU A C     1 
ATOM   593  O  O     . GLU A 1 79  ? 4.442   -8.151  -4.600  1.00 22.21 ? 79   GLU A O     1 
ATOM   594  C  CB    . GLU A 1 79  ? 6.126   -10.174 -6.299  1.00 26.71 ? 79   GLU A CB    1 
ATOM   595  C  CG    . GLU A 1 79  ? 7.261   -10.650 -7.190  1.00 32.86 ? 79   GLU A CG    1 
ATOM   596  C  CD    . GLU A 1 79  ? 7.701   -12.074 -6.892  1.00 40.83 ? 79   GLU A CD    1 
ATOM   597  O  OE1   . GLU A 1 79  ? 8.464   -12.636 -7.709  1.00 43.87 ? 79   GLU A OE1   1 
ATOM   598  O  OE2   . GLU A 1 79  ? 7.294   -12.627 -5.847  1.00 42.91 ? 79   GLU A OE2   1 
ATOM   599  N  N     . VAL A 1 80  ? 3.321   -8.409  -6.535  1.00 22.04 ? 80   VAL A N     1 
ATOM   600  C  CA    . VAL A 1 80  ? 2.033   -8.108  -5.940  1.00 21.46 ? 80   VAL A CA    1 
ATOM   601  C  C     . VAL A 1 80  ? 1.014   -9.218  -6.134  1.00 26.15 ? 80   VAL A C     1 
ATOM   602  O  O     . VAL A 1 80  ? 0.773   -9.675  -7.254  1.00 26.84 ? 80   VAL A O     1 
ATOM   603  C  CB    . VAL A 1 80  ? 1.456   -6.802  -6.518  1.00 21.68 ? 80   VAL A CB    1 
ATOM   604  C  CG1   . VAL A 1 80  ? 0.123   -6.480  -5.853  1.00 15.00 ? 80   VAL A CG1   1 
ATOM   605  C  CG2   . VAL A 1 80  ? 2.448   -5.664  -6.311  1.00 22.70 ? 80   VAL A CG2   1 
ATOM   606  N  N     . VAL A 1 81  ? 0.423   -9.652  -5.027  1.00 25.82 ? 81   VAL A N     1 
ATOM   607  C  CA    . VAL A 1 81  ? -0.596  -10.690 -5.054  1.00 26.41 ? 81   VAL A CA    1 
ATOM   608  C  C     . VAL A 1 81  ? -1.935  -9.973  -4.952  1.00 25.34 ? 81   VAL A C     1 
ATOM   609  O  O     . VAL A 1 81  ? -2.133  -9.147  -4.062  1.00 25.68 ? 81   VAL A O     1 
ATOM   610  C  CB    . VAL A 1 81  ? -0.451  -11.672 -3.864  1.00 26.64 ? 81   VAL A CB    1 
ATOM   611  C  CG1   . VAL A 1 81  ? -1.609  -12.672 -3.861  1.00 24.65 ? 81   VAL A CG1   1 
ATOM   612  C  CG2   . VAL A 1 81  ? 0.880   -12.406 -3.956  1.00 21.96 ? 81   VAL A CG2   1 
ATOM   613  N  N     . VAL A 1 82  ? -2.846  -10.289 -5.868  1.00 23.12 ? 82   VAL A N     1 
ATOM   614  C  CA    . VAL A 1 82  ? -4.160  -9.663  -5.886  1.00 19.09 ? 82   VAL A CA    1 
ATOM   615  C  C     . VAL A 1 82  ? -5.241  -10.578 -5.328  1.00 22.20 ? 82   VAL A C     1 
ATOM   616  O  O     . VAL A 1 82  ? -5.293  -11.763 -5.655  1.00 28.35 ? 82   VAL A O     1 
ATOM   617  C  CB    . VAL A 1 82  ? -4.549  -9.254  -7.322  1.00 22.00 ? 82   VAL A CB    1 
ATOM   618  C  CG1   . VAL A 1 82  ? -5.923  -8.580  -7.330  1.00 14.85 ? 82   VAL A CG1   1 
ATOM   619  C  CG2   . VAL A 1 82  ? -3.484  -8.324  -7.901  1.00 18.03 ? 82   VAL A CG2   1 
ATOM   620  N  N     . THR A 1 83  ? -6.099  -10.020 -4.479  1.00 19.38 ? 83   THR A N     1 
ATOM   621  C  CA    . THR A 1 83  ? -7.198  -10.770 -3.886  1.00 21.66 ? 83   THR A CA    1 
ATOM   622  C  C     . THR A 1 83  ? -8.407  -9.847  -3.846  1.00 23.51 ? 83   THR A C     1 
ATOM   623  O  O     . THR A 1 83  ? -8.260  -8.633  -3.703  1.00 27.42 ? 83   THR A O     1 
ATOM   624  C  CB    . THR A 1 83  ? -6.880  -11.235 -2.440  1.00 23.74 ? 83   THR A CB    1 
ATOM   625  O  OG1   . THR A 1 83  ? -6.612  -10.095 -1.611  1.00 27.37 ? 83   THR A OG1   1 
ATOM   626  C  CG2   . THR A 1 83  ? -5.670  -12.163 -2.426  1.00 23.46 ? 83   THR A CG2   1 
ATOM   627  N  N     . PRO A 1 84  ? -9.620  -10.405 -3.989  1.00 22.37 ? 84   PRO A N     1 
ATOM   628  C  CA    . PRO A 1 84  ? -10.836 -9.586  -3.959  1.00 21.68 ? 84   PRO A CA    1 
ATOM   629  C  C     . PRO A 1 84  ? -11.051 -8.962  -2.584  1.00 22.32 ? 84   PRO A C     1 
ATOM   630  O  O     . PRO A 1 84  ? -10.834 -9.609  -1.562  1.00 24.64 ? 84   PRO A O     1 
ATOM   631  C  CB    . PRO A 1 84  ? -11.936 -10.585 -4.331  1.00 23.94 ? 84   PRO A CB    1 
ATOM   632  C  CG    . PRO A 1 84  ? -11.407 -11.887 -3.803  1.00 21.05 ? 84   PRO A CG    1 
ATOM   633  C  CD    . PRO A 1 84  ? -9.945  -11.827 -4.208  1.00 22.21 ? 84   PRO A CD    1 
ATOM   634  N  N     . ALA A 1 85  ? -11.473 -7.701  -2.563  1.00 21.81 ? 85   ALA A N     1 
ATOM   635  C  CA    . ALA A 1 85  ? -11.709 -6.994  -1.309  1.00 26.46 ? 85   ALA A CA    1 
ATOM   636  C  C     . ALA A 1 85  ? -12.914 -7.555  -0.552  1.00 29.13 ? 85   ALA A C     1 
ATOM   637  O  O     . ALA A 1 85  ? -13.192 -7.139  0.577   1.00 27.63 ? 85   ALA A O     1 
ATOM   638  C  CB    . ALA A 1 85  ? -11.907 -5.502  -1.579  1.00 25.23 ? 85   ALA A CB    1 
ATOM   639  N  N     . MET A 1 86  ? -13.622 -8.491  -1.185  1.00 27.92 ? 86   MET A N     1 
ATOM   640  C  CA    . MET A 1 86  ? -14.796 -9.137  -0.595  1.00 27.19 ? 86   MET A CA    1 
ATOM   641  C  C     . MET A 1 86  ? -15.755 -8.178  0.114   1.00 28.25 ? 86   MET A C     1 
ATOM   642  O  O     . MET A 1 86  ? -16.416 -7.372  -0.540  1.00 32.62 ? 86   MET A O     1 
ATOM   643  C  CB    . MET A 1 86  ? -14.344 -10.246 0.357   1.00 23.69 ? 86   MET A CB    1 
ATOM   644  C  CG    . MET A 1 86  ? -13.639 -11.382 -0.363  1.00 24.56 ? 86   MET A CG    1 
ATOM   645  S  SD    . MET A 1 86  ? -12.864 -12.587 0.723   1.00 32.11 ? 86   MET A SD    1 
ATOM   646  C  CE    . MET A 1 86  ? -14.311 -13.487 1.317   1.00 28.91 ? 86   MET A CE    1 
ATOM   647  N  N     . ASN A 1 87  ? -15.834 -8.254  1.442   1.00 26.69 ? 87   ASN A N     1 
ATOM   648  C  CA    . ASN A 1 87  ? -16.740 -7.377  2.188   1.00 29.61 ? 87   ASN A CA    1 
ATOM   649  C  C     . ASN A 1 87  ? -16.577 -5.881  1.900   1.00 28.87 ? 87   ASN A C     1 
ATOM   650  O  O     . ASN A 1 87  ? -17.509 -5.104  2.114   1.00 28.89 ? 87   ASN A O     1 
ATOM   651  C  CB    . ASN A 1 87  ? -16.604 -7.604  3.699   1.00 30.37 ? 87   ASN A CB    1 
ATOM   652  C  CG    . ASN A 1 87  ? -17.051 -8.990  4.127   1.00 38.91 ? 87   ASN A CG    1 
ATOM   653  O  OD1   . ASN A 1 87  ? -17.970 -9.566  3.548   1.00 44.88 ? 87   ASN A OD1   1 
ATOM   654  N  ND2   . ASN A 1 87  ? -16.410 -9.526  5.159   1.00 40.94 ? 87   ASN A ND2   1 
ATOM   655  N  N     . LEU A 1 88  ? -15.407 -5.470  1.420   1.00 26.73 ? 88   LEU A N     1 
ATOM   656  C  CA    . LEU A 1 88  ? -15.183 -4.054  1.135   1.00 28.96 ? 88   LEU A CA    1 
ATOM   657  C  C     . LEU A 1 88  ? -15.696 -3.637  -0.235  1.00 30.36 ? 88   LEU A C     1 
ATOM   658  O  O     . LEU A 1 88  ? -15.744 -2.445  -0.553  1.00 31.33 ? 88   LEU A O     1 
ATOM   659  C  CB    . LEU A 1 88  ? -13.694 -3.711  1.254   1.00 22.49 ? 88   LEU A CB    1 
ATOM   660  C  CG    . LEU A 1 88  ? -13.126 -3.830  2.671   1.00 23.90 ? 88   LEU A CG    1 
ATOM   661  C  CD1   . LEU A 1 88  ? -11.661 -3.415  2.690   1.00 18.92 ? 88   LEU A CD1   1 
ATOM   662  C  CD2   . LEU A 1 88  ? -13.941 -2.952  3.604   1.00 24.47 ? 88   LEU A CD2   1 
ATOM   663  N  N     . GLU A 1 89  ? -16.090 -4.621  -1.038  1.00 33.25 ? 89   GLU A N     1 
ATOM   664  C  CA    . GLU A 1 89  ? -16.589 -4.357  -2.379  1.00 34.60 ? 89   GLU A CA    1 
ATOM   665  C  C     . GLU A 1 89  ? -17.825 -3.470  -2.380  1.00 36.20 ? 89   GLU A C     1 
ATOM   666  O  O     . GLU A 1 89  ? -18.064 -2.744  -3.343  1.00 39.54 ? 89   GLU A O     1 
ATOM   667  C  CB    . GLU A 1 89  ? -16.880 -5.675  -3.096  1.00 31.82 ? 89   GLU A CB    1 
ATOM   668  C  CG    . GLU A 1 89  ? -15.618 -6.444  -3.448  1.00 36.36 ? 89   GLU A CG    1 
ATOM   669  C  CD    . GLU A 1 89  ? -15.871 -7.913  -3.728  1.00 39.59 ? 89   GLU A CD    1 
ATOM   670  O  OE1   . GLU A 1 89  ? -14.894 -8.631  -4.035  1.00 34.87 ? 89   GLU A OE1   1 
ATOM   671  O  OE2   . GLU A 1 89  ? -17.040 -8.349  -3.634  1.00 40.13 ? 89   GLU A OE2   1 
ATOM   672  N  N     . GLU A 1 90  ? -18.601 -3.512  -1.304  1.00 38.43 ? 90   GLU A N     1 
ATOM   673  C  CA    . GLU A 1 90  ? -19.799 -2.689  -1.233  1.00 44.21 ? 90   GLU A CA    1 
ATOM   674  C  C     . GLU A 1 90  ? -19.454 -1.226  -0.966  1.00 45.86 ? 90   GLU A C     1 
ATOM   675  O  O     . GLU A 1 90  ? -20.321 -0.358  -1.044  1.00 45.16 ? 90   GLU A O     1 
ATOM   676  C  CB    . GLU A 1 90  ? -20.758 -3.205  -0.158  1.00 49.66 ? 90   GLU A CB    1 
ATOM   677  C  CG    . GLU A 1 90  ? -20.229 -3.140  1.263   1.00 60.13 ? 90   GLU A CG    1 
ATOM   678  C  CD    . GLU A 1 90  ? -21.313 -3.417  2.293   1.00 65.67 ? 90   GLU A CD    1 
ATOM   679  O  OE1   . GLU A 1 90  ? -20.992 -3.474  3.498   1.00 66.55 ? 90   GLU A OE1   1 
ATOM   680  O  OE2   . GLU A 1 90  ? -22.490 -3.570  1.893   1.00 66.97 ? 90   GLU A OE2   1 
ATOM   681  N  N     . ARG A 1 91  ? -18.189 -0.958  -0.654  1.00 46.02 ? 91   ARG A N     1 
ATOM   682  C  CA    . ARG A 1 91  ? -17.741 0.408   -0.397  1.00 46.57 ? 91   ARG A CA    1 
ATOM   683  C  C     . ARG A 1 91  ? -17.084 0.978   -1.644  1.00 46.25 ? 91   ARG A C     1 
ATOM   684  O  O     . ARG A 1 91  ? -16.800 2.174   -1.711  1.00 48.14 ? 91   ARG A O     1 
ATOM   685  C  CB    . ARG A 1 91  ? -16.733 0.449   0.753   1.00 50.28 ? 91   ARG A CB    1 
ATOM   686  C  CG    . ARG A 1 91  ? -17.291 0.004   2.084   1.00 56.59 ? 91   ARG A CG    1 
ATOM   687  C  CD    . ARG A 1 91  ? -16.242 0.090   3.176   1.00 61.70 ? 91   ARG A CD    1 
ATOM   688  N  NE    . ARG A 1 91  ? -16.711 -0.535  4.409   1.00 67.51 ? 91   ARG A NE    1 
ATOM   689  C  CZ    . ARG A 1 91  ? -15.963 -0.712  5.491   1.00 67.28 ? 91   ARG A CZ    1 
ATOM   690  N  NH1   . ARG A 1 91  ? -16.478 -1.292  6.566   1.00 71.01 ? 91   ARG A NH1   1 
ATOM   691  N  NH2   . ARG A 1 91  ? -14.699 -0.313  5.497   1.00 66.41 ? 91   ARG A NH2   1 
ATOM   692  N  N     . GLY A 1 92  ? -16.837 0.118   -2.626  1.00 41.19 ? 92   GLY A N     1 
ATOM   693  C  CA    . GLY A 1 92  ? -16.205 0.571   -3.851  1.00 39.80 ? 92   GLY A CA    1 
ATOM   694  C  C     . GLY A 1 92  ? -14.802 0.020   -4.013  1.00 36.46 ? 92   GLY A C     1 
ATOM   695  O  O     . GLY A 1 92  ? -14.192 0.156   -5.073  1.00 34.85 ? 92   GLY A O     1 
ATOM   696  N  N     . ILE A 1 93  ? -14.287 -0.595  -2.956  1.00 33.08 ? 93   ILE A N     1 
ATOM   697  C  CA    . ILE A 1 93  ? -12.955 -1.182  -2.984  1.00 30.40 ? 93   ILE A CA    1 
ATOM   698  C  C     . ILE A 1 93  ? -13.114 -2.590  -3.549  1.00 31.62 ? 93   ILE A C     1 
ATOM   699  O  O     . ILE A 1 93  ? -13.681 -3.465  -2.899  1.00 32.50 ? 93   ILE A O     1 
ATOM   700  C  CB    . ILE A 1 93  ? -12.356 -1.250  -1.561  1.00 28.27 ? 93   ILE A CB    1 
ATOM   701  C  CG1   . ILE A 1 93  ? -12.391 0.140   -0.918  1.00 29.46 ? 93   ILE A CG1   1 
ATOM   702  C  CG2   . ILE A 1 93  ? -10.926 -1.750  -1.622  1.00 26.92 ? 93   ILE A CG2   1 
ATOM   703  C  CD1   . ILE A 1 93  ? -11.973 0.170   0.541   1.00 30.14 ? 93   ILE A CD1   1 
ATOM   704  N  N     . LYS A 1 94  ? -12.617 -2.807  -4.761  1.00 30.07 ? 94   LYS A N     1 
ATOM   705  C  CA    . LYS A 1 94  ? -12.746 -4.107  -5.404  1.00 33.14 ? 94   LYS A CA    1 
ATOM   706  C  C     . LYS A 1 94  ? -11.595 -5.072  -5.152  1.00 32.25 ? 94   LYS A C     1 
ATOM   707  O  O     . LYS A 1 94  ? -11.810 -6.280  -5.034  1.00 34.33 ? 94   LYS A O     1 
ATOM   708  C  CB    . LYS A 1 94  ? -12.934 -3.923  -6.910  1.00 39.75 ? 94   LYS A CB    1 
ATOM   709  C  CG    . LYS A 1 94  ? -14.131 -3.061  -7.264  1.00 52.93 ? 94   LYS A CG    1 
ATOM   710  C  CD    . LYS A 1 94  ? -14.299 -2.904  -8.768  1.00 62.66 ? 94   LYS A CD    1 
ATOM   711  C  CE    . LYS A 1 94  ? -15.497 -2.018  -9.098  1.00 65.93 ? 94   LYS A CE    1 
ATOM   712  N  NZ    . LYS A 1 94  ? -15.693 -1.861  -10.566 1.00 69.88 ? 94   LYS A NZ    1 
ATOM   713  N  N     . TYR A 1 95  ? -10.377 -4.555  -5.076  1.00 29.10 ? 95   TYR A N     1 
ATOM   714  C  CA    . TYR A 1 95  ? -9.232  -5.426  -4.853  1.00 26.52 ? 95   TYR A CA    1 
ATOM   715  C  C     . TYR A 1 95  ? -8.314  -4.965  -3.738  1.00 25.49 ? 95   TYR A C     1 
ATOM   716  O  O     . TYR A 1 95  ? -8.340  -3.809  -3.308  1.00 25.75 ? 95   TYR A O     1 
ATOM   717  C  CB    . TYR A 1 95  ? -8.367  -5.550  -6.115  1.00 26.67 ? 95   TYR A CB    1 
ATOM   718  C  CG    . TYR A 1 95  ? -9.110  -5.675  -7.423  1.00 29.08 ? 95   TYR A CG    1 
ATOM   719  C  CD1   . TYR A 1 95  ? -9.291  -4.564  -8.248  1.00 30.30 ? 95   TYR A CD1   1 
ATOM   720  C  CD2   . TYR A 1 95  ? -9.603  -6.908  -7.857  1.00 27.26 ? 95   TYR A CD2   1 
ATOM   721  C  CE1   . TYR A 1 95  ? -9.939  -4.674  -9.477  1.00 29.31 ? 95   TYR A CE1   1 
ATOM   722  C  CE2   . TYR A 1 95  ? -10.255 -7.031  -9.083  1.00 29.20 ? 95   TYR A CE2   1 
ATOM   723  C  CZ    . TYR A 1 95  ? -10.418 -5.909  -9.888  1.00 34.56 ? 95   TYR A CZ    1 
ATOM   724  O  OH    . TYR A 1 95  ? -11.053 -6.016  -11.107 1.00 39.50 ? 95   TYR A OH    1 
ATOM   725  N  N     . VAL A 1 96  ? -7.489  -5.901  -3.291  1.00 24.63 ? 96   VAL A N     1 
ATOM   726  C  CA    . VAL A 1 96  ? -6.485  -5.641  -2.279  1.00 19.75 ? 96   VAL A CA    1 
ATOM   727  C  C     . VAL A 1 96  ? -5.177  -6.054  -2.942  1.00 20.26 ? 96   VAL A C     1 
ATOM   728  O  O     . VAL A 1 96  ? -5.046  -7.192  -3.396  1.00 18.96 ? 96   VAL A O     1 
ATOM   729  C  CB    . VAL A 1 96  ? -6.697  -6.501  -1.012  1.00 23.93 ? 96   VAL A CB    1 
ATOM   730  C  CG1   . VAL A 1 96  ? -5.462  -6.416  -0.122  1.00 18.27 ? 96   VAL A CG1   1 
ATOM   731  C  CG2   . VAL A 1 96  ? -7.930  -6.018  -0.243  1.00 22.36 ? 96   VAL A CG2   1 
ATOM   732  N  N     . PHE A 1 97  ? -4.232  -5.120  -3.044  1.00 15.07 ? 97   PHE A N     1 
ATOM   733  C  CA    . PHE A 1 97  ? -2.933  -5.418  -3.637  1.00 15.04 ? 97   PHE A CA    1 
ATOM   734  C  C     . PHE A 1 97  ? -1.959  -5.685  -2.498  1.00 18.04 ? 97   PHE A C     1 
ATOM   735  O  O     . PHE A 1 97  ? -1.601  -4.777  -1.740  1.00 20.91 ? 97   PHE A O     1 
ATOM   736  C  CB    . PHE A 1 97  ? -2.424  -4.246  -4.493  1.00 15.71 ? 97   PHE A CB    1 
ATOM   737  C  CG    . PHE A 1 97  ? -3.153  -4.071  -5.807  1.00 17.77 ? 97   PHE A CG    1 
ATOM   738  C  CD1   . PHE A 1 97  ? -4.222  -4.896  -6.156  1.00 19.95 ? 97   PHE A CD1   1 
ATOM   739  C  CD2   . PHE A 1 97  ? -2.773  -3.064  -6.692  1.00 20.53 ? 97   PHE A CD2   1 
ATOM   740  C  CE1   . PHE A 1 97  ? -4.902  -4.721  -7.366  1.00 18.50 ? 97   PHE A CE1   1 
ATOM   741  C  CE2   . PHE A 1 97  ? -3.445  -2.878  -7.904  1.00 23.13 ? 97   PHE A CE2   1 
ATOM   742  C  CZ    . PHE A 1 97  ? -4.514  -3.711  -8.241  1.00 19.57 ? 97   PHE A CZ    1 
ATOM   743  N  N     . HIS A 1 98  ? -1.539  -6.937  -2.373  1.00 16.09 ? 98   HIS A N     1 
ATOM   744  C  CA    . HIS A 1 98  ? -0.617  -7.318  -1.318  1.00 19.67 ? 98   HIS A CA    1 
ATOM   745  C  C     . HIS A 1 98  ? 0.820   -7.085  -1.757  1.00 19.15 ? 98   HIS A C     1 
ATOM   746  O  O     . HIS A 1 98  ? 1.261   -7.647  -2.757  1.00 22.23 ? 98   HIS A O     1 
ATOM   747  C  CB    . HIS A 1 98  ? -0.821  -8.792  -0.955  1.00 18.72 ? 98   HIS A CB    1 
ATOM   748  C  CG    . HIS A 1 98  ? -2.178  -9.098  -0.404  1.00 19.58 ? 98   HIS A CG    1 
ATOM   749  N  ND1   . HIS A 1 98  ? -2.486  -8.970  0.933   1.00 25.75 ? 98   HIS A ND1   1 
ATOM   750  C  CD2   . HIS A 1 98  ? -3.312  -9.520  -1.011  1.00 25.15 ? 98   HIS A CD2   1 
ATOM   751  C  CE1   . HIS A 1 98  ? -3.751  -9.303  1.127   1.00 24.39 ? 98   HIS A CE1   1 
ATOM   752  N  NE2   . HIS A 1 98  ? -4.276  -9.640  -0.037  1.00 23.89 ? 98   HIS A NE2   1 
ATOM   753  N  N     . THR A 1 99  ? 1.538   -6.240  -1.016  1.00 19.57 ? 99   THR A N     1 
ATOM   754  C  CA    . THR A 1 99  ? 2.937   -5.945  -1.316  1.00 16.63 ? 99   THR A CA    1 
ATOM   755  C  C     . THR A 1 99  ? 3.757   -6.137  -0.050  1.00 19.33 ? 99   THR A C     1 
ATOM   756  O  O     . THR A 1 99  ? 3.233   -6.038  1.057   1.00 21.24 ? 99   THR A O     1 
ATOM   757  C  CB    . THR A 1 99  ? 3.138   -4.495  -1.841  1.00 18.94 ? 99   THR A CB    1 
ATOM   758  O  OG1   . THR A 1 99  ? 4.435   -4.391  -2.444  1.00 17.39 ? 99   THR A OG1   1 
ATOM   759  C  CG2   . THR A 1 99  ? 3.045   -3.474  -0.705  1.00 9.77  ? 99   THR A CG2   1 
ATOM   760  N  N     . VAL A 1 100 ? 5.045   -6.410  -0.214  1.00 21.02 ? 100  VAL A N     1 
ATOM   761  C  CA    . VAL A 1 100 ? 5.923   -6.639  0.928   1.00 20.71 ? 100  VAL A CA    1 
ATOM   762  C  C     . VAL A 1 100 ? 7.112   -5.682  0.974   1.00 22.27 ? 100  VAL A C     1 
ATOM   763  O  O     . VAL A 1 100 ? 7.974   -5.689  0.088   1.00 18.64 ? 100  VAL A O     1 
ATOM   764  C  CB    . VAL A 1 100 ? 6.453   -8.099  0.921   1.00 23.12 ? 100  VAL A CB    1 
ATOM   765  C  CG1   . VAL A 1 100 ? 7.093   -8.417  -0.435  1.00 23.86 ? 100  VAL A CG1   1 
ATOM   766  C  CG2   . VAL A 1 100 ? 7.460   -8.304  2.046   1.00 10.47 ? 100  VAL A CG2   1 
ATOM   767  N  N     . GLY A 1 101 ? 7.156   -4.864  2.019   1.00 20.60 ? 101  GLY A N     1 
ATOM   768  C  CA    . GLY A 1 101 ? 8.250   -3.924  2.167   1.00 22.72 ? 101  GLY A CA    1 
ATOM   769  C  C     . GLY A 1 101 ? 9.382   -4.545  2.962   1.00 25.76 ? 101  GLY A C     1 
ATOM   770  O  O     . GLY A 1 101 ? 9.213   -5.625  3.531   1.00 27.47 ? 101  GLY A O     1 
ATOM   771  N  N     . PRO A 1 102 ? 10.553  -3.893  3.021   1.00 25.91 ? 102  PRO A N     1 
ATOM   772  C  CA    . PRO A 1 102 ? 11.700  -4.421  3.766   1.00 25.88 ? 102  PRO A CA    1 
ATOM   773  C  C     . PRO A 1 102 ? 11.563  -4.246  5.271   1.00 26.64 ? 102  PRO A C     1 
ATOM   774  O  O     . PRO A 1 102 ? 10.722  -3.486  5.748   1.00 26.29 ? 102  PRO A O     1 
ATOM   775  C  CB    . PRO A 1 102 ? 12.865  -3.612  3.212   1.00 27.81 ? 102  PRO A CB    1 
ATOM   776  C  CG    . PRO A 1 102 ? 12.236  -2.280  2.979   1.00 24.27 ? 102  PRO A CG    1 
ATOM   777  C  CD    . PRO A 1 102 ? 10.919  -2.647  2.321   1.00 24.15 ? 102  PRO A CD    1 
ATOM   778  N  N     . ILE A 1 103 ? 12.399  -4.966  6.011   1.00 29.61 ? 103  ILE A N     1 
ATOM   779  C  CA    . ILE A 1 103 ? 12.423  -4.887  7.465   1.00 30.06 ? 103  ILE A CA    1 
ATOM   780  C  C     . ILE A 1 103 ? 13.653  -4.049  7.795   1.00 28.94 ? 103  ILE A C     1 
ATOM   781  O  O     . ILE A 1 103 ? 14.775  -4.543  7.728   1.00 30.05 ? 103  ILE A O     1 
ATOM   782  C  CB    . ILE A 1 103 ? 12.569  -6.290  8.087   1.00 30.56 ? 103  ILE A CB    1 
ATOM   783  C  CG1   . ILE A 1 103 ? 11.404  -7.173  7.639   1.00 34.73 ? 103  ILE A CG1   1 
ATOM   784  C  CG2   . ILE A 1 103 ? 12.586  -6.190  9.605   1.00 31.66 ? 103  ILE A CG2   1 
ATOM   785  C  CD1   . ILE A 1 103 ? 11.529  -8.623  8.053   1.00 32.11 ? 103  ILE A CD1   1 
ATOM   786  N  N     . CYS A 1 104 ? 13.443  -2.780  8.133   1.00 30.14 ? 104  CYS A N     1 
ATOM   787  C  CA    . CYS A 1 104 ? 14.553  -1.878  8.433   1.00 34.01 ? 104  CYS A CA    1 
ATOM   788  C  C     . CYS A 1 104 ? 15.071  -1.952  9.858   1.00 33.00 ? 104  CYS A C     1 
ATOM   789  O  O     . CYS A 1 104 ? 16.264  -1.768  10.092  1.00 34.72 ? 104  CYS A O     1 
ATOM   790  C  CB    . CYS A 1 104 ? 14.164  -0.428  8.147   1.00 37.79 ? 104  CYS A CB    1 
ATOM   791  S  SG    . CYS A 1 104 ? 13.610  -0.066  6.452   1.00 41.92 ? 104  CYS A SG    1 
ATOM   792  N  N     . SER A 1 105 ? 14.175  -2.201  10.806  1.00 33.97 ? 105  SER A N     1 
ATOM   793  C  CA    . SER A 1 105 ? 14.558  -2.274  12.211  1.00 32.71 ? 105  SER A CA    1 
ATOM   794  C  C     . SER A 1 105 ? 15.369  -1.046  12.618  1.00 33.32 ? 105  SER A C     1 
ATOM   795  O  O     . SER A 1 105 ? 16.411  -1.165  13.263  1.00 33.49 ? 105  SER A O     1 
ATOM   796  C  CB    . SER A 1 105 ? 15.372  -3.543  12.475  1.00 30.02 ? 105  SER A CB    1 
ATOM   797  O  OG    . SER A 1 105 ? 14.591  -4.702  12.247  1.00 36.82 ? 105  SER A OG    1 
ATOM   798  N  N     . GLY A 1 106 ? 14.894  0.130   12.216  1.00 34.65 ? 106  GLY A N     1 
ATOM   799  C  CA    . GLY A 1 106 ? 15.568  1.371   12.563  1.00 33.12 ? 106  GLY A CA    1 
ATOM   800  C  C     . GLY A 1 106 ? 16.761  1.756   11.709  1.00 32.98 ? 106  GLY A C     1 
ATOM   801  O  O     . GLY A 1 106 ? 17.432  2.750   11.987  1.00 34.68 ? 106  GLY A O     1 
ATOM   802  N  N     . MET A 1 107 ? 17.034  0.988   10.665  1.00 31.99 ? 107  MET A N     1 
ATOM   803  C  CA    . MET A 1 107 ? 18.168  1.292   9.806   1.00 32.72 ? 107  MET A CA    1 
ATOM   804  C  C     . MET A 1 107 ? 17.724  1.803   8.446   1.00 33.28 ? 107  MET A C     1 
ATOM   805  O  O     . MET A 1 107 ? 16.549  1.716   8.087   1.00 36.57 ? 107  MET A O     1 
ATOM   806  C  CB    . MET A 1 107 ? 19.029  0.044   9.620   1.00 37.60 ? 107  MET A CB    1 
ATOM   807  C  CG    . MET A 1 107 ? 19.290  -0.706  10.915  1.00 49.59 ? 107  MET A CG    1 
ATOM   808  S  SD    . MET A 1 107 ? 20.436  -2.073  10.705  1.00 58.72 ? 107  MET A SD    1 
ATOM   809  C  CE    . MET A 1 107 ? 19.697  -2.948  9.308   1.00 58.97 ? 107  MET A CE    1 
ATOM   810  N  N     . TRP A 1 108 ? 18.671  2.343   7.692   1.00 30.29 ? 108  TRP A N     1 
ATOM   811  C  CA    . TRP A 1 108 ? 18.376  2.847   6.364   1.00 30.26 ? 108  TRP A CA    1 
ATOM   812  C  C     . TRP A 1 108 ? 19.615  2.734   5.491   1.00 32.77 ? 108  TRP A C     1 
ATOM   813  O  O     . TRP A 1 108 ? 20.720  3.072   5.912   1.00 36.62 ? 108  TRP A O     1 
ATOM   814  C  CB    . TRP A 1 108 ? 17.910  4.302   6.430   1.00 26.03 ? 108  TRP A CB    1 
ATOM   815  C  CG    . TRP A 1 108 ? 17.388  4.814   5.115   1.00 30.28 ? 108  TRP A CG    1 
ATOM   816  C  CD1   . TRP A 1 108 ? 17.973  5.743   4.305   1.00 27.74 ? 108  TRP A CD1   1 
ATOM   817  C  CD2   . TRP A 1 108 ? 16.177  4.415   4.456   1.00 29.33 ? 108  TRP A CD2   1 
ATOM   818  N  NE1   . TRP A 1 108 ? 17.203  5.948   3.185   1.00 30.14 ? 108  TRP A NE1   1 
ATOM   819  C  CE2   . TRP A 1 108 ? 16.097  5.146   3.251   1.00 28.38 ? 108  TRP A CE2   1 
ATOM   820  C  CE3   . TRP A 1 108 ? 15.155  3.506   4.766   1.00 30.07 ? 108  TRP A CE3   1 
ATOM   821  C  CZ2   . TRP A 1 108 ? 15.031  4.999   2.353   1.00 31.37 ? 108  TRP A CZ2   1 
ATOM   822  C  CZ3   . TRP A 1 108 ? 14.093  3.359   3.871   1.00 28.53 ? 108  TRP A CZ3   1 
ATOM   823  C  CH2   . TRP A 1 108 ? 14.042  4.104   2.680   1.00 29.75 ? 108  TRP A CH2   1 
ATOM   824  N  N     . SER A 1 109 ? 19.423  2.241   4.276   1.00 34.66 ? 109  SER A N     1 
ATOM   825  C  CA    . SER A 1 109 ? 20.518  2.083   3.333   1.00 34.68 ? 109  SER A CA    1 
ATOM   826  C  C     . SER A 1 109 ? 19.930  2.104   1.937   1.00 36.29 ? 109  SER A C     1 
ATOM   827  O  O     . SER A 1 109 ? 18.717  2.225   1.774   1.00 36.60 ? 109  SER A O     1 
ATOM   828  C  CB    . SER A 1 109 ? 21.222  0.750   3.560   1.00 36.71 ? 109  SER A CB    1 
ATOM   829  O  OG    . SER A 1 109 ? 20.354  -0.322  3.245   1.00 37.69 ? 109  SER A OG    1 
ATOM   830  N  N     . GLU A 1 110 ? 20.787  1.985   0.932   1.00 37.54 ? 110  GLU A N     1 
ATOM   831  C  CA    . GLU A 1 110 ? 20.322  1.981   -0.446  1.00 40.19 ? 110  GLU A CA    1 
ATOM   832  C  C     . GLU A 1 110 ? 19.623  0.664   -0.757  1.00 40.65 ? 110  GLU A C     1 
ATOM   833  O  O     . GLU A 1 110 ? 18.740  0.606   -1.612  1.00 38.59 ? 110  GLU A O     1 
ATOM   834  C  CB    . GLU A 1 110 ? 21.497  2.192   -1.406  1.00 39.35 ? 110  GLU A CB    1 
ATOM   835  C  CG    . GLU A 1 110 ? 22.170  3.547   -1.267  1.00 48.52 ? 110  GLU A CG    1 
ATOM   836  C  CD    . GLU A 1 110 ? 21.181  4.701   -1.345  1.00 56.69 ? 110  GLU A CD    1 
ATOM   837  O  OE1   . GLU A 1 110 ? 20.400  4.889   -0.387  1.00 58.61 ? 110  GLU A OE1   1 
ATOM   838  O  OE2   . GLU A 1 110 ? 21.178  5.416   -2.369  1.00 60.49 ? 110  GLU A OE2   1 
ATOM   839  N  N     . GLU A 1 111 ? 20.019  -0.392  -0.052  1.00 41.78 ? 111  GLU A N     1 
ATOM   840  C  CA    . GLU A 1 111 ? 19.429  -1.706  -0.258  1.00 42.22 ? 111  GLU A CA    1 
ATOM   841  C  C     . GLU A 1 111 ? 17.995  -1.720  0.254   1.00 40.65 ? 111  GLU A C     1 
ATOM   842  O  O     . GLU A 1 111 ? 17.079  -2.119  -0.464  1.00 41.22 ? 111  GLU A O     1 
ATOM   843  C  CB    . GLU A 1 111 ? 20.257  -2.777  0.456   1.00 46.52 ? 111  GLU A CB    1 
ATOM   844  C  CG    . GLU A 1 111 ? 19.763  -4.196  0.233   1.00 52.87 ? 111  GLU A CG    1 
ATOM   845  C  CD    . GLU A 1 111 ? 20.718  -5.243  0.776   1.00 59.98 ? 111  GLU A CD    1 
ATOM   846  O  OE1   . GLU A 1 111 ? 20.423  -6.448  0.628   1.00 63.55 ? 111  GLU A OE1   1 
ATOM   847  O  OE2   . GLU A 1 111 ? 21.763  -4.864  1.347   1.00 61.92 ? 111  GLU A OE2   1 
ATOM   848  N  N     . LEU A 1 112 ? 17.803  -1.283  1.496   1.00 35.51 ? 112  LEU A N     1 
ATOM   849  C  CA    . LEU A 1 112 ? 16.472  -1.239  2.087   1.00 34.77 ? 112  LEU A CA    1 
ATOM   850  C  C     . LEU A 1 112 ? 15.589  -0.307  1.264   1.00 34.67 ? 112  LEU A C     1 
ATOM   851  O  O     . LEU A 1 112 ? 14.448  -0.638  0.941   1.00 34.58 ? 112  LEU A O     1 
ATOM   852  C  CB    . LEU A 1 112 ? 16.549  -0.741  3.533   1.00 32.98 ? 112  LEU A CB    1 
ATOM   853  C  CG    . LEU A 1 112 ? 17.237  -1.670  4.541   1.00 34.22 ? 112  LEU A CG    1 
ATOM   854  C  CD1   . LEU A 1 112 ? 17.466  -0.939  5.857   1.00 33.02 ? 112  LEU A CD1   1 
ATOM   855  C  CD2   . LEU A 1 112 ? 16.381  -2.904  4.757   1.00 30.91 ? 112  LEU A CD2   1 
ATOM   856  N  N     . LYS A 1 113 ? 16.132  0.856   0.921   1.00 32.04 ? 113  LYS A N     1 
ATOM   857  C  CA    . LYS A 1 113 ? 15.407  1.845   0.133   1.00 33.18 ? 113  LYS A CA    1 
ATOM   858  C  C     . LYS A 1 113 ? 14.923  1.282   -1.202  1.00 32.50 ? 113  LYS A C     1 
ATOM   859  O  O     . LYS A 1 113 ? 13.798  1.548   -1.625  1.00 32.54 ? 113  LYS A O     1 
ATOM   860  C  CB    . LYS A 1 113 ? 16.296  3.063   -0.123  1.00 32.77 ? 113  LYS A CB    1 
ATOM   861  C  CG    . LYS A 1 113 ? 15.666  4.124   -1.008  1.00 36.09 ? 113  LYS A CG    1 
ATOM   862  C  CD    . LYS A 1 113 ? 16.614  5.291   -1.210  1.00 43.22 ? 113  LYS A CD    1 
ATOM   863  C  CE    . LYS A 1 113 ? 16.014  6.357   -2.110  1.00 51.18 ? 113  LYS A CE    1 
ATOM   864  N  NZ    . LYS A 1 113 ? 16.908  7.549   -2.227  1.00 56.92 ? 113  LYS A NZ    1 
ATOM   865  N  N     . GLU A 1 114 ? 15.777  0.509   -1.864  1.00 31.73 ? 114  GLU A N     1 
ATOM   866  C  CA    . GLU A 1 114 ? 15.430  -0.071  -3.155  1.00 32.47 ? 114  GLU A CA    1 
ATOM   867  C  C     . GLU A 1 114 ? 14.311  -1.101  -3.028  1.00 33.22 ? 114  GLU A C     1 
ATOM   868  O  O     . GLU A 1 114 ? 13.479  -1.241  -3.926  1.00 32.50 ? 114  GLU A O     1 
ATOM   869  C  CB    . GLU A 1 114 ? 16.661  -0.715  -3.785  1.00 35.23 ? 114  GLU A CB    1 
ATOM   870  C  CG    . GLU A 1 114 ? 16.441  -1.225  -5.194  1.00 47.03 ? 114  GLU A CG    1 
ATOM   871  C  CD    . GLU A 1 114 ? 17.695  -1.842  -5.781  1.00 59.51 ? 114  GLU A CD    1 
ATOM   872  O  OE1   . GLU A 1 114 ? 18.719  -1.131  -5.887  1.00 62.19 ? 114  GLU A OE1   1 
ATOM   873  O  OE2   . GLU A 1 114 ? 17.657  -3.039  -6.138  1.00 67.46 ? 114  GLU A OE2   1 
ATOM   874  N  N     . LYS A 1 115 ? 14.288  -1.822  -1.912  1.00 26.24 ? 115  LYS A N     1 
ATOM   875  C  CA    . LYS A 1 115 ? 13.251  -2.818  -1.703  1.00 25.53 ? 115  LYS A CA    1 
ATOM   876  C  C     . LYS A 1 115 ? 11.912  -2.141  -1.405  1.00 26.56 ? 115  LYS A C     1 
ATOM   877  O  O     . LYS A 1 115 ? 10.868  -2.602  -1.864  1.00 23.13 ? 115  LYS A O     1 
ATOM   878  C  CB    . LYS A 1 115 ? 13.646  -3.761  -0.565  1.00 27.80 ? 115  LYS A CB    1 
ATOM   879  C  CG    . LYS A 1 115 ? 14.860  -4.625  -0.887  1.00 26.21 ? 115  LYS A CG    1 
ATOM   880  C  CD    . LYS A 1 115 ? 15.254  -5.503  0.290   1.00 26.99 ? 115  LYS A CD    1 
ATOM   881  C  CE    . LYS A 1 115 ? 16.411  -6.423  -0.076  1.00 26.41 ? 115  LYS A CE    1 
ATOM   882  N  NZ    . LYS A 1 115 ? 16.736  -7.365  1.036   1.00 31.21 ? 115  LYS A NZ    1 
ATOM   883  N  N     . LEU A 1 116 ? 11.942  -1.045  -0.647  1.00 23.16 ? 116  LEU A N     1 
ATOM   884  C  CA    . LEU A 1 116 ? 10.717  -0.320  -0.322  1.00 23.09 ? 116  LEU A CA    1 
ATOM   885  C  C     . LEU A 1 116 ? 10.164  0.352   -1.582  1.00 23.03 ? 116  LEU A C     1 
ATOM   886  O  O     . LEU A 1 116 ? 8.954   0.453   -1.773  1.00 22.34 ? 116  LEU A O     1 
ATOM   887  C  CB    . LEU A 1 116 ? 10.985  0.740   0.749   1.00 21.04 ? 116  LEU A CB    1 
ATOM   888  C  CG    . LEU A 1 116 ? 9.769   1.568   1.175   1.00 23.23 ? 116  LEU A CG    1 
ATOM   889  C  CD1   . LEU A 1 116 ? 8.683   0.655   1.729   1.00 15.09 ? 116  LEU A CD1   1 
ATOM   890  C  CD2   . LEU A 1 116 ? 10.185  2.595   2.221   1.00 28.52 ? 116  LEU A CD2   1 
ATOM   891  N  N     . TYR A 1 117 ? 11.066  0.804   -2.442  1.00 22.99 ? 117  TYR A N     1 
ATOM   892  C  CA    . TYR A 1 117 ? 10.675  1.455   -3.685  1.00 23.49 ? 117  TYR A CA    1 
ATOM   893  C  C     . TYR A 1 117 ? 9.912   0.466   -4.556  1.00 21.63 ? 117  TYR A C     1 
ATOM   894  O  O     . TYR A 1 117 ? 8.854   0.787   -5.103  1.00 19.65 ? 117  TYR A O     1 
ATOM   895  C  CB    . TYR A 1 117 ? 11.916  1.943   -4.427  1.00 22.19 ? 117  TYR A CB    1 
ATOM   896  C  CG    . TYR A 1 117 ? 11.626  2.619   -5.743  1.00 25.24 ? 117  TYR A CG    1 
ATOM   897  C  CD1   . TYR A 1 117 ? 11.165  3.932   -5.788  1.00 28.20 ? 117  TYR A CD1   1 
ATOM   898  C  CD2   . TYR A 1 117 ? 11.832  1.952   -6.951  1.00 24.55 ? 117  TYR A CD2   1 
ATOM   899  C  CE1   . TYR A 1 117 ? 10.922  4.567   -7.003  1.00 27.93 ? 117  TYR A CE1   1 
ATOM   900  C  CE2   . TYR A 1 117 ? 11.588  2.576   -8.167  1.00 22.67 ? 117  TYR A CE2   1 
ATOM   901  C  CZ    . TYR A 1 117 ? 11.138  3.882   -8.186  1.00 26.54 ? 117  TYR A CZ    1 
ATOM   902  O  OH    . TYR A 1 117 ? 10.912  4.508   -9.389  1.00 34.26 ? 117  TYR A OH    1 
ATOM   903  N  N     . LYS A 1 118 ? 10.459  -0.739  -4.690  1.00 19.00 ? 118  LYS A N     1 
ATOM   904  C  CA    . LYS A 1 118 ? 9.815   -1.771  -5.491  1.00 22.18 ? 118  LYS A CA    1 
ATOM   905  C  C     . LYS A 1 118 ? 8.466   -2.113  -4.877  1.00 22.04 ? 118  LYS A C     1 
ATOM   906  O  O     . LYS A 1 118 ? 7.493   -2.342  -5.591  1.00 21.94 ? 118  LYS A O     1 
ATOM   907  C  CB    . LYS A 1 118 ? 10.683  -3.027  -5.553  1.00 21.74 ? 118  LYS A CB    1 
ATOM   908  C  CG    . LYS A 1 118 ? 11.986  -2.845  -6.303  1.00 22.44 ? 118  LYS A CG    1 
ATOM   909  C  CD    . LYS A 1 118 ? 12.776  -4.140  -6.336  1.00 31.58 ? 118  LYS A CD    1 
ATOM   910  C  CE    . LYS A 1 118 ? 14.088  -3.962  -7.080  1.00 38.87 ? 118  LYS A CE    1 
ATOM   911  N  NZ    . LYS A 1 118 ? 14.884  -5.218  -7.115  1.00 42.60 ? 118  LYS A NZ    1 
ATOM   912  N  N     . ALA A 1 119 ? 8.420   -2.133  -3.547  1.00 20.41 ? 119  ALA A N     1 
ATOM   913  C  CA    . ALA A 1 119 ? 7.197   -2.445  -2.820  1.00 19.85 ? 119  ALA A CA    1 
ATOM   914  C  C     . ALA A 1 119 ? 6.103   -1.421  -3.097  1.00 21.47 ? 119  ALA A C     1 
ATOM   915  O  O     . ALA A 1 119 ? 4.919   -1.736  -3.006  1.00 20.93 ? 119  ALA A O     1 
ATOM   916  C  CB    . ALA A 1 119 ? 7.481   -2.507  -1.326  1.00 21.88 ? 119  ALA A CB    1 
ATOM   917  N  N     . PHE A 1 120 ? 6.502   -0.195  -3.424  1.00 24.22 ? 120  PHE A N     1 
ATOM   918  C  CA    . PHE A 1 120 ? 5.541   0.867   -3.720  1.00 26.43 ? 120  PHE A CA    1 
ATOM   919  C  C     . PHE A 1 120 ? 5.193   0.924   -5.201  1.00 25.59 ? 120  PHE A C     1 
ATOM   920  O  O     . PHE A 1 120 ? 4.042   1.149   -5.567  1.00 27.94 ? 120  PHE A O     1 
ATOM   921  C  CB    . PHE A 1 120 ? 6.084   2.231   -3.287  1.00 22.71 ? 120  PHE A CB    1 
ATOM   922  C  CG    . PHE A 1 120 ? 5.866   2.541   -1.833  1.00 22.52 ? 120  PHE A CG    1 
ATOM   923  C  CD1   . PHE A 1 120 ? 4.595   2.452   -1.275  1.00 17.85 ? 120  PHE A CD1   1 
ATOM   924  C  CD2   . PHE A 1 120 ? 6.925   2.952   -1.030  1.00 18.77 ? 120  PHE A CD2   1 
ATOM   925  C  CE1   . PHE A 1 120 ? 4.378   2.770   0.064   1.00 22.54 ? 120  PHE A CE1   1 
ATOM   926  C  CE2   . PHE A 1 120 ? 6.721   3.273   0.310   1.00 24.26 ? 120  PHE A CE2   1 
ATOM   927  C  CZ    . PHE A 1 120 ? 5.443   3.182   0.859   1.00 26.04 ? 120  PHE A CZ    1 
ATOM   928  N  N     . LEU A 1 121 ? 6.189   0.718   -6.052  1.00 23.69 ? 121  LEU A N     1 
ATOM   929  C  CA    . LEU A 1 121 ? 5.962   0.768   -7.486  1.00 24.50 ? 121  LEU A CA    1 
ATOM   930  C  C     . LEU A 1 121 ? 5.172   -0.449  -7.965  1.00 24.39 ? 121  LEU A C     1 
ATOM   931  O  O     . LEU A 1 121 ? 4.263   -0.320  -8.786  1.00 28.62 ? 121  LEU A O     1 
ATOM   932  C  CB    . LEU A 1 121 ? 7.301   0.858   -8.220  1.00 23.78 ? 121  LEU A CB    1 
ATOM   933  C  CG    . LEU A 1 121 ? 7.261   1.127   -9.730  1.00 27.45 ? 121  LEU A CG    1 
ATOM   934  C  CD1   . LEU A 1 121 ? 6.515   2.418   -10.018 1.00 20.29 ? 121  LEU A CD1   1 
ATOM   935  C  CD2   . LEU A 1 121 ? 8.684   1.207   -10.259 1.00 27.07 ? 121  LEU A CD2   1 
ATOM   936  N  N     . GLY A 1 122 ? 5.513   -1.622  -7.437  1.00 23.93 ? 122  GLY A N     1 
ATOM   937  C  CA    . GLY A 1 122 ? 4.836   -2.849  -7.822  1.00 19.13 ? 122  GLY A CA    1 
ATOM   938  C  C     . GLY A 1 122 ? 3.326   -2.726  -7.923  1.00 22.48 ? 122  GLY A C     1 
ATOM   939  O  O     . GLY A 1 122 ? 2.747   -3.064  -8.962  1.00 16.93 ? 122  GLY A O     1 
ATOM   940  N  N     . PRO A 1 123 ? 2.656   -2.252  -6.855  1.00 19.15 ? 123  PRO A N     1 
ATOM   941  C  CA    . PRO A 1 123 ? 1.198   -2.085  -6.831  1.00 20.02 ? 123  PRO A CA    1 
ATOM   942  C  C     . PRO A 1 123 ? 0.705   -1.103  -7.889  1.00 21.99 ? 123  PRO A C     1 
ATOM   943  O  O     . PRO A 1 123 ? -0.353  -1.304  -8.495  1.00 23.32 ? 123  PRO A O     1 
ATOM   944  C  CB    . PRO A 1 123 ? 0.931   -1.592  -5.411  1.00 17.87 ? 123  PRO A CB    1 
ATOM   945  C  CG    . PRO A 1 123 ? 2.025   -2.241  -4.625  1.00 18.89 ? 123  PRO A CG    1 
ATOM   946  C  CD    . PRO A 1 123 ? 3.223   -2.025  -5.516  1.00 16.25 ? 123  PRO A CD    1 
ATOM   947  N  N     . LEU A 1 124 ? 1.465   -0.035  -8.107  1.00 23.11 ? 124  LEU A N     1 
ATOM   948  C  CA    . LEU A 1 124 ? 1.088   0.958   -9.107  1.00 23.75 ? 124  LEU A CA    1 
ATOM   949  C  C     . LEU A 1 124 ? 1.028   0.303   -10.482 1.00 25.62 ? 124  LEU A C     1 
ATOM   950  O  O     . LEU A 1 124 ? 0.028   0.422   -11.190 1.00 20.59 ? 124  LEU A O     1 
ATOM   951  C  CB    . LEU A 1 124 ? 2.092   2.109   -9.134  1.00 19.76 ? 124  LEU A CB    1 
ATOM   952  C  CG    . LEU A 1 124 ? 2.104   3.046   -7.926  1.00 20.11 ? 124  LEU A CG    1 
ATOM   953  C  CD1   . LEU A 1 124 ? 3.236   4.049   -8.075  1.00 14.00 ? 124  LEU A CD1   1 
ATOM   954  C  CD2   . LEU A 1 124 ? 0.767   3.760   -7.807  1.00 17.32 ? 124  LEU A CD2   1 
ATOM   955  N  N     . GLU A 1 125 ? 2.096   -0.399  -10.850 1.00 25.58 ? 125  GLU A N     1 
ATOM   956  C  CA    . GLU A 1 125 ? 2.147   -1.064  -12.145 1.00 30.64 ? 125  GLU A CA    1 
ATOM   957  C  C     . GLU A 1 125 ? 1.084   -2.152  -12.236 1.00 29.79 ? 125  GLU A C     1 
ATOM   958  O  O     . GLU A 1 125 ? 0.529   -2.396  -13.307 1.00 30.61 ? 125  GLU A O     1 
ATOM   959  C  CB    . GLU A 1 125 ? 3.536   -1.651  -12.389 1.00 33.05 ? 125  GLU A CB    1 
ATOM   960  C  CG    . GLU A 1 125 ? 4.638   -0.611  -12.294 1.00 40.94 ? 125  GLU A CG    1 
ATOM   961  C  CD    . GLU A 1 125 ? 5.987   -1.133  -12.750 1.00 52.66 ? 125  GLU A CD    1 
ATOM   962  O  OE1   . GLU A 1 125 ? 6.369   -2.250  -12.340 1.00 56.80 ? 125  GLU A OE1   1 
ATOM   963  O  OE2   . GLU A 1 125 ? 6.669   -0.415  -13.516 1.00 57.56 ? 125  GLU A OE2   1 
ATOM   964  N  N     . LYS A 1 126 ? 0.791   -2.797  -11.110 1.00 29.35 ? 126  LYS A N     1 
ATOM   965  C  CA    . LYS A 1 126 ? -0.233  -3.831  -11.091 1.00 23.33 ? 126  LYS A CA    1 
ATOM   966  C  C     . LYS A 1 126 ? -1.578  -3.166  -11.359 1.00 26.62 ? 126  LYS A C     1 
ATOM   967  O  O     . LYS A 1 126 ? -2.453  -3.745  -12.000 1.00 30.59 ? 126  LYS A O     1 
ATOM   968  C  CB    . LYS A 1 126 ? -0.267  -4.530  -9.734  1.00 24.95 ? 126  LYS A CB    1 
ATOM   969  C  CG    . LYS A 1 126 ? -1.424  -5.508  -9.561  1.00 24.05 ? 126  LYS A CG    1 
ATOM   970  C  CD    . LYS A 1 126 ? -1.333  -6.673  -10.536 1.00 25.68 ? 126  LYS A CD    1 
ATOM   971  C  CE    . LYS A 1 126 ? -0.074  -7.496  -10.308 1.00 28.41 ? 126  LYS A CE    1 
ATOM   972  N  NZ    . LYS A 1 126 ? 0.011   -8.654  -11.245 1.00 31.97 ? 126  LYS A NZ    1 
ATOM   973  N  N     . ALA A 1 127 ? -1.740  -1.945  -10.863 1.00 26.69 ? 127  ALA A N     1 
ATOM   974  C  CA    . ALA A 1 127 ? -2.981  -1.206  -11.062 1.00 29.57 ? 127  ALA A CA    1 
ATOM   975  C  C     . ALA A 1 127 ? -3.096  -0.799  -12.528 1.00 31.80 ? 127  ALA A C     1 
ATOM   976  O  O     . ALA A 1 127 ? -4.184  -0.804  -13.105 1.00 30.04 ? 127  ALA A O     1 
ATOM   977  C  CB    . ALA A 1 127 ? -3.000  0.030   -10.172 1.00 27.60 ? 127  ALA A CB    1 
ATOM   978  N  N     . GLU A 1 128 ? -1.959  -0.444  -13.120 1.00 30.97 ? 128  GLU A N     1 
ATOM   979  C  CA    . GLU A 1 128 ? -1.908  -0.036  -14.516 1.00 33.54 ? 128  GLU A CA    1 
ATOM   980  C  C     . GLU A 1 128 ? -2.244  -1.249  -15.374 1.00 34.93 ? 128  GLU A C     1 
ATOM   981  O  O     . GLU A 1 128 ? -3.098  -1.189  -16.259 1.00 32.56 ? 128  GLU A O     1 
ATOM   982  C  CB    . GLU A 1 128 ? -0.503  0.477   -14.853 1.00 36.92 ? 128  GLU A CB    1 
ATOM   983  C  CG    . GLU A 1 128 ? -0.351  1.086   -16.242 1.00 39.19 ? 128  GLU A CG    1 
ATOM   984  C  CD    . GLU A 1 128 ? -1.283  2.263   -16.478 1.00 45.18 ? 128  GLU A CD    1 
ATOM   985  O  OE1   . GLU A 1 128 ? -1.443  3.094   -15.558 1.00 47.85 ? 128  GLU A OE1   1 
ATOM   986  O  OE2   . GLU A 1 128 ? -1.850  2.364   -17.588 1.00 49.56 ? 128  GLU A OE2   1 
ATOM   987  N  N     . GLU A 1 129 ? -1.567  -2.353  -15.085 1.00 34.05 ? 129  GLU A N     1 
ATOM   988  C  CA    . GLU A 1 129 ? -1.760  -3.603  -15.801 1.00 35.40 ? 129  GLU A CA    1 
ATOM   989  C  C     . GLU A 1 129 ? -3.212  -4.094  -15.765 1.00 36.12 ? 129  GLU A C     1 
ATOM   990  O  O     . GLU A 1 129 ? -3.672  -4.755  -16.696 1.00 34.45 ? 129  GLU A O     1 
ATOM   991  C  CB    . GLU A 1 129 ? -0.828  -4.665  -15.210 1.00 35.55 ? 129  GLU A CB    1 
ATOM   992  C  CG    . GLU A 1 129 ? -1.110  -6.086  -15.658 1.00 42.76 ? 129  GLU A CG    1 
ATOM   993  C  CD    . GLU A 1 129 ? -0.209  -7.094  -14.978 1.00 47.32 ? 129  GLU A CD    1 
ATOM   994  O  OE1   . GLU A 1 129 ? 1.010   -7.089  -15.253 1.00 52.89 ? 129  GLU A OE1   1 
ATOM   995  O  OE2   . GLU A 1 129 ? -0.718  -7.887  -14.159 1.00 48.55 ? 129  GLU A OE2   1 
ATOM   996  N  N     . MET A 1 130 ? -3.930  -3.763  -14.695 1.00 36.23 ? 130  MET A N     1 
ATOM   997  C  CA    . MET A 1 130 ? -5.317  -4.190  -14.545 1.00 32.12 ? 130  MET A CA    1 
ATOM   998  C  C     . MET A 1 130 ? -6.348  -3.150  -14.968 1.00 33.92 ? 130  MET A C     1 
ATOM   999  O  O     . MET A 1 130 ? -7.530  -3.462  -15.097 1.00 35.55 ? 130  MET A O     1 
ATOM   1000 C  CB    . MET A 1 130 ? -5.587  -4.599  -13.099 1.00 30.55 ? 130  MET A CB    1 
ATOM   1001 C  CG    . MET A 1 130 ? -4.914  -5.888  -12.693 1.00 31.26 ? 130  MET A CG    1 
ATOM   1002 S  SD    . MET A 1 130 ? -5.263  -6.321  -10.982 1.00 36.51 ? 130  MET A SD    1 
ATOM   1003 C  CE    . MET A 1 130 ? -6.991  -6.766  -11.090 1.00 31.56 ? 130  MET A CE    1 
ATOM   1004 N  N     . GLY A 1 131 ? -5.910  -1.915  -15.177 1.00 33.68 ? 131  GLY A N     1 
ATOM   1005 C  CA    . GLY A 1 131 ? -6.845  -0.883  -15.586 1.00 31.04 ? 131  GLY A CA    1 
ATOM   1006 C  C     . GLY A 1 131 ? -7.515  -0.142  -14.441 1.00 31.57 ? 131  GLY A C     1 
ATOM   1007 O  O     . GLY A 1 131 ? -8.365  0.715   -14.677 1.00 34.05 ? 131  GLY A O     1 
ATOM   1008 N  N     . VAL A 1 132 ? -7.142  -0.470  -13.207 1.00 30.37 ? 132  VAL A N     1 
ATOM   1009 C  CA    . VAL A 1 132 ? -7.695  0.183   -12.020 1.00 30.56 ? 132  VAL A CA    1 
ATOM   1010 C  C     . VAL A 1 132 ? -7.261  1.651   -12.004 1.00 31.97 ? 132  VAL A C     1 
ATOM   1011 O  O     . VAL A 1 132 ? -6.069  1.948   -12.080 1.00 34.38 ? 132  VAL A O     1 
ATOM   1012 C  CB    . VAL A 1 132 ? -7.192  -0.510  -10.741 1.00 30.38 ? 132  VAL A CB    1 
ATOM   1013 C  CG1   . VAL A 1 132 ? -7.787  0.151   -9.510  1.00 24.92 ? 132  VAL A CG1   1 
ATOM   1014 C  CG2   . VAL A 1 132 ? -7.553  -1.985  -10.790 1.00 32.44 ? 132  VAL A CG2   1 
ATOM   1015 N  N     . GLU A 1 133 ? -8.222  2.564   -11.890 1.00 32.31 ? 133  GLU A N     1 
ATOM   1016 C  CA    . GLU A 1 133 ? -7.915  3.993   -11.912 1.00 36.82 ? 133  GLU A CA    1 
ATOM   1017 C  C     . GLU A 1 133 ? -7.570  4.641   -10.574 1.00 34.89 ? 133  GLU A C     1 
ATOM   1018 O  O     . GLU A 1 133 ? -6.920  5.689   -10.546 1.00 32.05 ? 133  GLU A O     1 
ATOM   1019 C  CB    . GLU A 1 133 ? -9.072  4.773   -12.543 1.00 44.16 ? 133  GLU A CB    1 
ATOM   1020 C  CG    . GLU A 1 133 ? -10.182 5.142   -11.568 1.00 58.83 ? 133  GLU A CG    1 
ATOM   1021 C  CD    . GLU A 1 133 ? -11.108 6.214   -12.119 1.00 71.10 ? 133  GLU A CD    1 
ATOM   1022 O  OE1   . GLU A 1 133 ? -11.843 5.929   -13.091 1.00 76.52 ? 133  GLU A OE1   1 
ATOM   1023 O  OE2   . GLU A 1 133 ? -11.094 7.345   -11.583 1.00 75.15 ? 133  GLU A OE2   1 
ATOM   1024 N  N     . SER A 1 134 ? -8.011  4.037   -9.477  1.00 32.30 ? 134  SER A N     1 
ATOM   1025 C  CA    . SER A 1 134 ? -7.744  4.587   -8.154  1.00 29.29 ? 134  SER A CA    1 
ATOM   1026 C  C     . SER A 1 134 ? -7.107  3.551   -7.243  1.00 28.69 ? 134  SER A C     1 
ATOM   1027 O  O     . SER A 1 134 ? -7.510  2.387   -7.230  1.00 28.81 ? 134  SER A O     1 
ATOM   1028 C  CB    . SER A 1 134 ? -9.041  5.097   -7.536  1.00 29.79 ? 134  SER A CB    1 
ATOM   1029 O  OG    . SER A 1 134 ? -10.011 4.068   -7.501  1.00 35.50 ? 134  SER A OG    1 
ATOM   1030 N  N     . ILE A 1 135 ? -6.116  3.983   -6.469  1.00 26.35 ? 135  ILE A N     1 
ATOM   1031 C  CA    . ILE A 1 135 ? -5.403  3.084   -5.573  1.00 22.15 ? 135  ILE A CA    1 
ATOM   1032 C  C     . ILE A 1 135 ? -4.893  3.826   -4.340  1.00 24.54 ? 135  ILE A C     1 
ATOM   1033 O  O     . ILE A 1 135 ? -4.340  4.925   -4.445  1.00 25.57 ? 135  ILE A O     1 
ATOM   1034 C  CB    . ILE A 1 135 ? -4.207  2.419   -6.316  1.00 18.77 ? 135  ILE A CB    1 
ATOM   1035 C  CG1   . ILE A 1 135 ? -3.471  1.450   -5.397  1.00 17.13 ? 135  ILE A CG1   1 
ATOM   1036 C  CG2   . ILE A 1 135 ? -3.231  3.484   -6.795  1.00 19.88 ? 135  ILE A CG2   1 
ATOM   1037 C  CD1   . ILE A 1 135 ? -2.326  0.713   -6.096  1.00 16.16 ? 135  ILE A CD1   1 
ATOM   1038 N  N     . ALA A 1 136 ? -5.084  3.220   -3.171  1.00 22.20 ? 136  ALA A N     1 
ATOM   1039 C  CA    . ALA A 1 136 ? -4.639  3.812   -1.916  1.00 19.78 ? 136  ALA A CA    1 
ATOM   1040 C  C     . ALA A 1 136 ? -3.586  2.935   -1.231  1.00 21.37 ? 136  ALA A C     1 
ATOM   1041 O  O     . ALA A 1 136 ? -3.740  1.712   -1.138  1.00 18.24 ? 136  ALA A O     1 
ATOM   1042 C  CB    . ALA A 1 136 ? -5.830  4.024   -0.995  1.00 11.88 ? 136  ALA A CB    1 
ATOM   1043 N  N     . PHE A 1 137 ? -2.523  3.580   -0.755  1.00 20.63 ? 137  PHE A N     1 
ATOM   1044 C  CA    . PHE A 1 137 ? -1.411  2.910   -0.077  1.00 18.10 ? 137  PHE A CA    1 
ATOM   1045 C  C     . PHE A 1 137 ? -1.312  3.251   1.411   1.00 20.37 ? 137  PHE A C     1 
ATOM   1046 O  O     . PHE A 1 137 ? -1.704  4.336   1.836   1.00 19.09 ? 137  PHE A O     1 
ATOM   1047 C  CB    . PHE A 1 137 ? -0.074  3.338   -0.682  1.00 18.73 ? 137  PHE A CB    1 
ATOM   1048 C  CG    . PHE A 1 137 ? 0.182   2.827   -2.065  1.00 22.85 ? 137  PHE A CG    1 
ATOM   1049 C  CD1   . PHE A 1 137 ? 1.141   1.839   -2.282  1.00 18.17 ? 137  PHE A CD1   1 
ATOM   1050 C  CD2   . PHE A 1 137 ? -0.491  3.363   -3.155  1.00 15.98 ? 137  PHE A CD2   1 
ATOM   1051 C  CE1   . PHE A 1 137 ? 1.427   1.396   -3.569  1.00 24.91 ? 137  PHE A CE1   1 
ATOM   1052 C  CE2   . PHE A 1 137 ? -0.211  2.926   -4.447  1.00 25.59 ? 137  PHE A CE2   1 
ATOM   1053 C  CZ    . PHE A 1 137 ? 0.749   1.943   -4.657  1.00 18.12 ? 137  PHE A CZ    1 
ATOM   1054 N  N     . PRO A 1 138 ? -0.776  2.318   2.218   1.00 21.26 ? 138  PRO A N     1 
ATOM   1055 C  CA    . PRO A 1 138 ? -0.582  2.498   3.659   1.00 20.47 ? 138  PRO A CA    1 
ATOM   1056 C  C     . PRO A 1 138 ? 0.909   2.855   3.749   1.00 22.30 ? 138  PRO A C     1 
ATOM   1057 O  O     . PRO A 1 138 ? 1.604   2.827   2.733   1.00 18.11 ? 138  PRO A O     1 
ATOM   1058 C  CB    . PRO A 1 138 ? -0.850  1.109   4.206   1.00 21.02 ? 138  PRO A CB    1 
ATOM   1059 C  CG    . PRO A 1 138 ? -0.175  0.257   3.166   1.00 16.30 ? 138  PRO A CG    1 
ATOM   1060 C  CD    . PRO A 1 138 ? -0.637  0.892   1.859   1.00 18.91 ? 138  PRO A CD    1 
ATOM   1061 N  N     . ALA A 1 139 ? 1.410   3.176   4.937   1.00 22.08 ? 139  ALA A N     1 
ATOM   1062 C  CA    . ALA A 1 139 ? 2.825   3.511   5.076   1.00 22.53 ? 139  ALA A CA    1 
ATOM   1063 C  C     . ALA A 1 139 ? 3.647   2.228   5.177   1.00 25.42 ? 139  ALA A C     1 
ATOM   1064 O  O     . ALA A 1 139 ? 4.082   1.840   6.260   1.00 26.27 ? 139  ALA A O     1 
ATOM   1065 C  CB    . ALA A 1 139 ? 3.037   4.371   6.308   1.00 24.88 ? 139  ALA A CB    1 
ATOM   1066 N  N     . VAL A 1 140 ? 3.866   1.579   4.037   1.00 25.40 ? 140  VAL A N     1 
ATOM   1067 C  CA    . VAL A 1 140 ? 4.614   0.326   3.991   1.00 24.83 ? 140  VAL A CA    1 
ATOM   1068 C  C     . VAL A 1 140 ? 5.935   0.366   4.745   1.00 24.22 ? 140  VAL A C     1 
ATOM   1069 O  O     . VAL A 1 140 ? 6.787   1.206   4.468   1.00 23.94 ? 140  VAL A O     1 
ATOM   1070 C  CB    . VAL A 1 140 ? 4.910   -0.102  2.535   1.00 22.09 ? 140  VAL A CB    1 
ATOM   1071 C  CG1   . VAL A 1 140 ? 5.597   -1.462  2.524   1.00 15.30 ? 140  VAL A CG1   1 
ATOM   1072 C  CG2   . VAL A 1 140 ? 3.624   -0.152  1.733   1.00 19.26 ? 140  VAL A CG2   1 
ATOM   1073 N  N     . SER A 1 141 ? 6.084   -0.557  5.696   1.00 21.94 ? 141  SER A N     1 
ATOM   1074 C  CA    . SER A 1 141 ? 7.291   -0.701  6.513   1.00 23.95 ? 141  SER A CA    1 
ATOM   1075 C  C     . SER A 1 141 ? 7.510   0.340   7.607   1.00 27.38 ? 141  SER A C     1 
ATOM   1076 O  O     . SER A 1 141 ? 8.530   0.304   8.295   1.00 31.03 ? 141  SER A O     1 
ATOM   1077 C  CB    . SER A 1 141 ? 8.534   -0.752  5.616   1.00 21.16 ? 141  SER A CB    1 
ATOM   1078 O  OG    . SER A 1 141 ? 8.576   -1.956  4.861   1.00 26.99 ? 141  SER A OG    1 
ATOM   1079 N  N     . ALA A 1 142 ? 6.563   1.254   7.783   1.00 26.55 ? 142  ALA A N     1 
ATOM   1080 C  CA    . ALA A 1 142 ? 6.706   2.289   8.804   1.00 27.78 ? 142  ALA A CA    1 
ATOM   1081 C  C     . ALA A 1 142 ? 6.250   1.810   10.175  1.00 29.35 ? 142  ALA A C     1 
ATOM   1082 O  O     . ALA A 1 142 ? 6.503   2.465   11.183  1.00 33.50 ? 142  ALA A O     1 
ATOM   1083 C  CB    . ALA A 1 142 ? 5.920   3.531   8.406   1.00 24.55 ? 142  ALA A CB    1 
ATOM   1084 N  N     . GLY A 1 143 ? 5.572   0.671   10.213  1.00 30.83 ? 143  GLY A N     1 
ATOM   1085 C  CA    . GLY A 1 143 ? 5.098   0.158   11.484  1.00 33.13 ? 143  GLY A CA    1 
ATOM   1086 C  C     . GLY A 1 143 ? 6.056   -0.835  12.109  1.00 36.19 ? 143  GLY A C     1 
ATOM   1087 O  O     . GLY A 1 143 ? 7.174   -0.486  12.495  1.00 37.13 ? 143  GLY A O     1 
ATOM   1088 N  N     . ILE A 1 144 ? 5.612   -2.083  12.202  1.00 36.66 ? 144  ILE A N     1 
ATOM   1089 C  CA    . ILE A 1 144 ? 6.406   -3.156  12.779  1.00 36.52 ? 144  ILE A CA    1 
ATOM   1090 C  C     . ILE A 1 144 ? 7.801   -3.284  12.159  1.00 36.08 ? 144  ILE A C     1 
ATOM   1091 O  O     . ILE A 1 144 ? 8.775   -3.512  12.873  1.00 35.95 ? 144  ILE A O     1 
ATOM   1092 C  CB    . ILE A 1 144 ? 5.664   -4.504  12.639  1.00 38.57 ? 144  ILE A CB    1 
ATOM   1093 C  CG1   . ILE A 1 144 ? 4.339   -4.444  13.399  1.00 44.73 ? 144  ILE A CG1   1 
ATOM   1094 C  CG2   . ILE A 1 144 ? 6.522   -5.635  13.170  1.00 43.64 ? 144  ILE A CG2   1 
ATOM   1095 C  CD1   . ILE A 1 144 ? 3.494   -5.698  13.264  1.00 52.91 ? 144  ILE A CD1   1 
ATOM   1096 N  N     . TYR A 1 145 ? 7.902   -3.132  10.840  1.00 32.42 ? 145  TYR A N     1 
ATOM   1097 C  CA    . TYR A 1 145 ? 9.191   -3.259  10.161  1.00 30.38 ? 145  TYR A CA    1 
ATOM   1098 C  C     . TYR A 1 145 ? 10.179  -2.117  10.413  1.00 30.63 ? 145  TYR A C     1 
ATOM   1099 O  O     . TYR A 1 145 ? 11.256  -2.064  9.821   1.00 23.08 ? 145  TYR A O     1 
ATOM   1100 C  CB    . TYR A 1 145 ? 8.969   -3.467  8.660   1.00 29.89 ? 145  TYR A CB    1 
ATOM   1101 C  CG    . TYR A 1 145 ? 8.463   -4.860  8.328   1.00 30.91 ? 145  TYR A CG    1 
ATOM   1102 C  CD1   . TYR A 1 145 ? 8.480   -5.876  9.287   1.00 30.47 ? 145  TYR A CD1   1 
ATOM   1103 C  CD2   . TYR A 1 145 ? 8.018   -5.175  7.048   1.00 29.19 ? 145  TYR A CD2   1 
ATOM   1104 C  CE1   . TYR A 1 145 ? 8.072   -7.170  8.978   1.00 30.48 ? 145  TYR A CE1   1 
ATOM   1105 C  CE2   . TYR A 1 145 ? 7.608   -6.468  6.726   1.00 28.93 ? 145  TYR A CE2   1 
ATOM   1106 C  CZ    . TYR A 1 145 ? 7.641   -7.460  7.694   1.00 30.75 ? 145  TYR A CZ    1 
ATOM   1107 O  OH    . TYR A 1 145 ? 7.276   -8.744  7.368   1.00 25.35 ? 145  TYR A OH    1 
ATOM   1108 N  N     . GLY A 1 146 ? 9.791   -1.209  11.300  1.00 30.30 ? 146  GLY A N     1 
ATOM   1109 C  CA    . GLY A 1 146 ? 10.633  -0.094  11.687  1.00 29.76 ? 146  GLY A CA    1 
ATOM   1110 C  C     . GLY A 1 146 ? 11.423  0.729   10.687  1.00 31.59 ? 146  GLY A C     1 
ATOM   1111 O  O     . GLY A 1 146 ? 12.585  1.034   10.943  1.00 28.82 ? 146  GLY A O     1 
ATOM   1112 N  N     . CYS A 1 147 ? 10.828  1.092   9.555   1.00 32.56 ? 147  CYS A N     1 
ATOM   1113 C  CA    . CYS A 1 147 ? 11.540  1.938   8.602   1.00 33.61 ? 147  CYS A CA    1 
ATOM   1114 C  C     . CYS A 1 147 ? 11.106  3.358   8.947   1.00 34.42 ? 147  CYS A C     1 
ATOM   1115 O  O     . CYS A 1 147 ? 9.934   3.595   9.251   1.00 36.84 ? 147  CYS A O     1 
ATOM   1116 C  CB    . CYS A 1 147 ? 11.162  1.599   7.153   1.00 39.55 ? 147  CYS A CB    1 
ATOM   1117 S  SG    . CYS A 1 147 ? 11.590  -0.102  6.642   1.00 54.17 ? 147  CYS A SG    1 
ATOM   1118 N  N     . ASP A 1 148 ? 12.046  4.295   8.927   1.00 31.57 ? 148  ASP A N     1 
ATOM   1119 C  CA    . ASP A 1 148 ? 11.731  5.676   9.255   1.00 30.02 ? 148  ASP A CA    1 
ATOM   1120 C  C     . ASP A 1 148 ? 10.581  6.187   8.401   1.00 27.83 ? 148  ASP A C     1 
ATOM   1121 O  O     . ASP A 1 148 ? 10.643  6.144   7.174   1.00 23.79 ? 148  ASP A O     1 
ATOM   1122 C  CB    . ASP A 1 148 ? 12.962  6.565   9.066   1.00 35.19 ? 148  ASP A CB    1 
ATOM   1123 C  CG    . ASP A 1 148 ? 12.679  8.019   9.389   1.00 41.90 ? 148  ASP A CG    1 
ATOM   1124 O  OD1   . ASP A 1 148 ? 12.117  8.725   8.526   1.00 50.33 ? 148  ASP A OD1   1 
ATOM   1125 O  OD2   . ASP A 1 148 ? 13.002  8.453   10.514  1.00 46.82 ? 148  ASP A OD2   1 
ATOM   1126 N  N     . LEU A 1 149 ? 9.536   6.675   9.063   1.00 26.12 ? 149  LEU A N     1 
ATOM   1127 C  CA    . LEU A 1 149 ? 8.349   7.171   8.381   1.00 27.34 ? 149  LEU A CA    1 
ATOM   1128 C  C     . LEU A 1 149 ? 8.665   8.190   7.296   1.00 28.47 ? 149  LEU A C     1 
ATOM   1129 O  O     . LEU A 1 149 ? 8.184   8.079   6.169   1.00 28.19 ? 149  LEU A O     1 
ATOM   1130 C  CB    . LEU A 1 149 ? 7.376   7.788   9.389   1.00 25.35 ? 149  LEU A CB    1 
ATOM   1131 C  CG    . LEU A 1 149 ? 6.066   8.335   8.816   1.00 25.06 ? 149  LEU A CG    1 
ATOM   1132 C  CD1   . LEU A 1 149 ? 5.275   7.210   8.155   1.00 21.67 ? 149  LEU A CD1   1 
ATOM   1133 C  CD2   . LEU A 1 149 ? 5.251   8.971   9.930   1.00 24.05 ? 149  LEU A CD2   1 
ATOM   1134 N  N     . GLU A 1 150 ? 9.477   9.182   7.636   1.00 31.58 ? 150  GLU A N     1 
ATOM   1135 C  CA    . GLU A 1 150 ? 9.833   10.215  6.672   1.00 30.87 ? 150  GLU A CA    1 
ATOM   1136 C  C     . GLU A 1 150 ? 10.477  9.586   5.440   1.00 27.13 ? 150  GLU A C     1 
ATOM   1137 O  O     . GLU A 1 150 ? 10.168  9.960   4.310   1.00 27.25 ? 150  GLU A O     1 
ATOM   1138 C  CB    . GLU A 1 150 ? 10.781  11.226  7.312   1.00 31.99 ? 150  GLU A CB    1 
ATOM   1139 C  CG    . GLU A 1 150 ? 10.811  12.559  6.595   1.00 45.62 ? 150  GLU A CG    1 
ATOM   1140 C  CD    . GLU A 1 150 ? 11.762  13.547  7.237   1.00 52.79 ? 150  GLU A CD    1 
ATOM   1141 O  OE1   . GLU A 1 150 ? 11.611  13.824  8.446   1.00 56.34 ? 150  GLU A OE1   1 
ATOM   1142 O  OE2   . GLU A 1 150 ? 12.660  14.049  6.528   1.00 54.60 ? 150  GLU A OE2   1 
ATOM   1143 N  N     . LYS A 1 151 ? 11.367  8.625   5.665   1.00 25.99 ? 151  LYS A N     1 
ATOM   1144 C  CA    . LYS A 1 151 ? 12.041  7.929   4.569   1.00 27.91 ? 151  LYS A CA    1 
ATOM   1145 C  C     . LYS A 1 151 ? 11.006  7.165   3.738   1.00 27.32 ? 151  LYS A C     1 
ATOM   1146 O  O     . LYS A 1 151 ? 11.074  7.135   2.506   1.00 23.45 ? 151  LYS A O     1 
ATOM   1147 C  CB    . LYS A 1 151 ? 13.076  6.948   5.126   1.00 35.58 ? 151  LYS A CB    1 
ATOM   1148 C  CG    . LYS A 1 151 ? 14.223  7.602   5.886   1.00 38.36 ? 151  LYS A CG    1 
ATOM   1149 C  CD    . LYS A 1 151 ? 15.062  8.468   4.961   1.00 48.64 ? 151  LYS A CD    1 
ATOM   1150 C  CE    . LYS A 1 151 ? 16.245  9.083   5.692   1.00 54.89 ? 151  LYS A CE    1 
ATOM   1151 N  NZ    . LYS A 1 151 ? 17.069  9.928   4.781   1.00 56.65 ? 151  LYS A NZ    1 
ATOM   1152 N  N     . VAL A 1 152 ? 10.048  6.548   4.423   1.00 22.44 ? 152  VAL A N     1 
ATOM   1153 C  CA    . VAL A 1 152 ? 8.995   5.806   3.756   1.00 22.92 ? 152  VAL A CA    1 
ATOM   1154 C  C     . VAL A 1 152 ? 8.240   6.717   2.790   1.00 22.42 ? 152  VAL A C     1 
ATOM   1155 O  O     . VAL A 1 152 ? 8.119   6.411   1.604   1.00 25.28 ? 152  VAL A O     1 
ATOM   1156 C  CB    . VAL A 1 152 ? 8.002   5.209   4.787   1.00 23.65 ? 152  VAL A CB    1 
ATOM   1157 C  CG1   . VAL A 1 152 ? 6.808   4.574   4.076   1.00 14.48 ? 152  VAL A CG1   1 
ATOM   1158 C  CG2   . VAL A 1 152 ? 8.712   4.179   5.640   1.00 18.65 ? 152  VAL A CG2   1 
ATOM   1159 N  N     . VAL A 1 153 ? 7.748   7.843   3.301   1.00 20.67 ? 153  VAL A N     1 
ATOM   1160 C  CA    . VAL A 1 153 ? 6.994   8.798   2.489   1.00 21.47 ? 153  VAL A CA    1 
ATOM   1161 C  C     . VAL A 1 153 ? 7.790   9.340   1.309   1.00 23.91 ? 153  VAL A C     1 
ATOM   1162 O  O     . VAL A 1 153 ? 7.252   9.517   0.216   1.00 23.88 ? 153  VAL A O     1 
ATOM   1163 C  CB    . VAL A 1 153 ? 6.515   9.984   3.336   1.00 19.16 ? 153  VAL A CB    1 
ATOM   1164 C  CG1   . VAL A 1 153 ? 5.690   10.930  2.482   1.00 17.83 ? 153  VAL A CG1   1 
ATOM   1165 C  CG2   . VAL A 1 153 ? 5.705   9.474   4.519   1.00 18.31 ? 153  VAL A CG2   1 
ATOM   1166 N  N     . GLU A 1 154 ? 9.069   9.619   1.532   1.00 28.83 ? 154  GLU A N     1 
ATOM   1167 C  CA    . GLU A 1 154 ? 9.923   10.125  0.460   1.00 28.38 ? 154  GLU A CA    1 
ATOM   1168 C  C     . GLU A 1 154 ? 10.019  9.064   -0.627  1.00 26.16 ? 154  GLU A C     1 
ATOM   1169 O  O     . GLU A 1 154 ? 9.961   9.371   -1.818  1.00 28.11 ? 154  GLU A O     1 
ATOM   1170 C  CB    . GLU A 1 154 ? 11.321  10.443  0.994   1.00 26.61 ? 154  GLU A CB    1 
ATOM   1171 C  CG    . GLU A 1 154 ? 11.387  11.665  1.893   1.00 33.63 ? 154  GLU A CG    1 
ATOM   1172 C  CD    . GLU A 1 154 ? 12.721  11.790  2.613   1.00 37.85 ? 154  GLU A CD    1 
ATOM   1173 O  OE1   . GLU A 1 154 ? 12.983  12.859  3.201   1.00 44.52 ? 154  GLU A OE1   1 
ATOM   1174 O  OE2   . GLU A 1 154 ? 13.504  10.818  2.600   1.00 45.14 ? 154  GLU A OE2   1 
ATOM   1175 N  N     . THR A 1 155 ? 10.160  7.810   -0.207  1.00 26.04 ? 155  THR A N     1 
ATOM   1176 C  CA    . THR A 1 155 ? 10.265  6.693   -1.136  1.00 25.61 ? 155  THR A CA    1 
ATOM   1177 C  C     . THR A 1 155 ? 8.948   6.504   -1.882  1.00 26.37 ? 155  THR A C     1 
ATOM   1178 O  O     . THR A 1 155 ? 8.931   6.263   -3.088  1.00 24.55 ? 155  THR A O     1 
ATOM   1179 C  CB    . THR A 1 155 ? 10.628  5.398   -0.390  1.00 30.26 ? 155  THR A CB    1 
ATOM   1180 O  OG1   . THR A 1 155 ? 11.824  5.612   0.373   1.00 30.60 ? 155  THR A OG1   1 
ATOM   1181 C  CG2   . THR A 1 155 ? 10.862  4.258   -1.376  1.00 28.85 ? 155  THR A CG2   1 
ATOM   1182 N  N     . PHE A 1 156 ? 7.841   6.625   -1.163  1.00 25.84 ? 156  PHE A N     1 
ATOM   1183 C  CA    . PHE A 1 156 ? 6.532   6.481   -1.783  1.00 25.64 ? 156  PHE A CA    1 
ATOM   1184 C  C     . PHE A 1 156 ? 6.373   7.518   -2.892  1.00 27.31 ? 156  PHE A C     1 
ATOM   1185 O  O     . PHE A 1 156 ? 5.928   7.195   -3.996  1.00 23.66 ? 156  PHE A O     1 
ATOM   1186 C  CB    . PHE A 1 156 ? 5.432   6.674   -0.739  1.00 23.06 ? 156  PHE A CB    1 
ATOM   1187 C  CG    . PHE A 1 156 ? 4.059   6.818   -1.328  1.00 22.02 ? 156  PHE A CG    1 
ATOM   1188 C  CD1   . PHE A 1 156 ? 3.379   5.711   -1.828  1.00 19.64 ? 156  PHE A CD1   1 
ATOM   1189 C  CD2   . PHE A 1 156 ? 3.456   8.070   -1.411  1.00 20.26 ? 156  PHE A CD2   1 
ATOM   1190 C  CE1   . PHE A 1 156 ? 2.119   5.849   -2.403  1.00 17.39 ? 156  PHE A CE1   1 
ATOM   1191 C  CE2   . PHE A 1 156 ? 2.196   8.219   -1.984  1.00 25.41 ? 156  PHE A CE2   1 
ATOM   1192 C  CZ    . PHE A 1 156 ? 1.526   7.103   -2.483  1.00 20.59 ? 156  PHE A CZ    1 
ATOM   1193 N  N     . LEU A 1 157 ? 6.735   8.764   -2.593  1.00 27.85 ? 157  LEU A N     1 
ATOM   1194 C  CA    . LEU A 1 157 ? 6.625   9.849   -3.565  1.00 30.51 ? 157  LEU A CA    1 
ATOM   1195 C  C     . LEU A 1 157 ? 7.556   9.649   -4.756  1.00 29.67 ? 157  LEU A C     1 
ATOM   1196 O  O     . LEU A 1 157 ? 7.211   9.980   -5.889  1.00 28.98 ? 157  LEU A O     1 
ATOM   1197 C  CB    . LEU A 1 157 ? 6.925   11.196  -2.901  1.00 29.60 ? 157  LEU A CB    1 
ATOM   1198 C  CG    . LEU A 1 157 ? 5.971   11.675  -1.804  1.00 29.65 ? 157  LEU A CG    1 
ATOM   1199 C  CD1   . LEU A 1 157 ? 6.496   12.973  -1.211  1.00 27.30 ? 157  LEU A CD1   1 
ATOM   1200 C  CD2   . LEU A 1 157 ? 4.582   11.875  -2.374  1.00 27.92 ? 157  LEU A CD2   1 
ATOM   1201 N  N     . GLU A 1 158 ? 8.740   9.106   -4.504  1.00 28.12 ? 158  GLU A N     1 
ATOM   1202 C  CA    . GLU A 1 158 ? 9.686   8.873   -5.584  1.00 29.17 ? 158  GLU A CA    1 
ATOM   1203 C  C     . GLU A 1 158 ? 9.079   7.871   -6.557  1.00 31.74 ? 158  GLU A C     1 
ATOM   1204 O  O     . GLU A 1 158 ? 9.234   8.000   -7.774  1.00 35.30 ? 158  GLU A O     1 
ATOM   1205 C  CB    . GLU A 1 158 ? 11.003  8.331   -5.032  1.00 32.42 ? 158  GLU A CB    1 
ATOM   1206 C  CG    . GLU A 1 158 ? 12.168  8.446   -5.994  1.00 43.07 ? 158  GLU A CG    1 
ATOM   1207 C  CD    . GLU A 1 158 ? 13.456  7.901   -5.408  1.00 51.62 ? 158  GLU A CD    1 
ATOM   1208 O  OE1   . GLU A 1 158 ? 13.795  8.289   -4.268  1.00 51.33 ? 158  GLU A OE1   1 
ATOM   1209 O  OE2   . GLU A 1 158 ? 14.131  7.094   -6.088  1.00 54.41 ? 158  GLU A OE2   1 
ATOM   1210 N  N     . ALA A 1 159 ? 8.377   6.875   -6.018  1.00 28.59 ? 159  ALA A N     1 
ATOM   1211 C  CA    . ALA A 1 159 ? 7.744   5.853   -6.845  1.00 29.15 ? 159  ALA A CA    1 
ATOM   1212 C  C     . ALA A 1 159 ? 6.581   6.439   -7.642  1.00 28.40 ? 159  ALA A C     1 
ATOM   1213 O  O     . ALA A 1 159 ? 6.428   6.160   -8.830  1.00 25.39 ? 159  ALA A O     1 
ATOM   1214 C  CB    . ALA A 1 159 ? 7.257   4.702   -5.975  1.00 20.37 ? 159  ALA A CB    1 
ATOM   1215 N  N     . VAL A 1 160 ? 5.764   7.252   -6.984  1.00 29.66 ? 160  VAL A N     1 
ATOM   1216 C  CA    . VAL A 1 160 ? 4.621   7.873   -7.643  1.00 31.48 ? 160  VAL A CA    1 
ATOM   1217 C  C     . VAL A 1 160 ? 5.072   8.757   -8.806  1.00 34.28 ? 160  VAL A C     1 
ATOM   1218 O  O     . VAL A 1 160 ? 4.407   8.825   -9.838  1.00 36.45 ? 160  VAL A O     1 
ATOM   1219 C  CB    . VAL A 1 160 ? 3.809   8.730   -6.646  1.00 29.83 ? 160  VAL A CB    1 
ATOM   1220 C  CG1   . VAL A 1 160 ? 2.723   9.501   -7.377  1.00 29.50 ? 160  VAL A CG1   1 
ATOM   1221 C  CG2   . VAL A 1 160 ? 3.192   7.838   -5.582  1.00 34.53 ? 160  VAL A CG2   1 
ATOM   1222 N  N     . LYS A 1 161 ? 6.208   9.426   -8.638  1.00 34.39 ? 161  LYS A N     1 
ATOM   1223 C  CA    . LYS A 1 161 ? 6.731   10.311  -9.669  1.00 35.10 ? 161  LYS A CA    1 
ATOM   1224 C  C     . LYS A 1 161 ? 7.369   9.575   -10.842 1.00 34.28 ? 161  LYS A C     1 
ATOM   1225 O  O     . LYS A 1 161 ? 7.183   9.967   -11.991 1.00 38.59 ? 161  LYS A O     1 
ATOM   1226 C  CB    . LYS A 1 161 ? 7.737   11.284  -9.053  1.00 37.86 ? 161  LYS A CB    1 
ATOM   1227 C  CG    . LYS A 1 161 ? 7.139   12.136  -7.947  1.00 45.58 ? 161  LYS A CG    1 
ATOM   1228 C  CD    . LYS A 1 161 ? 8.197   12.951  -7.231  1.00 52.17 ? 161  LYS A CD    1 
ATOM   1229 C  CE    . LYS A 1 161 ? 7.595   13.718  -6.068  1.00 54.80 ? 161  LYS A CE    1 
ATOM   1230 N  NZ    . LYS A 1 161 ? 8.631   14.497  -5.336  1.00 64.43 ? 161  LYS A NZ    1 
ATOM   1231 N  N     . ASN A 1 162 ? 8.119   8.513   -10.561 1.00 33.61 ? 162  ASN A N     1 
ATOM   1232 C  CA    . ASN A 1 162 ? 8.770   7.746   -11.618 1.00 34.09 ? 162  ASN A CA    1 
ATOM   1233 C  C     . ASN A 1 162 ? 7.785   6.848   -12.359 1.00 36.46 ? 162  ASN A C     1 
ATOM   1234 O  O     . ASN A 1 162 ? 8.064   6.379   -13.463 1.00 35.71 ? 162  ASN A O     1 
ATOM   1235 C  CB    . ASN A 1 162 ? 9.898   6.895   -11.036 1.00 33.34 ? 162  ASN A CB    1 
ATOM   1236 C  CG    . ASN A 1 162 ? 11.032  7.733   -10.474 1.00 38.40 ? 162  ASN A CG    1 
ATOM   1237 O  OD1   . ASN A 1 162 ? 11.944  7.213   -9.832  1.00 35.84 ? 162  ASN A OD1   1 
ATOM   1238 N  ND2   . ASN A 1 162 ? 10.983  9.040   -10.718 1.00 36.03 ? 162  ASN A ND2   1 
ATOM   1239 N  N     . PHE A 1 163 ? 6.630   6.614   -11.744 1.00 36.13 ? 163  PHE A N     1 
ATOM   1240 C  CA    . PHE A 1 163 ? 5.607   5.773   -12.348 1.00 39.24 ? 163  PHE A CA    1 
ATOM   1241 C  C     . PHE A 1 163 ? 5.107   6.351   -13.660 1.00 41.79 ? 163  PHE A C     1 
ATOM   1242 O  O     . PHE A 1 163 ? 4.868   7.552   -13.772 1.00 44.34 ? 163  PHE A O     1 
ATOM   1243 C  CB    . PHE A 1 163 ? 4.416   5.607   -11.402 1.00 37.50 ? 163  PHE A CB    1 
ATOM   1244 C  CG    . PHE A 1 163 ? 3.204   5.008   -12.061 1.00 33.59 ? 163  PHE A CG    1 
ATOM   1245 C  CD1   . PHE A 1 163 ? 3.212   3.688   -12.498 1.00 29.98 ? 163  PHE A CD1   1 
ATOM   1246 C  CD2   . PHE A 1 163 ? 2.060   5.773   -12.266 1.00 32.11 ? 163  PHE A CD2   1 
ATOM   1247 C  CE1   . PHE A 1 163 ? 2.099   3.138   -13.129 1.00 32.25 ? 163  PHE A CE1   1 
ATOM   1248 C  CE2   . PHE A 1 163 ? 0.941   5.233   -12.897 1.00 34.87 ? 163  PHE A CE2   1 
ATOM   1249 C  CZ    . PHE A 1 163 ? 0.962   3.910   -13.329 1.00 34.38 ? 163  PHE A CZ    1 
ATOM   1250 N  N     . LYS A 1 164 ? 4.941   5.483   -14.650 1.00 45.45 ? 164  LYS A N     1 
ATOM   1251 C  CA    . LYS A 1 164 ? 4.449   5.902   -15.951 1.00 52.22 ? 164  LYS A CA    1 
ATOM   1252 C  C     . LYS A 1 164 ? 3.307   4.989   -16.368 1.00 53.18 ? 164  LYS A C     1 
ATOM   1253 O  O     . LYS A 1 164 ? 3.511   3.816   -16.677 1.00 56.81 ? 164  LYS A O     1 
ATOM   1254 C  CB    . LYS A 1 164 ? 5.581   5.866   -16.982 1.00 56.70 ? 164  LYS A CB    1 
ATOM   1255 C  CG    . LYS A 1 164 ? 6.703   6.841   -16.649 1.00 65.91 ? 164  LYS A CG    1 
ATOM   1256 C  CD    . LYS A 1 164 ? 7.771   6.906   -17.724 1.00 72.15 ? 164  LYS A CD    1 
ATOM   1257 C  CE    . LYS A 1 164 ? 8.817   7.957   -17.367 1.00 75.89 ? 164  LYS A CE    1 
ATOM   1258 N  NZ    . LYS A 1 164 ? 9.837   8.138   -18.438 1.00 79.32 ? 164  LYS A NZ    1 
ATOM   1259 N  N     . GLY A 1 165 ? 2.099   5.538   -16.348 1.00 52.08 ? 165  GLY A N     1 
ATOM   1260 C  CA    . GLY A 1 165 ? 0.929   4.772   -16.723 1.00 50.42 ? 165  GLY A CA    1 
ATOM   1261 C  C     . GLY A 1 165 ? -0.174  5.699   -17.184 1.00 50.96 ? 165  GLY A C     1 
ATOM   1262 O  O     . GLY A 1 165 ? -0.095  6.908   -16.978 1.00 53.39 ? 165  GLY A O     1 
ATOM   1263 N  N     . SER A 1 166 ? -1.208  5.136   -17.799 1.00 51.77 ? 166  SER A N     1 
ATOM   1264 C  CA    . SER A 1 166 ? -2.322  5.930   -18.298 1.00 49.73 ? 166  SER A CA    1 
ATOM   1265 C  C     . SER A 1 166 ? -3.638  5.641   -17.578 1.00 48.07 ? 166  SER A C     1 
ATOM   1266 O  O     . SER A 1 166 ? -4.487  6.523   -17.449 1.00 48.07 ? 166  SER A O     1 
ATOM   1267 C  CB    . SER A 1 166 ? -2.494  5.688   -19.798 1.00 52.21 ? 166  SER A CB    1 
ATOM   1268 O  OG    . SER A 1 166 ? -3.610  6.400   -20.302 1.00 60.55 ? 166  SER A OG    1 
ATOM   1269 N  N     . ALA A 1 167 ? -3.805  4.407   -17.107 1.00 45.75 ? 167  ALA A N     1 
ATOM   1270 C  CA    . ALA A 1 167 ? -5.030  4.012   -16.418 1.00 41.32 ? 167  ALA A CA    1 
ATOM   1271 C  C     . ALA A 1 167 ? -5.137  4.569   -15.001 1.00 38.68 ? 167  ALA A C     1 
ATOM   1272 O  O     . ALA A 1 167 ? -6.219  4.955   -14.559 1.00 37.95 ? 167  ALA A O     1 
ATOM   1273 C  CB    . ALA A 1 167 ? -5.142  2.492   -16.390 1.00 41.75 ? 167  ALA A CB    1 
ATOM   1274 N  N     . VAL A 1 168 ? -4.020  4.612   -14.287 1.00 35.56 ? 168  VAL A N     1 
ATOM   1275 C  CA    . VAL A 1 168 ? -4.031  5.123   -12.922 1.00 36.82 ? 168  VAL A CA    1 
ATOM   1276 C  C     . VAL A 1 168 ? -4.208  6.640   -12.924 1.00 36.77 ? 168  VAL A C     1 
ATOM   1277 O  O     . VAL A 1 168 ? -3.330  7.373   -13.375 1.00 36.39 ? 168  VAL A O     1 
ATOM   1278 C  CB    . VAL A 1 168 ? -2.730  4.761   -12.182 1.00 34.09 ? 168  VAL A CB    1 
ATOM   1279 C  CG1   . VAL A 1 168 ? -2.807  5.230   -10.734 1.00 24.83 ? 168  VAL A CG1   1 
ATOM   1280 C  CG2   . VAL A 1 168 ? -2.502  3.255   -12.253 1.00 30.88 ? 168  VAL A CG2   1 
ATOM   1281 N  N     . LYS A 1 169 ? -5.347  7.097   -12.411 1.00 35.78 ? 169  LYS A N     1 
ATOM   1282 C  CA    . LYS A 1 169 ? -5.662  8.523   -12.367 1.00 38.17 ? 169  LYS A CA    1 
ATOM   1283 C  C     . LYS A 1 169 ? -5.609  9.104   -10.958 1.00 37.30 ? 169  LYS A C     1 
ATOM   1284 O  O     . LYS A 1 169 ? -5.404  10.304  -10.781 1.00 36.29 ? 169  LYS A O     1 
ATOM   1285 C  CB    . LYS A 1 169 ? -7.060  8.765   -12.943 1.00 40.77 ? 169  LYS A CB    1 
ATOM   1286 C  CG    . LYS A 1 169 ? -7.245  8.312   -14.379 1.00 45.29 ? 169  LYS A CG    1 
ATOM   1287 C  CD    . LYS A 1 169 ? -6.446  9.168   -15.345 1.00 52.96 ? 169  LYS A CD    1 
ATOM   1288 C  CE    . LYS A 1 169 ? -6.749  8.785   -16.788 1.00 59.38 ? 169  LYS A CE    1 
ATOM   1289 N  NZ    . LYS A 1 169 ? -6.011  9.637   -17.766 1.00 65.33 ? 169  LYS A NZ    1 
ATOM   1290 N  N     . GLU A 1 170 ? -5.804  8.253   -9.958  1.00 35.93 ? 170  GLU A N     1 
ATOM   1291 C  CA    . GLU A 1 170 ? -5.789  8.709   -8.576  1.00 36.58 ? 170  GLU A CA    1 
ATOM   1292 C  C     . GLU A 1 170 ? -4.959  7.804   -7.680  1.00 37.36 ? 170  GLU A C     1 
ATOM   1293 O  O     . GLU A 1 170 ? -5.051  6.575   -7.751  1.00 37.38 ? 170  GLU A O     1 
ATOM   1294 C  CB    . GLU A 1 170 ? -7.213  8.781   -8.029  1.00 39.81 ? 170  GLU A CB    1 
ATOM   1295 C  CG    . GLU A 1 170 ? -8.177  9.569   -8.887  1.00 49.19 ? 170  GLU A CG    1 
ATOM   1296 C  CD    . GLU A 1 170 ? -9.552  9.677   -8.257  1.00 59.43 ? 170  GLU A CD    1 
ATOM   1297 O  OE1   . GLU A 1 170 ? -9.665  10.315  -7.186  1.00 63.80 ? 170  GLU A OE1   1 
ATOM   1298 O  OE2   . GLU A 1 170 ? -10.517 9.121   -8.829  1.00 59.84 ? 170  GLU A OE2   1 
ATOM   1299 N  N     . VAL A 1 171 ? -4.150  8.426   -6.831  1.00 31.23 ? 171  VAL A N     1 
ATOM   1300 C  CA    . VAL A 1 171 ? -3.297  7.708   -5.899  1.00 27.05 ? 171  VAL A CA    1 
ATOM   1301 C  C     . VAL A 1 171 ? -3.352  8.389   -4.539  1.00 26.54 ? 171  VAL A C     1 
ATOM   1302 O  O     . VAL A 1 171 ? -3.347  9.615   -4.450  1.00 27.44 ? 171  VAL A O     1 
ATOM   1303 C  CB    . VAL A 1 171 ? -1.836  7.682   -6.389  1.00 24.10 ? 171  VAL A CB    1 
ATOM   1304 C  CG1   . VAL A 1 171 ? -0.933  7.104   -5.305  1.00 22.14 ? 171  VAL A CG1   1 
ATOM   1305 C  CG2   . VAL A 1 171 ? -1.735  6.856   -7.658  1.00 17.42 ? 171  VAL A CG2   1 
ATOM   1306 N  N     . ALA A 1 172 ? -3.405  7.593   -3.479  1.00 24.78 ? 172  ALA A N     1 
ATOM   1307 C  CA    . ALA A 1 172 ? -3.463  8.158   -2.142  1.00 23.33 ? 172  ALA A CA    1 
ATOM   1308 C  C     . ALA A 1 172 ? -2.594  7.421   -1.135  1.00 24.17 ? 172  ALA A C     1 
ATOM   1309 O  O     . ALA A 1 172 ? -2.335  6.223   -1.269  1.00 23.35 ? 172  ALA A O     1 
ATOM   1310 C  CB    . ALA A 1 172 ? -4.900  8.172   -1.658  1.00 22.70 ? 172  ALA A CB    1 
ATOM   1311 N  N     . LEU A 1 173 ? -2.134  8.164   -0.135  1.00 22.34 ? 173  LEU A N     1 
ATOM   1312 C  CA    . LEU A 1 173 ? -1.330  7.615   0.949   1.00 20.83 ? 173  LEU A CA    1 
ATOM   1313 C  C     . LEU A 1 173 ? -2.207  7.835   2.167   1.00 20.71 ? 173  LEU A C     1 
ATOM   1314 O  O     . LEU A 1 173 ? -2.545  8.972   2.487   1.00 24.13 ? 173  LEU A O     1 
ATOM   1315 C  CB    . LEU A 1 173 ? -0.020  8.385   1.110   1.00 21.13 ? 173  LEU A CB    1 
ATOM   1316 C  CG    . LEU A 1 173 ? 0.865   7.913   2.267   1.00 25.63 ? 173  LEU A CG    1 
ATOM   1317 C  CD1   . LEU A 1 173 ? 1.343   6.493   1.999   1.00 26.40 ? 173  LEU A CD1   1 
ATOM   1318 C  CD2   . LEU A 1 173 ? 2.053   8.848   2.426   1.00 27.77 ? 173  LEU A CD2   1 
ATOM   1319 N  N     . VAL A 1 174 ? -2.597  6.753   2.828   1.00 21.16 ? 174  VAL A N     1 
ATOM   1320 C  CA    . VAL A 1 174 ? -3.462  6.847   3.997   1.00 19.92 ? 174  VAL A CA    1 
ATOM   1321 C  C     . VAL A 1 174 ? -2.688  6.527   5.265   1.00 23.45 ? 174  VAL A C     1 
ATOM   1322 O  O     . VAL A 1 174 ? -2.151  5.426   5.414   1.00 24.41 ? 174  VAL A O     1 
ATOM   1323 C  CB    . VAL A 1 174 ? -4.663  5.879   3.868   1.00 22.14 ? 174  VAL A CB    1 
ATOM   1324 C  CG1   . VAL A 1 174 ? -5.611  6.054   5.041   1.00 22.44 ? 174  VAL A CG1   1 
ATOM   1325 C  CG2   . VAL A 1 174 ? -5.394  6.140   2.558   1.00 17.07 ? 174  VAL A CG2   1 
ATOM   1326 N  N     . ILE A 1 175 ? -2.627  7.502   6.170   1.00 26.12 ? 175  ILE A N     1 
ATOM   1327 C  CA    . ILE A 1 175 ? -1.917  7.349   7.435   1.00 27.41 ? 175  ILE A CA    1 
ATOM   1328 C  C     . ILE A 1 175 ? -2.926  7.237   8.570   1.00 33.62 ? 175  ILE A C     1 
ATOM   1329 O  O     . ILE A 1 175 ? -3.873  8.023   8.656   1.00 33.73 ? 175  ILE A O     1 
ATOM   1330 C  CB    . ILE A 1 175 ? -0.985  8.546   7.694   1.00 27.38 ? 175  ILE A CB    1 
ATOM   1331 C  CG1   . ILE A 1 175 ? -0.078  8.766   6.478   1.00 29.82 ? 175  ILE A CG1   1 
ATOM   1332 C  CG2   . ILE A 1 175 ? -0.155  8.301   8.943   1.00 23.44 ? 175  ILE A CG2   1 
ATOM   1333 C  CD1   . ILE A 1 175 ? 0.767   7.566   6.101   1.00 25.55 ? 175  ILE A CD1   1 
ATOM   1334 N  N     . TYR A 1 176 ? -2.705  6.257   9.442   1.00 31.59 ? 176  TYR A N     1 
ATOM   1335 C  CA    . TYR A 1 176 ? -3.600  5.979   10.555  1.00 36.39 ? 176  TYR A CA    1 
ATOM   1336 C  C     . TYR A 1 176 ? -3.615  7.004   11.686  1.00 38.90 ? 176  TYR A C     1 
ATOM   1337 O  O     . TYR A 1 176 ? -4.633  7.654   11.914  1.00 43.59 ? 176  TYR A O     1 
ATOM   1338 C  CB    . TYR A 1 176 ? -3.270  4.599   11.117  1.00 38.93 ? 176  TYR A CB    1 
ATOM   1339 C  CG    . TYR A 1 176 ? -4.403  3.913   11.847  1.00 43.18 ? 176  TYR A CG    1 
ATOM   1340 C  CD1   . TYR A 1 176 ? -5.681  3.851   11.293  1.00 45.45 ? 176  TYR A CD1   1 
ATOM   1341 C  CD2   . TYR A 1 176 ? -4.173  3.246   13.053  1.00 46.28 ? 176  TYR A CD2   1 
ATOM   1342 C  CE1   . TYR A 1 176 ? -6.704  3.131   11.918  1.00 52.42 ? 176  TYR A CE1   1 
ATOM   1343 C  CE2   . TYR A 1 176 ? -5.184  2.523   13.683  1.00 49.60 ? 176  TYR A CE2   1 
ATOM   1344 C  CZ    . TYR A 1 176 ? -6.446  2.466   13.111  1.00 54.50 ? 176  TYR A CZ    1 
ATOM   1345 O  OH    . TYR A 1 176 ? -7.436  1.725   13.721  1.00 56.65 ? 176  TYR A OH    1 
ATOM   1346 N  N     . ASP A 1 177 ? -2.501  7.148   12.396  1.00 40.90 ? 177  ASP A N     1 
ATOM   1347 C  CA    . ASP A 1 177 ? -2.438  8.086   13.516  1.00 43.92 ? 177  ASP A CA    1 
ATOM   1348 C  C     . ASP A 1 177 ? -2.103  9.520   13.112  1.00 42.25 ? 177  ASP A C     1 
ATOM   1349 O  O     . ASP A 1 177 ? -1.361  9.755   12.158  1.00 41.73 ? 177  ASP A O     1 
ATOM   1350 C  CB    . ASP A 1 177 ? -1.435  7.591   14.563  1.00 47.19 ? 177  ASP A CB    1 
ATOM   1351 C  CG    . ASP A 1 177 ? -0.014  7.621   14.064  1.00 51.51 ? 177  ASP A CG    1 
ATOM   1352 O  OD1   . ASP A 1 177 ? 0.498   8.733   13.830  1.00 54.17 ? 177  ASP A OD1   1 
ATOM   1353 O  OD2   . ASP A 1 177 ? 0.588   6.537   13.903  1.00 54.49 ? 177  ASP A OD2   1 
ATOM   1354 N  N     . ARG A 1 178 ? -2.657  10.470  13.862  1.00 44.88 ? 178  ARG A N     1 
ATOM   1355 C  CA    . ARG A 1 178 ? -2.471  11.898  13.610  1.00 47.22 ? 178  ARG A CA    1 
ATOM   1356 C  C     . ARG A 1 178 ? -1.010  12.334  13.650  1.00 45.07 ? 178  ARG A C     1 
ATOM   1357 O  O     . ARG A 1 178 ? -0.552  13.098  12.798  1.00 41.40 ? 178  ARG A O     1 
ATOM   1358 C  CB    . ARG A 1 178 ? -3.268  12.707  14.634  1.00 53.53 ? 178  ARG A CB    1 
ATOM   1359 C  CG    . ARG A 1 178 ? -3.923  13.958  14.067  1.00 65.96 ? 178  ARG A CG    1 
ATOM   1360 C  CD    . ARG A 1 178 ? -4.747  14.679  15.129  1.00 77.43 ? 178  ARG A CD    1 
ATOM   1361 N  NE    . ARG A 1 178 ? -5.776  15.538  14.544  1.00 85.66 ? 178  ARG A NE    1 
ATOM   1362 C  CZ    . ARG A 1 178 ? -5.534  16.554  13.722  1.00 89.71 ? 178  ARG A CZ    1 
ATOM   1363 N  NH1   . ARG A 1 178 ? -4.287  16.853  13.376  1.00 90.64 ? 178  ARG A NH1   1 
ATOM   1364 N  NH2   . ARG A 1 178 ? -6.540  17.272  13.241  1.00 90.31 ? 178  ARG A NH2   1 
ATOM   1365 N  N     . LYS A 1 179 ? -0.287  11.850  14.650  1.00 45.24 ? 179  LYS A N     1 
ATOM   1366 C  CA    . LYS A 1 179 ? 1.120   12.188  14.815  1.00 45.35 ? 179  LYS A CA    1 
ATOM   1367 C  C     . LYS A 1 179 ? 1.907   11.889  13.536  1.00 43.42 ? 179  LYS A C     1 
ATOM   1368 O  O     . LYS A 1 179 ? 2.656   12.735  13.043  1.00 42.45 ? 179  LYS A O     1 
ATOM   1369 C  CB    . LYS A 1 179 ? 1.695   11.396  15.993  1.00 49.42 ? 179  LYS A CB    1 
ATOM   1370 C  CG    . LYS A 1 179 ? 3.036   11.889  16.501  1.00 56.51 ? 179  LYS A CG    1 
ATOM   1371 C  CD    . LYS A 1 179 ? 3.448   11.127  17.754  1.00 62.65 ? 179  LYS A CD    1 
ATOM   1372 C  CE    . LYS A 1 179 ? 4.796   11.595  18.276  1.00 66.31 ? 179  LYS A CE    1 
ATOM   1373 N  NZ    . LYS A 1 179 ? 5.212   10.820  19.476  1.00 68.12 ? 179  LYS A NZ    1 
ATOM   1374 N  N     . SER A 1 180 ? 1.723   10.686  12.999  1.00 39.16 ? 180  SER A N     1 
ATOM   1375 C  CA    . SER A 1 180 ? 2.413   10.271  11.785  1.00 34.65 ? 180  SER A CA    1 
ATOM   1376 C  C     . SER A 1 180 ? 1.913   11.046  10.577  1.00 33.72 ? 180  SER A C     1 
ATOM   1377 O  O     . SER A 1 180 ? 2.680   11.365  9.670   1.00 32.64 ? 180  SER A O     1 
ATOM   1378 C  CB    . SER A 1 180 ? 2.211   8.774   11.547  1.00 33.94 ? 180  SER A CB    1 
ATOM   1379 O  OG    . SER A 1 180 ? 2.704   8.014   12.636  1.00 32.12 ? 180  SER A OG    1 
ATOM   1380 N  N     . ALA A 1 181 ? 0.620   11.344  10.569  1.00 34.16 ? 181  ALA A N     1 
ATOM   1381 C  CA    . ALA A 1 181 ? 0.019   12.080  9.467   1.00 34.52 ? 181  ALA A CA    1 
ATOM   1382 C  C     . ALA A 1 181 ? 0.705   13.428  9.264   1.00 36.25 ? 181  ALA A C     1 
ATOM   1383 O  O     . ALA A 1 181 ? 1.053   13.793  8.140   1.00 34.70 ? 181  ALA A O     1 
ATOM   1384 C  CB    . ALA A 1 181 ? -1.463  12.281  9.727   1.00 34.33 ? 181  ALA A CB    1 
ATOM   1385 N  N     . GLU A 1 182 ? 0.900   14.161  10.356  1.00 39.10 ? 182  GLU A N     1 
ATOM   1386 C  CA    . GLU A 1 182 ? 1.543   15.471  10.297  1.00 42.28 ? 182  GLU A CA    1 
ATOM   1387 C  C     . GLU A 1 182 ? 2.958   15.369  9.742   1.00 39.59 ? 182  GLU A C     1 
ATOM   1388 O  O     . GLU A 1 182 ? 3.402   16.237  8.992   1.00 37.35 ? 182  GLU A O     1 
ATOM   1389 C  CB    . GLU A 1 182 ? 1.564   16.106  11.689  1.00 50.40 ? 182  GLU A CB    1 
ATOM   1390 C  CG    . GLU A 1 182 ? 0.175   16.431  12.223  1.00 61.84 ? 182  GLU A CG    1 
ATOM   1391 C  CD    . GLU A 1 182 ? 0.187   16.848  13.680  1.00 70.83 ? 182  GLU A CD    1 
ATOM   1392 O  OE1   . GLU A 1 182 ? -0.895  17.201  14.202  1.00 74.86 ? 182  GLU A OE1   1 
ATOM   1393 O  OE2   . GLU A 1 182 ? 1.273   16.818  14.302  1.00 72.43 ? 182  GLU A OE2   1 
ATOM   1394 N  N     . VAL A 1 183 ? 3.661   14.304  10.117  1.00 38.47 ? 183  VAL A N     1 
ATOM   1395 C  CA    . VAL A 1 183 ? 5.017   14.075  9.637   1.00 35.87 ? 183  VAL A CA    1 
ATOM   1396 C  C     . VAL A 1 183 ? 4.956   13.895  8.124   1.00 36.23 ? 183  VAL A C     1 
ATOM   1397 O  O     . VAL A 1 183 ? 5.733   14.496  7.379   1.00 37.84 ? 183  VAL A O     1 
ATOM   1398 C  CB    . VAL A 1 183 ? 5.628   12.798  10.268  1.00 35.62 ? 183  VAL A CB    1 
ATOM   1399 C  CG1   . VAL A 1 183 ? 6.990   12.514  9.670   1.00 32.61 ? 183  VAL A CG1   1 
ATOM   1400 C  CG2   . VAL A 1 183 ? 5.748   12.969  11.766  1.00 37.90 ? 183  VAL A CG2   1 
ATOM   1401 N  N     . ALA A 1 184 ? 4.015   13.065  7.682   1.00 33.97 ? 184  ALA A N     1 
ATOM   1402 C  CA    . ALA A 1 184 ? 3.834   12.783  6.266   1.00 33.85 ? 184  ALA A CA    1 
ATOM   1403 C  C     . ALA A 1 184 ? 3.467   14.051  5.513   1.00 31.48 ? 184  ALA A C     1 
ATOM   1404 O  O     . ALA A 1 184 ? 3.920   14.269  4.388   1.00 29.80 ? 184  ALA A O     1 
ATOM   1405 C  CB    . ALA A 1 184 ? 2.743   11.732  6.078   1.00 35.34 ? 184  ALA A CB    1 
ATOM   1406 N  N     . LEU A 1 185 ? 2.641   14.881  6.138   1.00 30.92 ? 185  LEU A N     1 
ATOM   1407 C  CA    . LEU A 1 185 ? 2.218   16.127  5.519   1.00 32.39 ? 185  LEU A CA    1 
ATOM   1408 C  C     . LEU A 1 185 ? 3.427   17.015  5.246   1.00 34.88 ? 185  LEU A C     1 
ATOM   1409 O  O     . LEU A 1 185 ? 3.556   17.578  4.158   1.00 33.06 ? 185  LEU A O     1 
ATOM   1410 C  CB    . LEU A 1 185 ? 1.219   16.856  6.420   1.00 26.88 ? 185  LEU A CB    1 
ATOM   1411 C  CG    . LEU A 1 185 ? 0.680   18.182  5.872   1.00 30.63 ? 185  LEU A CG    1 
ATOM   1412 C  CD1   . LEU A 1 185 ? 0.054   17.964  4.500   1.00 24.26 ? 185  LEU A CD1   1 
ATOM   1413 C  CD2   . LEU A 1 185 ? -0.343  18.757  6.845   1.00 24.62 ? 185  LEU A CD2   1 
ATOM   1414 N  N     . LYS A 1 186 ? 4.322   17.127  6.224   1.00 35.08 ? 186  LYS A N     1 
ATOM   1415 C  CA    . LYS A 1 186 ? 5.517   17.946  6.055   1.00 37.83 ? 186  LYS A CA    1 
ATOM   1416 C  C     . LYS A 1 186 ? 6.326   17.493  4.848   1.00 35.30 ? 186  LYS A C     1 
ATOM   1417 O  O     . LYS A 1 186 ? 6.821   18.320  4.077   1.00 36.33 ? 186  LYS A O     1 
ATOM   1418 C  CB    . LYS A 1 186 ? 6.397   17.894  7.306   1.00 41.20 ? 186  LYS A CB    1 
ATOM   1419 C  CG    . LYS A 1 186 ? 5.825   18.633  8.499   1.00 46.04 ? 186  LYS A CG    1 
ATOM   1420 C  CD    . LYS A 1 186 ? 6.819   18.658  9.648   1.00 55.60 ? 186  LYS A CD    1 
ATOM   1421 C  CE    . LYS A 1 186 ? 6.307   19.497  10.809  1.00 60.78 ? 186  LYS A CE    1 
ATOM   1422 N  NZ    . LYS A 1 186 ? 7.332   19.628  11.887  1.00 67.15 ? 186  LYS A NZ    1 
ATOM   1423 N  N     . VAL A 1 187 ? 6.459   16.180  4.684   1.00 33.57 ? 187  VAL A N     1 
ATOM   1424 C  CA    . VAL A 1 187 ? 7.213   15.632  3.560   1.00 31.38 ? 187  VAL A CA    1 
ATOM   1425 C  C     . VAL A 1 187 ? 6.524   15.957  2.240   1.00 31.76 ? 187  VAL A C     1 
ATOM   1426 O  O     . VAL A 1 187 ? 7.180   16.302  1.257   1.00 32.97 ? 187  VAL A O     1 
ATOM   1427 C  CB    . VAL A 1 187 ? 7.374   14.101  3.684   1.00 31.22 ? 187  VAL A CB    1 
ATOM   1428 C  CG1   . VAL A 1 187 ? 8.210   13.564  2.523   1.00 29.98 ? 187  VAL A CG1   1 
ATOM   1429 C  CG2   . VAL A 1 187 ? 8.030   13.759  5.009   1.00 23.89 ? 187  VAL A CG2   1 
ATOM   1430 N  N     . PHE A 1 188 ? 5.199   15.850  2.220   1.00 32.69 ? 188  PHE A N     1 
ATOM   1431 C  CA    . PHE A 1 188 ? 4.438   16.153  1.014   1.00 35.75 ? 188  PHE A CA    1 
ATOM   1432 C  C     . PHE A 1 188 ? 4.602   17.612  0.610   1.00 39.35 ? 188  PHE A C     1 
ATOM   1433 O  O     . PHE A 1 188 ? 4.747   17.925  -0.574  1.00 39.16 ? 188  PHE A O     1 
ATOM   1434 C  CB    . PHE A 1 188 ? 2.952   15.862  1.228   1.00 35.50 ? 188  PHE A CB    1 
ATOM   1435 C  CG    . PHE A 1 188 ? 2.526   14.510  0.751   1.00 33.03 ? 188  PHE A CG    1 
ATOM   1436 C  CD1   . PHE A 1 188 ? 1.539   14.385  -0.220  1.00 32.06 ? 188  PHE A CD1   1 
ATOM   1437 C  CD2   . PHE A 1 188 ? 3.120   13.360  1.256   1.00 35.06 ? 188  PHE A CD2   1 
ATOM   1438 C  CE1   . PHE A 1 188 ? 1.148   13.135  -0.683  1.00 31.91 ? 188  PHE A CE1   1 
ATOM   1439 C  CE2   . PHE A 1 188 ? 2.736   12.101  0.799   1.00 36.74 ? 188  PHE A CE2   1 
ATOM   1440 C  CZ    . PHE A 1 188 ? 1.749   11.990  -0.173  1.00 34.62 ? 188  PHE A CZ    1 
ATOM   1441 N  N     . GLU A 1 189 ? 4.580   18.497  1.602   1.00 40.60 ? 189  GLU A N     1 
ATOM   1442 C  CA    . GLU A 1 189 ? 4.707   19.928  1.354   1.00 47.20 ? 189  GLU A CA    1 
ATOM   1443 C  C     . GLU A 1 189 ? 6.074   20.323  0.808   1.00 49.48 ? 189  GLU A C     1 
ATOM   1444 O  O     . GLU A 1 189 ? 6.163   21.044  -0.187  1.00 51.24 ? 189  GLU A O     1 
ATOM   1445 C  CB    . GLU A 1 189 ? 4.406   20.716  2.635   1.00 46.00 ? 189  GLU A CB    1 
ATOM   1446 C  CG    . GLU A 1 189 ? 3.013   20.457  3.191   1.00 49.06 ? 189  GLU A CG    1 
ATOM   1447 C  CD    . GLU A 1 189 ? 2.705   21.249  4.449   1.00 52.49 ? 189  GLU A CD    1 
ATOM   1448 O  OE1   . GLU A 1 189 ? 3.556   21.281  5.366   1.00 49.20 ? 189  GLU A OE1   1 
ATOM   1449 O  OE2   . GLU A 1 189 ? 1.598   21.827  4.524   1.00 53.59 ? 189  GLU A OE2   1 
ATOM   1450 N  N     . ARG A 1 190 ? 7.139   19.844  1.439   1.00 53.12 ? 190  ARG A N     1 
ATOM   1451 C  CA    . ARG A 1 190 ? 8.481   20.188  0.992   1.00 56.48 ? 190  ARG A CA    1 
ATOM   1452 C  C     . ARG A 1 190 ? 8.931   19.442  -0.259  1.00 58.73 ? 190  ARG A C     1 
ATOM   1453 O  O     . ARG A 1 190 ? 9.947   19.790  -0.863  1.00 58.37 ? 190  ARG A O     1 
ATOM   1454 C  CB    . ARG A 1 190 ? 9.490   19.971  2.125   1.00 61.59 ? 190  ARG A CB    1 
ATOM   1455 C  CG    . ARG A 1 190 ? 9.594   18.544  2.651   1.00 66.61 ? 190  ARG A CG    1 
ATOM   1456 C  CD    . ARG A 1 190 ? 10.563  18.491  3.831   1.00 68.73 ? 190  ARG A CD    1 
ATOM   1457 N  NE    . ARG A 1 190 ? 10.730  17.146  4.378   1.00 69.50 ? 190  ARG A NE    1 
ATOM   1458 C  CZ    . ARG A 1 190 ? 11.277  16.129  3.720   1.00 68.84 ? 190  ARG A CZ    1 
ATOM   1459 N  NH1   . ARG A 1 190 ? 11.385  14.943  4.304   1.00 64.54 ? 190  ARG A NH1   1 
ATOM   1460 N  NH2   . ARG A 1 190 ? 11.716  16.295  2.478   1.00 66.23 ? 190  ARG A NH2   1 
ATOM   1461 N  N     . SER A 1 191 ? 8.175   18.424  -0.658  1.00 61.13 ? 191  SER A N     1 
ATOM   1462 C  CA    . SER A 1 191 ? 8.529   17.652  -1.843  1.00 63.95 ? 191  SER A CA    1 
ATOM   1463 C  C     . SER A 1 191 ? 7.800   18.177  -3.062  1.00 65.47 ? 191  SER A C     1 
ATOM   1464 O  O     . SER A 1 191 ? 8.212   17.939  -4.194  1.00 67.87 ? 191  SER A O     1 
ATOM   1465 C  CB    . SER A 1 191 ? 8.189   16.176  -1.644  1.00 64.65 ? 191  SER A CB    1 
ATOM   1466 O  OG    . SER A 1 191 ? 8.952   15.623  -0.586  1.00 66.69 ? 191  SER A OG    1 
ATOM   1467 N  N     . LEU A 1 192 ? 6.713   18.898  -2.826  1.00 67.93 ? 192  LEU A N     1 
ATOM   1468 C  CA    . LEU A 1 192 ? 5.925   19.450  -3.914  1.00 70.14 ? 192  LEU A CA    1 
ATOM   1469 C  C     . LEU A 1 192 ? 5.889   20.971  -3.823  1.00 70.92 ? 192  LEU A C     1 
ATOM   1470 O  O     . LEU A 1 192 ? 6.547   21.520  -2.915  1.00 71.44 ? 192  LEU A O     1 
ATOM   1471 C  CB    . LEU A 1 192 ? 4.505   18.872  -3.866  1.00 70.15 ? 192  LEU A CB    1 
ATOM   1472 C  CG    . LEU A 1 192 ? 4.415   17.343  -3.972  1.00 69.07 ? 192  LEU A CG    1 
ATOM   1473 C  CD1   . LEU A 1 192 ? 3.021   16.868  -3.615  1.00 68.65 ? 192  LEU A CD1   1 
ATOM   1474 C  CD2   . LEU A 1 192 ? 4.781   16.909  -5.381  1.00 68.92 ? 192  LEU A CD2   1 
ATOM   1475 O  OXT   . LEU A 1 192 ? 5.210   21.594  -4.664  1.00 72.36 ? 192  LEU A OXT   1 
HETATM 1476 P  PB    . ADP B 2 .   ? 4.704   -3.137  8.216   1.00 54.14 ? 1193 ADP A PB    1 
HETATM 1477 O  O1B   . ADP B 2 .   ? 4.833   -2.861  6.764   1.00 44.45 ? 1193 ADP A O1B   1 
HETATM 1478 O  O2B   . ADP B 2 .   ? 5.100   -4.535  8.605   1.00 56.14 ? 1193 ADP A O2B   1 
HETATM 1479 O  O3B   . ADP B 2 .   ? 5.433   -2.033  9.084   1.00 45.10 ? 1193 ADP A O3B   1 
HETATM 1480 P  PA    . ADP B 2 .   ? 2.351   -2.475  9.745   1.00 46.57 ? 1193 ADP A PA    1 
HETATM 1481 O  O1A   . ADP B 2 .   ? 0.869   -2.605  9.477   1.00 44.61 ? 1193 ADP A O1A   1 
HETATM 1482 O  O2A   . ADP B 2 .   ? 2.829   -3.118  11.025  1.00 47.15 ? 1193 ADP A O2A   1 
HETATM 1483 O  O3A   . ADP B 2 .   ? 3.134   -3.048  8.509   1.00 50.99 ? 1193 ADP A O3A   1 
HETATM 1484 O  "O5'" . ADP B 2 .   ? 2.612   -0.907  9.648   1.00 48.66 ? 1193 ADP A "O5'" 1 
HETATM 1485 C  "C5'" . ADP B 2 .   ? 2.301   -0.145  8.437   1.00 41.94 ? 1193 ADP A "C5'" 1 
HETATM 1486 C  "C4'" . ADP B 2 .   ? 1.695   1.238   8.715   1.00 44.63 ? 1193 ADP A "C4'" 1 
HETATM 1487 O  "O4'" . ADP B 2 .   ? 0.249   1.160   8.562   1.00 42.81 ? 1193 ADP A "O4'" 1 
HETATM 1488 C  "C3'" . ADP B 2 .   ? 1.912   1.816   10.145  1.00 46.51 ? 1193 ADP A "C3'" 1 
HETATM 1489 O  "O3'" . ADP B 2 .   ? 2.431   3.160   10.016  1.00 42.36 ? 1193 ADP A "O3'" 1 
HETATM 1490 C  "C2'" . ADP B 2 .   ? 0.516   1.690   10.780  1.00 47.71 ? 1193 ADP A "C2'" 1 
HETATM 1491 O  "O2'" . ADP B 2 .   ? 0.249   2.682   11.784  1.00 53.36 ? 1193 ADP A "O2'" 1 
HETATM 1492 C  "C1'" . ADP B 2 .   ? -0.416  1.872   9.585   1.00 46.33 ? 1193 ADP A "C1'" 1 
HETATM 1493 N  N9    . ADP B 2 .   ? -1.799  1.279   9.794   1.00 44.37 ? 1193 ADP A N9    1 
HETATM 1494 C  C8    . ADP B 2 .   ? -2.198  0.360   10.722  1.00 42.71 ? 1193 ADP A C8    1 
HETATM 1495 N  N7    . ADP B 2 .   ? -3.508  0.049   10.635  1.00 40.86 ? 1193 ADP A N7    1 
HETATM 1496 C  C5    . ADP B 2 .   ? -3.952  0.810   9.598   1.00 45.38 ? 1193 ADP A C5    1 
HETATM 1497 C  C6    . ADP B 2 .   ? -5.276  0.941   8.993   1.00 45.14 ? 1193 ADP A C6    1 
HETATM 1498 N  N6    . ADP B 2 .   ? -6.344  0.316   9.355   1.00 39.51 ? 1193 ADP A N6    1 
HETATM 1499 N  N1    . ADP B 2 .   ? -5.327  1.840   7.932   1.00 44.04 ? 1193 ADP A N1    1 
HETATM 1500 C  C2    . ADP B 2 .   ? -4.221  2.557   7.477   1.00 45.64 ? 1193 ADP A C2    1 
HETATM 1501 N  N3    . ADP B 2 .   ? -3.000  2.449   8.020   1.00 45.93 ? 1193 ADP A N3    1 
HETATM 1502 C  C4    . ADP B 2 .   ? -2.911  1.579   9.062   1.00 45.25 ? 1193 ADP A C4    1 
HETATM 1503 MG MG    . MG  C 3 .   ? 13.904  -8.170  4.009   1.00 29.50 ? 1194 MG  A MG    1 
HETATM 1504 O  O     . HOH D 4 .   ? -6.774  19.167  2.751   1.00 34.93 ? 2001 HOH A O     1 
HETATM 1505 O  O     . HOH D 4 .   ? -3.906  19.820  5.559   1.00 32.37 ? 2002 HOH A O     1 
HETATM 1506 O  O     . HOH D 4 .   ? -8.486  17.917  -1.254  1.00 31.00 ? 2003 HOH A O     1 
HETATM 1507 O  O     . HOH D 4 .   ? -6.534  10.792  -5.085  1.00 40.28 ? 2004 HOH A O     1 
HETATM 1508 O  O     . HOH D 4 .   ? -10.056 -1.104  10.623  1.00 29.35 ? 2005 HOH A O     1 
HETATM 1509 O  O     . HOH D 4 .   ? -16.255 3.557   3.505   1.00 39.70 ? 2006 HOH A O     1 
HETATM 1510 O  O     . HOH D 4 .   ? -11.338 1.893   -12.447 1.00 44.93 ? 2007 HOH A O     1 
HETATM 1511 O  O     . HOH D 4 .   ? 0.785   -10.115 5.850   1.00 36.48 ? 2008 HOH A O     1 
HETATM 1512 O  O     . HOH D 4 .   ? -0.132  -9.968  15.781  1.00 46.54 ? 2009 HOH A O     1 
HETATM 1513 O  O     . HOH D 4 .   ? -5.429  -3.731  13.589  1.00 45.17 ? 2010 HOH A O     1 
HETATM 1514 O  O     . HOH D 4 .   ? -10.598 -4.003  10.254  1.00 37.34 ? 2011 HOH A O     1 
HETATM 1515 O  O     . HOH D 4 .   ? -9.569  -16.391 13.997  1.00 34.79 ? 2012 HOH A O     1 
HETATM 1516 O  O     . HOH D 4 .   ? 0.450   -26.258 -4.100  1.00 44.38 ? 2013 HOH A O     1 
HETATM 1517 O  O     . HOH D 4 .   ? -0.444  -11.082 -9.529  1.00 39.62 ? 2014 HOH A O     1 
HETATM 1518 O  O     . HOH D 4 .   ? -6.209  -15.636 -7.318  1.00 38.39 ? 2015 HOH A O     1 
HETATM 1519 O  O     . HOH D 4 .   ? 12.511  -10.042 -1.876  1.00 26.73 ? 2016 HOH A O     1 
HETATM 1520 O  O     . HOH D 4 .   ? 3.598   -8.500  -9.439  1.00 33.81 ? 2017 HOH A O     1 
HETATM 1521 O  O     . HOH D 4 .   ? -16.636 -7.510  7.488   1.00 47.48 ? 2018 HOH A O     1 
HETATM 1522 O  O     . HOH D 4 .   ? -13.282 -8.356  -6.306  1.00 25.91 ? 2019 HOH A O     1 
HETATM 1523 O  O     . HOH D 4 .   ? -13.541 -0.860  7.958   1.00 31.14 ? 2020 HOH A O     1 
HETATM 1524 O  O     . HOH D 4 .   ? 6.087   -6.444  -3.032  1.00 20.80 ? 2021 HOH A O     1 
HETATM 1525 O  O     . HOH D 4 .   ? 5.267   -4.730  4.020   1.00 23.95 ? 2022 HOH A O     1 
HETATM 1526 O  O     . HOH D 4 .   ? 21.042  -2.683  4.756   1.00 27.40 ? 2023 HOH A O     1 
HETATM 1527 O  O     . HOH D 4 .   ? 23.053  -1.145  0.322   1.00 36.32 ? 2024 HOH A O     1 
HETATM 1528 O  O     . HOH D 4 .   ? 11.453  2.867   -11.596 1.00 39.62 ? 2025 HOH A O     1 
HETATM 1529 O  O     . HOH D 4 .   ? 15.475  2.813   -8.820  1.00 38.85 ? 2026 HOH A O     1 
HETATM 1530 O  O     . HOH D 4 .   ? 3.141   -5.519  -10.199 1.00 29.29 ? 2027 HOH A O     1 
HETATM 1531 O  O     . HOH D 4 .   ? -0.441  3.694   6.781   1.00 25.95 ? 2028 HOH A O     1 
HETATM 1532 O  O     . HOH D 4 .   ? 8.635   2.587   13.206  1.00 48.63 ? 2029 HOH A O     1 
HETATM 1533 O  O     . HOH D 4 .   ? 8.488   -10.023 5.018   1.00 31.71 ? 2030 HOH A O     1 
HETATM 1534 O  O     . HOH D 4 .   ? 7.519   -10.893 9.197   1.00 25.62 ? 2031 HOH A O     1 
HETATM 1535 O  O     . HOH D 4 .   ? 8.828   6.954   12.210  1.00 39.05 ? 2032 HOH A O     1 
HETATM 1536 O  O     . HOH D 4 .   ? 10.156  9.877   10.273  1.00 38.91 ? 2033 HOH A O     1 
HETATM 1537 O  O     . HOH D 4 .   ? 13.898  7.868   -0.484  1.00 38.79 ? 2034 HOH A O     1 
HETATM 1538 O  O     . HOH D 4 .   ? 6.266   2.724   -14.467 1.00 41.85 ? 2035 HOH A O     1 
HETATM 1539 O  O     . HOH D 4 .   ? 3.716   15.076  14.062  1.00 46.68 ? 2036 HOH A O     1 
HETATM 1540 O  O     . HOH D 4 .   ? 1.761   21.639  7.517   1.00 49.06 ? 2037 HOH A O     1 
HETATM 1541 O  O     . HOH D 4 .   ? 8.007   23.678  -2.233  1.00 44.18 ? 2038 HOH A O     1 
HETATM 1542 O  O     . HOH D 4 .   ? 3.803   -7.229  8.760   1.00 39.60 ? 2039 HOH A O     1 
HETATM 1543 O  O     . HOH D 4 .   ? 1.277   -1.423  13.304  1.00 36.80 ? 2040 HOH A O     1 
# 
